data_7JS0
# 
_entry.id   7JS0 
# 
_audit_conform.dict_name       mmcif_pdbx.dic 
_audit_conform.dict_version    5.380 
_audit_conform.dict_location   http://mmcif.pdb.org/dictionaries/ascii/mmcif_pdbx.dic 
# 
loop_
_database_2.database_id 
_database_2.database_code 
_database_2.pdbx_database_accession 
_database_2.pdbx_DOI 
PDB   7JS0         pdb_00007js0 10.2210/pdb7js0/pdb 
WWPDB D_1000250919 ?            ?                   
# 
_pdbx_database_status.status_code                     REL 
_pdbx_database_status.status_code_sf                  REL 
_pdbx_database_status.status_code_mr                  ? 
_pdbx_database_status.entry_id                        7JS0 
_pdbx_database_status.recvd_initial_deposition_date   2020-08-13 
_pdbx_database_status.SG_entry                        N 
_pdbx_database_status.deposit_site                    RCSB 
_pdbx_database_status.process_site                    RCSB 
_pdbx_database_status.status_code_cs                  ? 
_pdbx_database_status.status_code_nmr_data            ? 
_pdbx_database_status.methods_development_category    ? 
_pdbx_database_status.pdb_format_compatible           Y 
# 
loop_
_audit_author.name 
_audit_author.pdbx_ordinal 
_audit_author.identifier_ORCID 
'Simmons, C.R.'      1 0000-0002-2290-6132 
'MacCulloch, T.'     2 0000-0001-5875-3361 
'Stephanopoulos, N.' 3 0000-0001-7859-410X 
'Yan, H.'            4 0000-0001-7397-9852 
# 
_citation.abstract                  ? 
_citation.abstract_id_CAS           ? 
_citation.book_id_ISBN              ? 
_citation.book_publisher            ? 
_citation.book_publisher_city       ? 
_citation.book_title                ? 
_citation.coordinate_linkage        ? 
_citation.country                   UK 
_citation.database_id_Medline       ? 
_citation.details                   ? 
_citation.id                        primary 
_citation.journal_abbrev            'Nat Commun' 
_citation.journal_id_ASTM           ? 
_citation.journal_id_CSD            ? 
_citation.journal_id_ISSN           2041-1723 
_citation.journal_full              ? 
_citation.journal_issue             ? 
_citation.journal_volume            13 
_citation.language                  ? 
_citation.page_first                3112 
_citation.page_last                 3112 
_citation.title                     'The influence of Holliday junction sequence and dynamics on DNA crystal self-assembly.' 
_citation.year                      2022 
_citation.database_id_CSD           ? 
_citation.pdbx_database_id_DOI      10.1038/s41467-022-30779-6 
_citation.pdbx_database_id_PubMed   35662248 
_citation.unpublished_flag          ? 
# 
loop_
_citation_author.citation_id 
_citation_author.name 
_citation_author.ordinal 
_citation_author.identifier_ORCID 
primary 'Simmons, C.R.'      1  ?                   
primary 'MacCulloch, T.'     2  ?                   
primary 'Krepl, M.'          3  0000-0002-9833-4281 
primary 'Matthies, M.'       4  ?                   
primary 'Buchberger, A.'     5  ?                   
primary 'Crawford, I.'       6  ?                   
primary 'Sponer, J.'         7  0000-0001-6558-6186 
primary 'Sulc, P.'           8  0000-0003-1565-6769 
primary 'Stephanopoulos, N.' 9  0000-0001-7859-410X 
primary 'Yan, H.'            10 0000-0001-7397-9852 
# 
_cell.angle_alpha                  90.000 
_cell.angle_alpha_esd              ? 
_cell.angle_beta                   90.000 
_cell.angle_beta_esd               ? 
_cell.angle_gamma                  120.000 
_cell.angle_gamma_esd              ? 
_cell.entry_id                     7JS0 
_cell.details                      ? 
_cell.formula_units_Z              ? 
_cell.length_a                     116.078 
_cell.length_a_esd                 ? 
_cell.length_b                     116.078 
_cell.length_b_esd                 ? 
_cell.length_c                     49.430 
_cell.length_c_esd                 ? 
_cell.volume                       ? 
_cell.volume_esd                   ? 
_cell.Z_PDB                        9 
_cell.reciprocal_angle_alpha       ? 
_cell.reciprocal_angle_beta        ? 
_cell.reciprocal_angle_gamma       ? 
_cell.reciprocal_angle_alpha_esd   ? 
_cell.reciprocal_angle_beta_esd    ? 
_cell.reciprocal_angle_gamma_esd   ? 
_cell.reciprocal_length_a          ? 
_cell.reciprocal_length_b          ? 
_cell.reciprocal_length_c          ? 
_cell.reciprocal_length_a_esd      ? 
_cell.reciprocal_length_b_esd      ? 
_cell.reciprocal_length_c_esd      ? 
_cell.pdbx_unique_axis             ? 
# 
_symmetry.entry_id                         7JS0 
_symmetry.cell_setting                     ? 
_symmetry.Int_Tables_number                146 
_symmetry.space_group_name_Hall            ? 
_symmetry.space_group_name_H-M             'H 3' 
_symmetry.pdbx_full_space_group_name_H-M   ? 
# 
loop_
_entity.id 
_entity.type 
_entity.src_method 
_entity.pdbx_description 
_entity.formula_weight 
_entity.pdbx_number_of_molecules 
_entity.pdbx_ec 
_entity.pdbx_mutation 
_entity.pdbx_fragment 
_entity.details 
1 polymer     syn 
;DNA (5'-D(*GP*AP*GP*CP*AP*GP*AP*CP*CP*AP*GP*AP*CP*GP*GP*CP*AP*CP*TP*CP*A)-3')
;
6451.190 1 ? ? ? ? 
2 polymer     syn 
;DNA (5'-D(*TP*CP*TP*GP*AP*GP*TP*G)-3')
;
2457.627 1 ? ? ? ? 
3 polymer     syn 
;DNA (5'-D(P*GP*GP*TP*CP*TP*GP*C)-3')
;
2129.409 1 ? ? ? ? 
4 polymer     syn 
;DNA (5'-D(P*CP*CP*GP*TP*CP*T)-3')
;
1760.179 1 ? ? ? ? 
5 non-polymer syn 'CACODYLATE ION'                                                                136.989  2 ? ? ? ? 
# 
loop_
_entity_poly.entity_id 
_entity_poly.type 
_entity_poly.nstd_linkage 
_entity_poly.nstd_monomer 
_entity_poly.pdbx_seq_one_letter_code 
_entity_poly.pdbx_seq_one_letter_code_can 
_entity_poly.pdbx_strand_id 
_entity_poly.pdbx_target_identifier 
1 polydeoxyribonucleotide no no 
;(DG)(DA)(DG)(DC)(DA)(DG)(DA)(DC)(DC)(DA)(DG)(DA)(DC)(DG)(DG)(DC)(DA)(DC)(DT)(DC)
(DA)
;
GAGCAGACCAGACGGCACTCA B ? 
2 polydeoxyribonucleotide no no '(DT)(DC)(DT)(DG)(DA)(DG)(DT)(DG)'                                                      TCTGAGTG C 
? 
3 polydeoxyribonucleotide no no '(DG)(DG)(DT)(DC)(DT)(DG)(DC)'                                                          GGTCTGC D 
? 
4 polydeoxyribonucleotide no no '(DC)(DC)(DG)(DT)(DC)(DT)'                                                              CCGTCT A ? 
# 
loop_
_entity_poly_seq.entity_id 
_entity_poly_seq.num 
_entity_poly_seq.mon_id 
_entity_poly_seq.hetero 
1 1  DG n 
1 2  DA n 
1 3  DG n 
1 4  DC n 
1 5  DA n 
1 6  DG n 
1 7  DA n 
1 8  DC n 
1 9  DC n 
1 10 DA n 
1 11 DG n 
1 12 DA n 
1 13 DC n 
1 14 DG n 
1 15 DG n 
1 16 DC n 
1 17 DA n 
1 18 DC n 
1 19 DT n 
1 20 DC n 
1 21 DA n 
2 1  DT n 
2 2  DC n 
2 3  DT n 
2 4  DG n 
2 5  DA n 
2 6  DG n 
2 7  DT n 
2 8  DG n 
3 1  DG n 
3 2  DG n 
3 3  DT n 
3 4  DC n 
3 5  DT n 
3 6  DG n 
3 7  DC n 
4 1  DC n 
4 2  DC n 
4 3  DG n 
4 4  DT n 
4 5  DC n 
4 6  DT n 
# 
loop_
_pdbx_entity_src_syn.entity_id 
_pdbx_entity_src_syn.pdbx_src_id 
_pdbx_entity_src_syn.pdbx_alt_source_flag 
_pdbx_entity_src_syn.pdbx_beg_seq_num 
_pdbx_entity_src_syn.pdbx_end_seq_num 
_pdbx_entity_src_syn.organism_scientific 
_pdbx_entity_src_syn.organism_common_name 
_pdbx_entity_src_syn.ncbi_taxonomy_id 
_pdbx_entity_src_syn.details 
1 1 sample 1 21 'synthetic construct' ? 32630 ? 
2 1 sample 1 8  'synthetic construct' ? 32630 ? 
3 1 sample 1 7  'synthetic construct' ? 32630 ? 
4 1 sample 1 6  'synthetic construct' ? 32630 ? 
# 
loop_
_struct_ref.id 
_struct_ref.db_name 
_struct_ref.db_code 
_struct_ref.pdbx_db_accession 
_struct_ref.pdbx_db_isoform 
_struct_ref.entity_id 
_struct_ref.pdbx_seq_one_letter_code 
_struct_ref.pdbx_align_begin 
1 PDB 7JS0 7JS0 ? 1 ? 1 
2 PDB 7JS0 7JS0 ? 2 ? 1 
3 PDB 7JS0 7JS0 ? 3 ? 1 
4 PDB 7JS0 7JS0 ? 4 ? 1 
# 
loop_
_struct_ref_seq.align_id 
_struct_ref_seq.ref_id 
_struct_ref_seq.pdbx_PDB_id_code 
_struct_ref_seq.pdbx_strand_id 
_struct_ref_seq.seq_align_beg 
_struct_ref_seq.pdbx_seq_align_beg_ins_code 
_struct_ref_seq.seq_align_end 
_struct_ref_seq.pdbx_seq_align_end_ins_code 
_struct_ref_seq.pdbx_db_accession 
_struct_ref_seq.db_align_beg 
_struct_ref_seq.pdbx_db_align_beg_ins_code 
_struct_ref_seq.db_align_end 
_struct_ref_seq.pdbx_db_align_end_ins_code 
_struct_ref_seq.pdbx_auth_seq_align_beg 
_struct_ref_seq.pdbx_auth_seq_align_end 
1 1 7JS0 B 1 ? 21 ? 7JS0 7  ? 27 ? 7  27 
2 2 7JS0 C 1 ? 8  ? 7JS0 28 ? 35 ? 28 35 
3 3 7JS0 D 1 ? 7  ? 7JS0 36 ? 42 ? 36 42 
4 4 7JS0 A 1 ? 6  ? 7JS0 1  ? 6  ? 1  6  
# 
loop_
_chem_comp.id 
_chem_comp.type 
_chem_comp.mon_nstd_flag 
_chem_comp.name 
_chem_comp.pdbx_synonyms 
_chem_comp.formula 
_chem_comp.formula_weight 
CAC non-polymer   . 'CACODYLATE ION'                     dimethylarsinate 'C2 H6 As O2 -1'  136.989 
DA  'DNA linking' y "2'-DEOXYADENOSINE-5'-MONOPHOSPHATE" ?                'C10 H14 N5 O6 P' 331.222 
DC  'DNA linking' y "2'-DEOXYCYTIDINE-5'-MONOPHOSPHATE"  ?                'C9 H14 N3 O7 P'  307.197 
DG  'DNA linking' y "2'-DEOXYGUANOSINE-5'-MONOPHOSPHATE" ?                'C10 H14 N5 O7 P' 347.221 
DT  'DNA linking' y "THYMIDINE-5'-MONOPHOSPHATE"         ?                'C10 H15 N2 O8 P' 322.208 
# 
_exptl.absorpt_coefficient_mu     ? 
_exptl.absorpt_correction_T_max   ? 
_exptl.absorpt_correction_T_min   ? 
_exptl.absorpt_correction_type    ? 
_exptl.absorpt_process_details    ? 
_exptl.entry_id                   7JS0 
_exptl.crystals_number            1 
_exptl.details                    ? 
_exptl.method                     'X-RAY DIFFRACTION' 
_exptl.method_details             ? 
# 
_exptl_crystal.colour                      ? 
_exptl_crystal.density_diffrn              ? 
_exptl_crystal.density_Matthews            5.01 
_exptl_crystal.density_method              ? 
_exptl_crystal.density_percent_sol         75.44 
_exptl_crystal.description                 ? 
_exptl_crystal.F_000                       ? 
_exptl_crystal.id                          1 
_exptl_crystal.preparation                 ? 
_exptl_crystal.size_max                    ? 
_exptl_crystal.size_mid                    ? 
_exptl_crystal.size_min                    ? 
_exptl_crystal.size_rad                    ? 
_exptl_crystal.colour_lustre               ? 
_exptl_crystal.colour_modifier             ? 
_exptl_crystal.colour_primary              ? 
_exptl_crystal.density_meas                ? 
_exptl_crystal.density_meas_esd            ? 
_exptl_crystal.density_meas_gt             ? 
_exptl_crystal.density_meas_lt             ? 
_exptl_crystal.density_meas_temp           ? 
_exptl_crystal.density_meas_temp_esd       ? 
_exptl_crystal.density_meas_temp_gt        ? 
_exptl_crystal.density_meas_temp_lt        ? 
_exptl_crystal.pdbx_crystal_image_url      ? 
_exptl_crystal.pdbx_crystal_image_format   ? 
_exptl_crystal.pdbx_mosaicity              ? 
_exptl_crystal.pdbx_mosaicity_esd          ? 
# 
_exptl_crystal_grow.apparatus       ? 
_exptl_crystal_grow.atmosphere      ? 
_exptl_crystal_grow.crystal_id      1 
_exptl_crystal_grow.details         ? 
_exptl_crystal_grow.method          'VAPOR DIFFUSION, SITTING DROP' 
_exptl_crystal_grow.method_ref      ? 
_exptl_crystal_grow.pH              ? 
_exptl_crystal_grow.pressure        ? 
_exptl_crystal_grow.pressure_esd    ? 
_exptl_crystal_grow.seeding         ? 
_exptl_crystal_grow.seeding_ref     ? 
_exptl_crystal_grow.temp            298 
_exptl_crystal_grow.temp_details    'temperature gradient generated from 60 to 25 C at 0.3 degrees per hour' 
_exptl_crystal_grow.temp_esd        ? 
_exptl_crystal_grow.time            ? 
_exptl_crystal_grow.pdbx_details    
;0.5 mL of 0.05 M Cacodylate pH 6.5 with 2.5 mM spermine, 18 mM CaCl2, and 9% 2-propanol was added to the reservoir with 2 uL added to the drop containing 4 uL of DNA stock
;
_exptl_crystal_grow.pdbx_pH_range   ? 
# 
_diffrn.ambient_environment              ? 
_diffrn.ambient_temp                     100 
_diffrn.ambient_temp_details             ? 
_diffrn.ambient_temp_esd                 ? 
_diffrn.crystal_id                       1 
_diffrn.crystal_support                  ? 
_diffrn.crystal_treatment                ? 
_diffrn.details                          ? 
_diffrn.id                               1 
_diffrn.ambient_pressure                 ? 
_diffrn.ambient_pressure_esd             ? 
_diffrn.ambient_pressure_gt              ? 
_diffrn.ambient_pressure_lt              ? 
_diffrn.ambient_temp_gt                  ? 
_diffrn.ambient_temp_lt                  ? 
_diffrn.pdbx_serial_crystal_experiment   N 
# 
_diffrn_detector.details                      ? 
_diffrn_detector.detector                     PIXEL 
_diffrn_detector.diffrn_id                    1 
_diffrn_detector.type                         'DECTRIS PILATUS3 6M' 
_diffrn_detector.area_resol_mean              ? 
_diffrn_detector.dtime                        ? 
_diffrn_detector.pdbx_frames_total            ? 
_diffrn_detector.pdbx_collection_time_total   ? 
_diffrn_detector.pdbx_collection_date         2018-10-15 
_diffrn_detector.pdbx_frequency               ? 
# 
_diffrn_radiation.collimation                      ? 
_diffrn_radiation.diffrn_id                        1 
_diffrn_radiation.filter_edge                      ? 
_diffrn_radiation.inhomogeneity                    ? 
_diffrn_radiation.monochromator                    ? 
_diffrn_radiation.polarisn_norm                    ? 
_diffrn_radiation.polarisn_ratio                   ? 
_diffrn_radiation.probe                            ? 
_diffrn_radiation.type                             ? 
_diffrn_radiation.xray_symbol                      ? 
_diffrn_radiation.wavelength_id                    1 
_diffrn_radiation.pdbx_monochromatic_or_laue_m_l   M 
_diffrn_radiation.pdbx_wavelength_list             ? 
_diffrn_radiation.pdbx_wavelength                  ? 
_diffrn_radiation.pdbx_diffrn_protocol             'SINGLE WAVELENGTH' 
_diffrn_radiation.pdbx_analyzer                    ? 
_diffrn_radiation.pdbx_scattering_type             x-ray 
# 
_diffrn_radiation_wavelength.id           1 
_diffrn_radiation_wavelength.wavelength   1 
_diffrn_radiation_wavelength.wt           1.0 
# 
_diffrn_source.current                     ? 
_diffrn_source.details                     ? 
_diffrn_source.diffrn_id                   1 
_diffrn_source.power                       ? 
_diffrn_source.size                        ? 
_diffrn_source.source                      SYNCHROTRON 
_diffrn_source.target                      ? 
_diffrn_source.type                        'ALS BEAMLINE 5.0.2' 
_diffrn_source.voltage                     ? 
_diffrn_source.take-off_angle              ? 
_diffrn_source.pdbx_wavelength_list        1 
_diffrn_source.pdbx_wavelength             ? 
_diffrn_source.pdbx_synchrotron_beamline   5.0.2 
_diffrn_source.pdbx_synchrotron_site       ALS 
# 
_reflns.B_iso_Wilson_estimate            106.630 
_reflns.entry_id                         7JS0 
_reflns.data_reduction_details           ? 
_reflns.data_reduction_method            ? 
_reflns.d_resolution_high                3.150 
_reflns.d_resolution_low                 50.000 
_reflns.details                          ? 
_reflns.limit_h_max                      ? 
_reflns.limit_h_min                      ? 
_reflns.limit_k_max                      ? 
_reflns.limit_k_min                      ? 
_reflns.limit_l_max                      ? 
_reflns.limit_l_min                      ? 
_reflns.number_all                       ? 
_reflns.number_obs                       3347 
_reflns.observed_criterion               ? 
_reflns.observed_criterion_F_max         ? 
_reflns.observed_criterion_F_min         ? 
_reflns.observed_criterion_I_max         ? 
_reflns.observed_criterion_I_min         ? 
_reflns.observed_criterion_sigma_F       ? 
_reflns.observed_criterion_sigma_I       ? 
_reflns.percent_possible_obs             81.100 
_reflns.R_free_details                   ? 
_reflns.Rmerge_F_all                     ? 
_reflns.Rmerge_F_obs                     ? 
_reflns.Friedel_coverage                 ? 
_reflns.number_gt                        ? 
_reflns.threshold_expression             ? 
_reflns.pdbx_redundancy                  8.400 
_reflns.pdbx_Rmerge_I_obs                0.116 
_reflns.pdbx_Rmerge_I_all                ? 
_reflns.pdbx_Rsym_value                  ? 
_reflns.pdbx_netI_over_av_sigmaI         ? 
_reflns.pdbx_netI_over_sigmaI            5.600 
_reflns.pdbx_res_netI_over_av_sigmaI_2   ? 
_reflns.pdbx_res_netI_over_sigmaI_2      ? 
_reflns.pdbx_chi_squared                 1.974 
_reflns.pdbx_scaling_rejects             ? 
_reflns.pdbx_d_res_high_opt              ? 
_reflns.pdbx_d_res_low_opt               ? 
_reflns.pdbx_d_res_opt_method            ? 
_reflns.phase_calculation_details        ? 
_reflns.pdbx_Rrim_I_all                  0.123 
_reflns.pdbx_Rpim_I_all                  0.040 
_reflns.pdbx_d_opt                       ? 
_reflns.pdbx_number_measured_all         ? 
_reflns.pdbx_diffrn_id                   1 
_reflns.pdbx_ordinal                     1 
_reflns.pdbx_CC_half                     0.948 
_reflns.pdbx_CC_star                     ? 
_reflns.pdbx_R_split                     ? 
# 
loop_
_reflns_shell.d_res_high 
_reflns_shell.d_res_low 
_reflns_shell.meanI_over_sigI_all 
_reflns_shell.meanI_over_sigI_obs 
_reflns_shell.number_measured_all 
_reflns_shell.number_measured_obs 
_reflns_shell.number_possible 
_reflns_shell.number_unique_all 
_reflns_shell.number_unique_obs 
_reflns_shell.percent_possible_all 
_reflns_shell.percent_possible_obs 
_reflns_shell.Rmerge_F_all 
_reflns_shell.Rmerge_F_obs 
_reflns_shell.Rmerge_I_all 
_reflns_shell.Rmerge_I_obs 
_reflns_shell.meanI_over_sigI_gt 
_reflns_shell.meanI_over_uI_all 
_reflns_shell.meanI_over_uI_gt 
_reflns_shell.number_measured_gt 
_reflns_shell.number_unique_gt 
_reflns_shell.percent_possible_gt 
_reflns_shell.Rmerge_F_gt 
_reflns_shell.Rmerge_I_gt 
_reflns_shell.pdbx_redundancy 
_reflns_shell.pdbx_Rsym_value 
_reflns_shell.pdbx_chi_squared 
_reflns_shell.pdbx_netI_over_sigmaI_all 
_reflns_shell.pdbx_netI_over_sigmaI_obs 
_reflns_shell.pdbx_Rrim_I_all 
_reflns_shell.pdbx_Rpim_I_all 
_reflns_shell.pdbx_rejects 
_reflns_shell.pdbx_ordinal 
_reflns_shell.pdbx_diffrn_id 
_reflns_shell.pdbx_CC_half 
_reflns_shell.pdbx_CC_star 
_reflns_shell.pdbx_R_split 
3.150 3.200  ? ? ? ? ? ? 71  30.900  ? ? ? ? 0.451 ? ? ? ? ? ? ? ? 5.200  ? 0.731 ? ? 0.490 0.187 ? 1  1 0.899 ? ? 
3.200 3.260  ? ? ? ? ? ? 70  34.700  ? ? ? ? 0.275 ? ? ? ? ? ? ? ? 5.700  ? 1.444 ? ? 0.296 0.105 ? 2  1 0.961 ? ? 
3.260 3.330  ? ? ? ? ? ? 83  44.600  ? ? ? ? 0.464 ? ? ? ? ? ? ? ? 4.100  ? 0.579 ? ? 0.516 0.216 ? 3  1 0.888 ? ? 
3.330 3.390  ? ? ? ? ? ? 106 48.800  ? ? ? ? 0.307 ? ? ? ? ? ? ? ? 5.200  ? 1.191 ? ? 0.331 0.119 ? 4  1 0.978 ? ? 
3.390 3.470  ? ? ? ? ? ? 110 51.400  ? ? ? ? 0.456 ? ? ? ? ? ? ? ? 4.600  ? 0.722 ? ? 0.504 0.204 ? 5  1 0.940 ? ? 
3.470 3.550  ? ? ? ? ? ? 126 64.600  ? ? ? ? 0.655 ? ? ? ? ? ? ? ? 4.900  ? 0.541 ? ? 0.720 0.290 ? 6  1 0.775 ? ? 
3.550 3.640  ? ? ? ? ? ? 150 72.500  ? ? ? ? 0.660 ? ? ? ? ? ? ? ? 5.000  ? 0.521 ? ? 0.727 0.292 ? 7  1 0.737 ? ? 
3.640 3.730  ? ? ? ? ? ? 172 83.900  ? ? ? ? 1.418 ? ? ? ? ? ? ? ? 5.200  ? 0.456 ? ? 1.568 0.647 ? 8  1 0.481 ? ? 
3.730 3.840  ? ? ? ? ? ? 204 96.700  ? ? ? ? 0.978 ? ? ? ? ? ? ? ? 6.100  ? 0.424 ? ? 1.066 0.412 ? 9  1 0.591 ? ? 
3.840 3.970  ? ? ? ? ? ? 196 97.500  ? ? ? ? 0.867 ? ? ? ? ? ? ? ? 7.400  ? 0.523 ? ? 0.932 0.333 ? 10 1 0.782 ? ? 
3.970 4.110  ? ? ? ? ? ? 212 100.000 ? ? ? ? 0.654 ? ? ? ? ? ? ? ? 9.500  ? 0.590 ? ? 0.691 0.221 ? 11 1 0.914 ? ? 
4.110 4.270  ? ? ? ? ? ? 208 100.000 ? ? ? ? 0.644 ? ? ? ? ? ? ? ? 10.000 ? 0.589 ? ? 0.679 0.212 ? 12 1 0.881 ? ? 
4.270 4.470  ? ? ? ? ? ? 195 100.000 ? ? ? ? 0.700 ? ? ? ? ? ? ? ? 10.400 ? 0.572 ? ? 0.736 0.227 ? 13 1 0.881 ? ? 
4.470 4.700  ? ? ? ? ? ? 206 100.000 ? ? ? ? 0.495 ? ? ? ? ? ? ? ? 10.200 ? 0.668 ? ? 0.520 0.161 ? 14 1 0.932 ? ? 
4.700 5.000  ? ? ? ? ? ? 210 100.000 ? ? ? ? 0.288 ? ? ? ? ? ? ? ? 9.900  ? 1.004 ? ? 0.303 0.096 ? 15 1 0.961 ? ? 
5.000 5.380  ? ? ? ? ? ? 208 100.000 ? ? ? ? 0.218 ? ? ? ? ? ? ? ? 10.200 ? 2.126 ? ? 0.230 0.072 ? 16 1 0.961 ? ? 
5.380 5.930  ? ? ? ? ? ? 196 100.000 ? ? ? ? 0.180 ? ? ? ? ? ? ? ? 10.900 ? 2.770 ? ? 0.189 0.057 ? 17 1 0.982 ? ? 
5.930 6.780  ? ? ? ? ? ? 216 100.000 ? ? ? ? 0.157 ? ? ? ? ? ? ? ? 10.600 ? 3.077 ? ? 0.165 0.050 ? 18 1 0.985 ? ? 
6.780 8.540  ? ? ? ? ? ? 204 100.000 ? ? ? ? 0.124 ? ? ? ? ? ? ? ? 9.900  ? 5.452 ? ? 0.131 0.041 ? 19 1 0.994 ? ? 
8.540 50.000 ? ? ? ? ? ? 204 99.000  ? ? ? ? 0.085 ? ? ? ? ? ? ? ? 10.300 ? 6.908 ? ? 0.090 0.029 ? 20 1 0.998 ? ? 
# 
_refine.aniso_B[1][1]                            ? 
_refine.aniso_B[1][2]                            ? 
_refine.aniso_B[1][3]                            ? 
_refine.aniso_B[2][2]                            ? 
_refine.aniso_B[2][3]                            ? 
_refine.aniso_B[3][3]                            ? 
_refine.B_iso_max                                267.080 
_refine.B_iso_mean                               141.8346 
_refine.B_iso_min                                79.510 
_refine.correlation_coeff_Fo_to_Fc               ? 
_refine.correlation_coeff_Fo_to_Fc_free          ? 
_refine.details                                  ? 
_refine.diff_density_max                         ? 
_refine.diff_density_max_esd                     ? 
_refine.diff_density_min                         ? 
_refine.diff_density_min_esd                     ? 
_refine.diff_density_rms                         ? 
_refine.diff_density_rms_esd                     ? 
_refine.entry_id                                 7JS0 
_refine.pdbx_refine_id                           'X-RAY DIFFRACTION' 
_refine.ls_abs_structure_details                 ? 
_refine.ls_abs_structure_Flack                   ? 
_refine.ls_abs_structure_Flack_esd               ? 
_refine.ls_abs_structure_Rogers                  ? 
_refine.ls_abs_structure_Rogers_esd              ? 
_refine.ls_d_res_high                            3.1900 
_refine.ls_d_res_low                             44.3580 
_refine.ls_extinction_coef                       ? 
_refine.ls_extinction_coef_esd                   ? 
_refine.ls_extinction_expression                 ? 
_refine.ls_extinction_method                     ? 
_refine.ls_goodness_of_fit_all                   ? 
_refine.ls_goodness_of_fit_all_esd               ? 
_refine.ls_goodness_of_fit_obs                   ? 
_refine.ls_goodness_of_fit_obs_esd               ? 
_refine.ls_hydrogen_treatment                    ? 
_refine.ls_matrix_type                           ? 
_refine.ls_number_constraints                    ? 
_refine.ls_number_parameters                     ? 
_refine.ls_number_reflns_all                     ? 
_refine.ls_number_reflns_obs                     3320 
_refine.ls_number_reflns_R_free                  163 
_refine.ls_number_reflns_R_work                  3157 
_refine.ls_number_restraints                     ? 
_refine.ls_percent_reflns_obs                    79.9000 
_refine.ls_percent_reflns_R_free                 4.9100 
_refine.ls_R_factor_all                          ? 
_refine.ls_R_factor_obs                          0.2023 
_refine.ls_R_factor_R_free                       0.2168 
_refine.ls_R_factor_R_free_error                 ? 
_refine.ls_R_factor_R_free_error_details         ? 
_refine.ls_R_factor_R_work                       0.2014 
_refine.ls_R_Fsqd_factor_obs                     ? 
_refine.ls_R_I_factor_obs                        ? 
_refine.ls_redundancy_reflns_all                 ? 
_refine.ls_redundancy_reflns_obs                 ? 
_refine.ls_restrained_S_all                      ? 
_refine.ls_restrained_S_obs                      ? 
_refine.ls_shift_over_esd_max                    ? 
_refine.ls_shift_over_esd_mean                   ? 
_refine.ls_structure_factor_coef                 ? 
_refine.ls_weighting_details                     ? 
_refine.ls_weighting_scheme                      ? 
_refine.ls_wR_factor_all                         ? 
_refine.ls_wR_factor_obs                         ? 
_refine.ls_wR_factor_R_free                      ? 
_refine.ls_wR_factor_R_work                      ? 
_refine.occupancy_max                            ? 
_refine.occupancy_min                            ? 
_refine.solvent_model_details                    'FLAT BULK SOLVENT MODEL' 
_refine.solvent_model_param_bsol                 ? 
_refine.solvent_model_param_ksol                 ? 
_refine.pdbx_R_complete                          ? 
_refine.ls_R_factor_gt                           ? 
_refine.ls_goodness_of_fit_gt                    ? 
_refine.ls_goodness_of_fit_ref                   ? 
_refine.ls_shift_over_su_max                     ? 
_refine.ls_shift_over_su_max_lt                  ? 
_refine.ls_shift_over_su_mean                    ? 
_refine.ls_shift_over_su_mean_lt                 ? 
_refine.pdbx_ls_sigma_I                          ? 
_refine.pdbx_ls_sigma_F                          1.960 
_refine.pdbx_ls_sigma_Fsqd                       ? 
_refine.pdbx_data_cutoff_high_absF               ? 
_refine.pdbx_data_cutoff_high_rms_absF           ? 
_refine.pdbx_data_cutoff_low_absF                ? 
_refine.pdbx_isotropic_thermal_model             ? 
_refine.pdbx_ls_cross_valid_method               THROUGHOUT 
_refine.pdbx_method_to_determine_struct          'MOLECULAR REPLACEMENT' 
_refine.pdbx_starting_model                      5VY6 
_refine.pdbx_stereochemistry_target_values       ML 
_refine.pdbx_R_Free_selection_details            ? 
_refine.pdbx_stereochem_target_val_spec_case     ? 
_refine.pdbx_overall_ESU_R                       ? 
_refine.pdbx_overall_ESU_R_Free                  ? 
_refine.pdbx_solvent_vdw_probe_radii             1.1100 
_refine.pdbx_solvent_ion_probe_radii             ? 
_refine.pdbx_solvent_shrinkage_radii             0.9000 
_refine.pdbx_real_space_R                        ? 
_refine.pdbx_density_correlation                 ? 
_refine.pdbx_pd_number_of_powder_patterns        ? 
_refine.pdbx_pd_number_of_points                 ? 
_refine.pdbx_pd_meas_number_of_points            ? 
_refine.pdbx_pd_proc_ls_prof_R_factor            ? 
_refine.pdbx_pd_proc_ls_prof_wR_factor           ? 
_refine.pdbx_pd_Marquardt_correlation_coeff      ? 
_refine.pdbx_pd_Fsqrd_R_factor                   ? 
_refine.pdbx_pd_ls_matrix_band_width             ? 
_refine.pdbx_overall_phase_error                 28.9700 
_refine.pdbx_overall_SU_R_free_Cruickshank_DPI   ? 
_refine.pdbx_overall_SU_R_free_Blow_DPI          ? 
_refine.pdbx_overall_SU_R_Blow_DPI               ? 
_refine.pdbx_TLS_residual_ADP_flag               ? 
_refine.pdbx_diffrn_id                           1 
_refine.overall_SU_B                             ? 
_refine.overall_SU_ML                            0.3200 
_refine.overall_SU_R_Cruickshank_DPI             ? 
_refine.overall_SU_R_free                        ? 
_refine.overall_FOM_free_R_set                   ? 
_refine.overall_FOM_work_R_set                   ? 
_refine.pdbx_average_fsc_overall                 ? 
_refine.pdbx_average_fsc_work                    ? 
_refine.pdbx_average_fsc_free                    ? 
# 
_refine_hist.pdbx_refine_id                   'X-RAY DIFFRACTION' 
_refine_hist.cycle_id                         final 
_refine_hist.details                          ? 
_refine_hist.d_res_high                       3.1900 
_refine_hist.d_res_low                        44.3580 
_refine_hist.number_atoms_solvent             0 
_refine_hist.number_atoms_total               857 
_refine_hist.number_reflns_all                ? 
_refine_hist.number_reflns_obs                ? 
_refine_hist.number_reflns_R_free             ? 
_refine_hist.number_reflns_R_work             ? 
_refine_hist.R_factor_all                     ? 
_refine_hist.R_factor_obs                     ? 
_refine_hist.R_factor_R_free                  ? 
_refine_hist.R_factor_R_work                  ? 
_refine_hist.pdbx_number_residues_total       42 
_refine_hist.pdbx_B_iso_mean_ligand           250.44 
_refine_hist.pdbx_B_iso_mean_solvent          ? 
_refine_hist.pdbx_number_atoms_protein        0 
_refine_hist.pdbx_number_atoms_nucleic_acid   855 
_refine_hist.pdbx_number_atoms_ligand         2 
_refine_hist.pdbx_number_atoms_lipid          ? 
_refine_hist.pdbx_number_atoms_carb           ? 
_refine_hist.pdbx_pseudo_atom_details         ? 
# 
loop_
_refine_ls_restr.pdbx_refine_id 
_refine_ls_restr.criterion 
_refine_ls_restr.dev_ideal 
_refine_ls_restr.dev_ideal_target 
_refine_ls_restr.number 
_refine_ls_restr.rejects 
_refine_ls_restr.type 
_refine_ls_restr.weight 
_refine_ls_restr.pdbx_restraint_function 
'X-RAY DIFFRACTION' ? 0.012  ? 956  ? f_bond_d           ? ? 
'X-RAY DIFFRACTION' ? 1.211  ? 1467 ? f_angle_d          ? ? 
'X-RAY DIFFRACTION' ? 0.068  ? 166  ? f_chiral_restr     ? ? 
'X-RAY DIFFRACTION' ? 0.007  ? 42   ? f_plane_restr      ? ? 
'X-RAY DIFFRACTION' ? 35.101 ? 406  ? f_dihedral_angle_d ? ? 
# 
_refine_ls_shell.pdbx_refine_id                   'X-RAY DIFFRACTION' 
_refine_ls_shell.d_res_high                       3.1901 
_refine_ls_shell.d_res_low                        ? 
_refine_ls_shell.number_reflns_all                ? 
_refine_ls_shell.number_reflns_obs                ? 
_refine_ls_shell.number_reflns_R_free             163 
_refine_ls_shell.number_reflns_R_work             3157 
_refine_ls_shell.percent_reflns_obs               80.0000 
_refine_ls_shell.percent_reflns_R_free            ? 
_refine_ls_shell.R_factor_all                     ? 
_refine_ls_shell.R_factor_obs                     ? 
_refine_ls_shell.R_factor_R_free                  0.2168 
_refine_ls_shell.R_factor_R_free_error            0.0000 
_refine_ls_shell.R_factor_R_work                  0.2014 
_refine_ls_shell.redundancy_reflns_all            ? 
_refine_ls_shell.redundancy_reflns_obs            ? 
_refine_ls_shell.wR_factor_all                    ? 
_refine_ls_shell.wR_factor_obs                    ? 
_refine_ls_shell.wR_factor_R_free                 ? 
_refine_ls_shell.wR_factor_R_work                 ? 
_refine_ls_shell.pdbx_R_complete                  ? 
_refine_ls_shell.pdbx_total_number_of_bins_used   ? 
_refine_ls_shell.pdbx_phase_error                 ? 
_refine_ls_shell.pdbx_fsc_work                    ? 
_refine_ls_shell.pdbx_fsc_free                    ? 
# 
_struct.entry_id                     7JS0 
_struct.title                        
'Self-assembly of a 3D DNA crystal lattice (4x6 duplex version) containing the J31 immobile Holliday junction with R3 symmetry' 
_struct.pdbx_model_details           ? 
_struct.pdbx_formula_weight          ? 
_struct.pdbx_formula_weight_method   ? 
_struct.pdbx_model_type_details      ? 
_struct.pdbx_CASP_flag               N 
# 
_struct_keywords.entry_id        7JS0 
_struct_keywords.text            
'Structural DNA nanotechnology, immobile Holliday junctions, 3D DNA self-assembly, designer DNA crystals, DNA' 
_struct_keywords.pdbx_keywords   DNA 
# 
loop_
_struct_asym.id 
_struct_asym.pdbx_blank_PDB_chainid_flag 
_struct_asym.pdbx_modified 
_struct_asym.entity_id 
_struct_asym.details 
A N N 1 ? 
B N N 2 ? 
C N N 3 ? 
D N N 4 ? 
E N N 5 ? 
F N N 5 ? 
# 
loop_
_struct_conn.id 
_struct_conn.conn_type_id 
_struct_conn.pdbx_leaving_atom_flag 
_struct_conn.pdbx_PDB_id 
_struct_conn.ptnr1_label_asym_id 
_struct_conn.ptnr1_label_comp_id 
_struct_conn.ptnr1_label_seq_id 
_struct_conn.ptnr1_label_atom_id 
_struct_conn.pdbx_ptnr1_label_alt_id 
_struct_conn.pdbx_ptnr1_PDB_ins_code 
_struct_conn.pdbx_ptnr1_standard_comp_id 
_struct_conn.ptnr1_symmetry 
_struct_conn.ptnr2_label_asym_id 
_struct_conn.ptnr2_label_comp_id 
_struct_conn.ptnr2_label_seq_id 
_struct_conn.ptnr2_label_atom_id 
_struct_conn.pdbx_ptnr2_label_alt_id 
_struct_conn.pdbx_ptnr2_PDB_ins_code 
_struct_conn.ptnr1_auth_asym_id 
_struct_conn.ptnr1_auth_comp_id 
_struct_conn.ptnr1_auth_seq_id 
_struct_conn.ptnr2_auth_asym_id 
_struct_conn.ptnr2_auth_comp_id 
_struct_conn.ptnr2_auth_seq_id 
_struct_conn.ptnr2_symmetry 
_struct_conn.pdbx_ptnr3_label_atom_id 
_struct_conn.pdbx_ptnr3_label_seq_id 
_struct_conn.pdbx_ptnr3_label_comp_id 
_struct_conn.pdbx_ptnr3_label_asym_id 
_struct_conn.pdbx_ptnr3_label_alt_id 
_struct_conn.pdbx_ptnr3_PDB_ins_code 
_struct_conn.details 
_struct_conn.pdbx_dist_value 
_struct_conn.pdbx_value_order 
_struct_conn.pdbx_role 
hydrog1  hydrog ? ? A DG 3  N2 ? ? ? 1_555 C DC 7 O2 ? ? B DG 9  D DC 42 1_555 ? ? ? ? ? ? 'DG-DC PAIR'            ? ? ? 
hydrog2  hydrog ? ? A DC 4  N3 ? ? ? 1_555 C DG 6 N1 ? ? B DC 10 D DG 41 1_555 ? ? ? ? ? ? WATSON-CRICK            ? ? ? 
hydrog3  hydrog ? ? A DC 4  N4 ? ? ? 1_555 C DG 6 O6 ? ? B DC 10 D DG 41 1_555 ? ? ? ? ? ? WATSON-CRICK            ? ? ? 
hydrog4  hydrog ? ? A DC 4  O2 ? ? ? 1_555 C DG 6 N2 ? ? B DC 10 D DG 41 1_555 ? ? ? ? ? ? WATSON-CRICK            ? ? ? 
hydrog5  hydrog ? ? A DA 5  N6 ? ? ? 1_555 C DT 5 O4 ? ? B DA 11 D DT 40 1_555 ? ? ? ? ? ? 'DA-DT PAIR'            ? ? ? 
hydrog6  hydrog ? ? A DG 6  N1 ? ? ? 1_555 C DC 4 N3 ? ? B DG 12 D DC 39 1_555 ? ? ? ? ? ? WATSON-CRICK            ? ? ? 
hydrog7  hydrog ? ? A DG 6  N2 ? ? ? 1_555 C DC 4 O2 ? ? B DG 12 D DC 39 1_555 ? ? ? ? ? ? WATSON-CRICK            ? ? ? 
hydrog8  hydrog ? ? A DG 6  O6 ? ? ? 1_555 C DC 4 N4 ? ? B DG 12 D DC 39 1_555 ? ? ? ? ? ? WATSON-CRICK            ? ? ? 
hydrog9  hydrog ? ? A DA 7  N1 ? ? ? 1_555 C DT 3 N3 ? ? B DA 13 D DT 38 1_555 ? ? ? ? ? ? WATSON-CRICK            ? ? ? 
hydrog10 hydrog ? ? A DA 7  N6 ? ? ? 1_555 C DT 3 O4 ? ? B DA 13 D DT 38 1_555 ? ? ? ? ? ? WATSON-CRICK            ? ? ? 
hydrog11 hydrog ? ? A DC 8  N3 ? ? ? 1_555 C DG 2 N1 ? ? B DC 14 D DG 37 1_555 ? ? ? ? ? ? WATSON-CRICK            ? ? ? 
hydrog12 hydrog ? ? A DC 8  N4 ? ? ? 1_555 C DG 2 O6 ? ? B DC 14 D DG 37 1_555 ? ? ? ? ? ? WATSON-CRICK            ? ? ? 
hydrog13 hydrog ? ? A DC 8  O2 ? ? ? 1_555 C DG 2 N2 ? ? B DC 14 D DG 37 1_555 ? ? ? ? ? ? WATSON-CRICK            ? ? ? 
hydrog14 hydrog ? ? A DC 9  N3 ? ? ? 1_555 C DG 1 N1 ? ? B DC 15 D DG 36 1_555 ? ? ? ? ? ? WATSON-CRICK            ? ? ? 
hydrog15 hydrog ? ? A DC 9  N4 ? ? ? 1_555 C DG 1 O6 ? ? B DC 15 D DG 36 1_555 ? ? ? ? ? ? WATSON-CRICK            ? ? ? 
hydrog16 hydrog ? ? A DC 9  O2 ? ? ? 1_555 C DG 1 N2 ? ? B DC 15 D DG 36 1_555 ? ? ? ? ? ? WATSON-CRICK            ? ? ? 
hydrog17 hydrog ? ? A DA 10 N1 ? ? ? 1_555 D DT 6 N3 ? ? B DA 16 A DT 6  1_555 ? ? ? ? ? ? WATSON-CRICK            ? ? ? 
hydrog18 hydrog ? ? A DA 10 N6 ? ? ? 1_555 D DT 6 O4 ? ? B DA 16 A DT 6  1_555 ? ? ? ? ? ? WATSON-CRICK            ? ? ? 
hydrog19 hydrog ? ? A DG 11 N1 ? ? ? 1_555 D DC 5 O2 ? ? B DG 17 A DC 5  1_555 ? ? ? ? ? ? 'REVERSED WATSON-CRICK' ? ? ? 
hydrog20 hydrog ? ? A DG 11 N2 ? ? ? 1_555 D DC 5 N3 ? ? B DG 17 A DC 5  1_555 ? ? ? ? ? ? 'REVERSED WATSON-CRICK' ? ? ? 
hydrog21 hydrog ? ? A DA 12 N1 ? ? ? 1_555 D DT 4 N3 ? ? B DA 18 A DT 4  1_555 ? ? ? ? ? ? WATSON-CRICK            ? ? ? 
hydrog22 hydrog ? ? A DA 12 N6 ? ? ? 1_555 D DT 4 O4 ? ? B DA 18 A DT 4  1_555 ? ? ? ? ? ? WATSON-CRICK            ? ? ? 
hydrog23 hydrog ? ? A DC 13 N3 ? ? ? 1_555 D DG 3 N1 ? ? B DC 19 A DG 3  1_555 ? ? ? ? ? ? WATSON-CRICK            ? ? ? 
hydrog24 hydrog ? ? A DC 13 N4 ? ? ? 1_555 D DG 3 O6 ? ? B DC 19 A DG 3  1_555 ? ? ? ? ? ? WATSON-CRICK            ? ? ? 
hydrog25 hydrog ? ? A DC 13 O2 ? ? ? 1_555 D DG 3 N2 ? ? B DC 19 A DG 3  1_555 ? ? ? ? ? ? WATSON-CRICK            ? ? ? 
hydrog26 hydrog ? ? A DG 14 O6 ? ? ? 1_555 D DC 2 N4 ? ? B DG 20 A DC 2  1_555 ? ? ? ? ? ? 'DG-DC PAIR'            ? ? ? 
hydrog27 hydrog ? ? A DG 15 N1 ? ? ? 1_555 D DC 1 N3 ? ? B DG 21 A DC 1  1_555 ? ? ? ? ? ? WATSON-CRICK            ? ? ? 
hydrog28 hydrog ? ? A DG 15 N2 ? ? ? 1_555 D DC 1 O2 ? ? B DG 21 A DC 1  1_555 ? ? ? ? ? ? WATSON-CRICK            ? ? ? 
hydrog29 hydrog ? ? A DG 15 O6 ? ? ? 1_555 D DC 1 N4 ? ? B DG 21 A DC 1  1_555 ? ? ? ? ? ? WATSON-CRICK            ? ? ? 
hydrog30 hydrog ? ? A DC 16 N3 ? ? ? 1_555 B DG 8 N1 ? ? B DC 22 C DG 35 1_555 ? ? ? ? ? ? WATSON-CRICK            ? ? ? 
hydrog31 hydrog ? ? A DC 16 N4 ? ? ? 1_555 B DG 8 O6 ? ? B DC 22 C DG 35 1_555 ? ? ? ? ? ? WATSON-CRICK            ? ? ? 
hydrog32 hydrog ? ? A DC 16 O2 ? ? ? 1_555 B DG 8 N2 ? ? B DC 22 C DG 35 1_555 ? ? ? ? ? ? WATSON-CRICK            ? ? ? 
hydrog33 hydrog ? ? A DA 17 N1 ? ? ? 1_555 B DT 7 N3 ? ? B DA 23 C DT 34 1_555 ? ? ? ? ? ? WATSON-CRICK            ? ? ? 
hydrog34 hydrog ? ? A DA 17 N6 ? ? ? 1_555 B DT 7 O4 ? ? B DA 23 C DT 34 1_555 ? ? ? ? ? ? WATSON-CRICK            ? ? ? 
hydrog35 hydrog ? ? A DC 18 N3 ? ? ? 1_555 B DG 6 N1 ? ? B DC 24 C DG 33 1_555 ? ? ? ? ? ? WATSON-CRICK            ? ? ? 
hydrog36 hydrog ? ? A DC 18 N4 ? ? ? 1_555 B DG 6 O6 ? ? B DC 24 C DG 33 1_555 ? ? ? ? ? ? WATSON-CRICK            ? ? ? 
hydrog37 hydrog ? ? A DC 18 O2 ? ? ? 1_555 B DG 6 N2 ? ? B DC 24 C DG 33 1_555 ? ? ? ? ? ? WATSON-CRICK            ? ? ? 
hydrog38 hydrog ? ? A DT 19 O4 ? ? ? 1_555 B DA 5 N6 ? ? B DT 25 C DA 32 1_555 ? ? ? ? ? ? 'DT-DA PAIR'            ? ? ? 
hydrog39 hydrog ? ? A DC 20 N4 ? ? ? 1_555 B DG 4 O6 ? ? B DC 26 C DG 31 1_555 ? ? ? ? ? ? 'DC-DG PAIR'            ? ? ? 
hydrog40 hydrog ? ? A DA 21 N1 ? ? ? 1_555 B DT 3 N3 ? ? B DA 27 C DT 30 1_555 ? ? ? ? ? ? WATSON-CRICK            ? ? ? 
hydrog41 hydrog ? ? A DA 21 N6 ? ? ? 1_555 B DT 3 O4 ? ? B DA 27 C DT 30 1_555 ? ? ? ? ? ? WATSON-CRICK            ? ? ? 
# 
_struct_conn_type.id          hydrog 
_struct_conn_type.criteria    ? 
_struct_conn_type.reference   ? 
# 
_atom_sites.entry_id                    7JS0 
_atom_sites.Cartn_transf_matrix[1][1]   ? 
_atom_sites.Cartn_transf_matrix[1][2]   ? 
_atom_sites.Cartn_transf_matrix[1][3]   ? 
_atom_sites.Cartn_transf_matrix[2][1]   ? 
_atom_sites.Cartn_transf_matrix[2][2]   ? 
_atom_sites.Cartn_transf_matrix[2][3]   ? 
_atom_sites.Cartn_transf_matrix[3][1]   ? 
_atom_sites.Cartn_transf_matrix[3][2]   ? 
_atom_sites.Cartn_transf_matrix[3][3]   ? 
_atom_sites.Cartn_transf_vector[1]      ? 
_atom_sites.Cartn_transf_vector[2]      ? 
_atom_sites.Cartn_transf_vector[3]      ? 
_atom_sites.fract_transf_matrix[1][1]   0.00205399 
_atom_sites.fract_transf_matrix[1][2]   -0.00909384 
_atom_sites.fract_transf_matrix[1][3]   -0.00347016 
_atom_sites.fract_transf_matrix[2][1]   0.00427527 
_atom_sites.fract_transf_matrix[2][2]   -0.00107241 
_atom_sites.fract_transf_matrix[2][3]   -0.00891823 
_atom_sites.fract_transf_matrix[3][1]   0.01826637 
_atom_sites.fract_transf_matrix[3][2]   0.00082200 
_atom_sites.fract_transf_matrix[3][3]   0.00865779 
_atom_sites.fract_transf_vector[1]      0.348256 
_atom_sites.fract_transf_vector[2]      -0.069907 
_atom_sites.fract_transf_vector[3]      0.198237 
_atom_sites.solution_primary            ? 
_atom_sites.solution_secondary          ? 
_atom_sites.solution_hydrogens          ? 
_atom_sites.special_details             ? 
# 
loop_
_atom_type.symbol 
AS 
C  
N  
O  
P  
# 
loop_
_atom_site.group_PDB 
_atom_site.id 
_atom_site.type_symbol 
_atom_site.label_atom_id 
_atom_site.label_alt_id 
_atom_site.label_comp_id 
_atom_site.label_asym_id 
_atom_site.label_entity_id 
_atom_site.label_seq_id 
_atom_site.pdbx_PDB_ins_code 
_atom_site.Cartn_x 
_atom_site.Cartn_y 
_atom_site.Cartn_z 
_atom_site.occupancy 
_atom_site.B_iso_or_equiv 
_atom_site.pdbx_formal_charge 
_atom_site.auth_seq_id 
_atom_site.auth_comp_id 
_atom_site.auth_asym_id 
_atom_site.auth_atom_id 
_atom_site.pdbx_PDB_model_num 
ATOM   1   O  "O5'" . DG  A 1 1  ? 21.719  -25.007 -11.938 1.00 192.14 ? 7   DG  B "O5'" 1 
ATOM   2   C  "C5'" . DG  A 1 1  ? 21.909  -26.149 -11.091 1.00 185.44 ? 7   DG  B "C5'" 1 
ATOM   3   C  "C4'" . DG  A 1 1  ? 21.202  -27.383 -11.644 1.00 174.34 ? 7   DG  B "C4'" 1 
ATOM   4   O  "O4'" . DG  A 1 1  ? 21.443  -28.500 -10.762 1.00 167.11 ? 7   DG  B "O4'" 1 
ATOM   5   C  "C3'" . DG  A 1 1  ? 19.684  -27.276 -11.747 1.00 167.90 ? 7   DG  B "C3'" 1 
ATOM   6   O  "O3'" . DG  A 1 1  ? 19.337  -26.772 -13.013 1.00 177.72 ? 7   DG  B "O3'" 1 
ATOM   7   C  "C2'" . DG  A 1 1  ? 19.241  -28.725 -11.630 1.00 158.13 ? 7   DG  B "C2'" 1 
ATOM   8   C  "C1'" . DG  A 1 1  ? 20.307  -29.333 -10.723 1.00 157.01 ? 7   DG  B "C1'" 1 
ATOM   9   N  N9    . DG  A 1 1  ? 19.889  -29.467 -9.345  1.00 149.63 ? 7   DG  B N9    1 
ATOM   10  C  C8    . DG  A 1 1  ? 20.587  -29.080 -8.227  1.00 148.99 ? 7   DG  B C8    1 
ATOM   11  N  N7    . DG  A 1 1  ? 19.962  -29.347 -7.114  1.00 144.65 ? 7   DG  B N7    1 
ATOM   12  C  C5    . DG  A 1 1  ? 18.779  -29.941 -7.530  1.00 143.25 ? 7   DG  B C5    1 
ATOM   13  C  C6    . DG  A 1 1  ? 17.701  -30.440 -6.772  1.00 142.51 ? 7   DG  B C6    1 
ATOM   14  O  O6    . DG  A 1 1  ? 17.584  -30.464 -5.537  1.00 144.91 ? 7   DG  B O6    1 
ATOM   15  N  N1    . DG  A 1 1  ? 16.697  -30.968 -7.592  1.00 142.44 ? 7   DG  B N1    1 
ATOM   16  C  C2    . DG  A 1 1  ? 16.736  -30.999 -8.971  1.00 142.16 ? 7   DG  B C2    1 
ATOM   17  N  N2    . DG  A 1 1  ? 15.675  -31.534 -9.592  1.00 140.34 ? 7   DG  B N2    1 
ATOM   18  N  N3    . DG  A 1 1  ? 17.744  -30.535 -9.685  1.00 143.72 ? 7   DG  B N3    1 
ATOM   19  C  C4    . DG  A 1 1  ? 18.723  -30.022 -8.902  1.00 146.16 ? 7   DG  B C4    1 
ATOM   20  P  P     . DA  A 1 2  ? 18.917  -25.237 -13.204 1.00 180.27 ? 8   DA  B P     1 
ATOM   21  O  OP1   . DA  A 1 2  ? 20.013  -24.559 -13.939 1.00 181.17 ? 8   DA  B OP1   1 
ATOM   22  O  OP2   . DA  A 1 2  ? 18.516  -24.723 -11.871 1.00 168.69 ? 8   DA  B OP2   1 
ATOM   23  O  "O5'" . DA  A 1 2  ? 17.653  -25.332 -14.186 1.00 171.76 ? 8   DA  B "O5'" 1 
ATOM   24  C  "C5'" . DA  A 1 2  ? 16.331  -25.200 -13.672 1.00 168.85 ? 8   DA  B "C5'" 1 
ATOM   25  C  "C4'" . DA  A 1 2  ? 15.809  -26.528 -13.155 1.00 161.25 ? 8   DA  B "C4'" 1 
ATOM   26  O  "O4'" . DA  A 1 2  ? 16.489  -26.869 -11.945 1.00 157.07 ? 8   DA  B "O4'" 1 
ATOM   27  C  "C3'" . DA  A 1 2  ? 14.333  -26.524 -12.777 1.00 157.41 ? 8   DA  B "C3'" 1 
ATOM   28  O  "O3'" . DA  A 1 2  ? 13.585  -26.983 -13.836 1.00 160.97 ? 8   DA  B "O3'" 1 
ATOM   29  C  "C2'" . DA  A 1 2  ? 14.227  -27.494 -11.614 1.00 149.97 ? 8   DA  B "C2'" 1 
ATOM   30  C  "C1'" . DA  A 1 2  ? 15.680  -27.768 -11.235 1.00 156.58 ? 8   DA  B "C1'" 1 
ATOM   31  N  N9    . DA  A 1 2  ? 15.928  -27.607 -9.818  1.00 152.50 ? 8   DA  B N9    1 
ATOM   32  C  C8    . DA  A 1 2  ? 16.967  -26.944 -9.222  1.00 150.15 ? 8   DA  B C8    1 
ATOM   33  N  N7    . DA  A 1 2  ? 16.922  -26.978 -7.909  1.00 143.76 ? 8   DA  B N7    1 
ATOM   34  C  C5    . DA  A 1 2  ? 15.772  -27.713 -7.637  1.00 141.63 ? 8   DA  B C5    1 
ATOM   35  C  C6    . DA  A 1 2  ? 15.155  -28.113 -6.433  1.00 143.89 ? 8   DA  B C6    1 
ATOM   36  N  N6    . DA  A 1 2  ? 15.637  -27.814 -5.227  1.00 144.11 ? 8   DA  B N6    1 
ATOM   37  N  N1    . DA  A 1 2  ? 14.016  -28.840 -6.522  1.00 147.14 ? 8   DA  B N1    1 
ATOM   38  C  C2    . DA  A 1 2  ? 13.533  -29.142 -7.733  1.00 146.65 ? 8   DA  B C2    1 
ATOM   39  N  N3    . DA  A 1 2  ? 14.023  -28.825 -8.925  1.00 146.07 ? 8   DA  B N3    1 
ATOM   40  C  C4    . DA  A 1 2  ? 15.151  -28.101 -8.805  1.00 145.76 ? 8   DA  B C4    1 
ATOM   41  P  P     . DG  A 1 3  ? 12.432  -26.052 -14.430 1.00 176.78 ? 9   DG  B P     1 
ATOM   42  O  OP1   . DG  A 1 3  ? 11.786  -26.802 -15.534 1.00 178.60 ? 9   DG  B OP1   1 
ATOM   43  O  OP2   . DG  A 1 3  ? 12.989  -24.679 -14.598 1.00 157.44 ? 9   DG  B OP2   1 
ATOM   44  O  "O5'" . DG  A 1 3  ? 11.367  -25.982 -13.266 1.00 155.51 ? 9   DG  B "O5'" 1 
ATOM   45  C  "C5'" . DG  A 1 3  ? 10.131  -25.404 -13.526 1.00 154.03 ? 9   DG  B "C5'" 1 
ATOM   46  C  "C4'" . DG  A 1 3  ? 9.078   -26.150 -12.775 1.00 154.96 ? 9   DG  B "C4'" 1 
ATOM   47  O  "O4'" . DG  A 1 3  ? 9.736   -27.158 -11.971 1.00 154.63 ? 9   DG  B "O4'" 1 
ATOM   48  C  "C3'" . DG  A 1 3  ? 8.264   -25.284 -11.821 1.00 162.40 ? 9   DG  B "C3'" 1 
ATOM   49  O  "O3'" . DG  A 1 3  ? 6.969   -24.987 -12.390 1.00 164.83 ? 9   DG  B "O3'" 1 
ATOM   50  C  "C2'" . DG  A 1 3  ? 8.169   -26.114 -10.538 1.00 158.45 ? 9   DG  B "C2'" 1 
ATOM   51  C  "C1'" . DG  A 1 3  ? 9.427   -26.972 -10.606 1.00 157.00 ? 9   DG  B "C1'" 1 
ATOM   52  N  N9    . DG  A 1 3  ? 10.593  -26.402 -9.920  1.00 156.20 ? 9   DG  B N9    1 
ATOM   53  C  C8    . DG  A 1 3  ? 11.641  -25.692 -10.474 1.00 154.87 ? 9   DG  B C8    1 
ATOM   54  N  N7    . DG  A 1 3  ? 12.546  -25.332 -9.602  1.00 146.58 ? 9   DG  B N7    1 
ATOM   55  C  C5    . DG  A 1 3  ? 12.071  -25.836 -8.395  1.00 146.75 ? 9   DG  B C5    1 
ATOM   56  C  C6    . DG  A 1 3  ? 12.621  -25.762 -7.088  1.00 142.75 ? 9   DG  B C6    1 
ATOM   57  O  O6    . DG  A 1 3  ? 13.671  -25.220 -6.725  1.00 141.26 ? 9   DG  B O6    1 
ATOM   58  N  N1    . DG  A 1 3  ? 11.814  -26.409 -6.154  1.00 141.08 ? 9   DG  B N1    1 
ATOM   59  C  C2    . DG  A 1 3  ? 10.627  -27.045 -6.446  1.00 146.11 ? 9   DG  B C2    1 
ATOM   60  N  N2    . DG  A 1 3  ? 9.986   -27.610 -5.418  1.00 147.85 ? 9   DG  B N2    1 
ATOM   61  N  N3    . DG  A 1 3  ? 10.101  -27.122 -7.662  1.00 147.90 ? 9   DG  B N3    1 
ATOM   62  C  C4    . DG  A 1 3  ? 10.873  -26.499 -8.581  1.00 150.17 ? 9   DG  B C4    1 
ATOM   63  P  P     . DC  A 1 4  ? 5.889   -26.140 -12.721 1.00 156.34 ? 10  DC  B P     1 
ATOM   64  O  OP1   . DC  A 1 4  ? 6.382   -27.496 -12.413 1.00 171.72 ? 10  DC  B OP1   1 
ATOM   65  O  OP2   . DC  A 1 4  ? 5.390   -25.883 -14.086 1.00 162.03 ? 10  DC  B OP2   1 
ATOM   66  O  "O5'" . DC  A 1 4  ? 4.718   -25.857 -11.685 1.00 170.53 ? 10  DC  B "O5'" 1 
ATOM   67  C  "C5'" . DC  A 1 4  ? 4.500   -26.747 -10.608 1.00 167.86 ? 10  DC  B "C5'" 1 
ATOM   68  C  "C4'" . DC  A 1 4  ? 4.263   -25.975 -9.325  1.00 170.19 ? 10  DC  B "C4'" 1 
ATOM   69  O  "O4'" . DC  A 1 4  ? 5.522   -25.832 -8.605  1.00 161.22 ? 10  DC  B "O4'" 1 
ATOM   70  C  "C3'" . DC  A 1 4  ? 3.711   -24.543 -9.523  1.00 168.47 ? 10  DC  B "C3'" 1 
ATOM   71  O  "O3'" . DC  A 1 4  ? 2.552   -24.276 -8.669  1.00 166.01 ? 10  DC  B "O3'" 1 
ATOM   72  C  "C2'" . DC  A 1 4  ? 4.906   -23.665 -9.157  1.00 163.90 ? 10  DC  B "C2'" 1 
ATOM   73  C  "C1'" . DC  A 1 4  ? 5.558   -24.533 -8.096  1.00 160.78 ? 10  DC  B "C1'" 1 
ATOM   74  N  N1    . DC  A 1 4  ? 6.931   -24.132 -7.733  1.00 154.56 ? 10  DC  B N1    1 
ATOM   75  C  C2    . DC  A 1 4  ? 7.404   -24.432 -6.457  1.00 151.87 ? 10  DC  B C2    1 
ATOM   76  O  O2    . DC  A 1 4  ? 6.676   -25.095 -5.689  1.00 145.02 ? 10  DC  B O2    1 
ATOM   77  N  N3    . DC  A 1 4  ? 8.651   -24.011 -6.102  1.00 150.41 ? 10  DC  B N3    1 
ATOM   78  C  C4    . DC  A 1 4  ? 9.391   -23.303 -6.965  1.00 146.35 ? 10  DC  B C4    1 
ATOM   79  N  N4    . DC  A 1 4  ? 10.608  -22.918 -6.574  1.00 143.44 ? 10  DC  B N4    1 
ATOM   80  C  C5    . DC  A 1 4  ? 8.911   -22.968 -8.268  1.00 145.89 ? 10  DC  B C5    1 
ATOM   81  C  C6    . DC  A 1 4  ? 7.682   -23.385 -8.600  1.00 151.47 ? 10  DC  B C6    1 
ATOM   82  P  P     . DA  A 1 5  ? 2.091   -25.305 -7.514  1.00 175.73 ? 11  DA  B P     1 
ATOM   83  O  OP1   . DA  A 1 5  ? 3.196   -25.469 -6.534  1.00 162.41 ? 11  DA  B OP1   1 
ATOM   84  O  OP2   . DA  A 1 5  ? 1.437   -26.465 -8.173  1.00 186.21 ? 11  DA  B OP2   1 
ATOM   85  O  "O5'" . DA  A 1 5  ? 0.901   -24.551 -6.751  1.00 183.36 ? 11  DA  B "O5'" 1 
ATOM   86  C  "C5'" . DA  A 1 5  ? -0.028  -25.307 -5.945  1.00 180.45 ? 11  DA  B "C5'" 1 
ATOM   87  C  "C4'" . DA  A 1 5  ? 0.370   -25.275 -4.479  1.00 173.08 ? 11  DA  B "C4'" 1 
ATOM   88  O  "O4'" . DA  A 1 5  ? 1.789   -24.955 -4.366  1.00 167.64 ? 11  DA  B "O4'" 1 
ATOM   89  C  "C3'" . DA  A 1 5  ? -0.331  -24.218 -3.645  1.00 169.72 ? 11  DA  B "C3'" 1 
ATOM   90  O  "O3'" . DA  A 1 5  ? -0.326  -24.617 -2.276  1.00 171.35 ? 11  DA  B "O3'" 1 
ATOM   91  C  "C2'" . DA  A 1 5  ? 0.577   -23.017 -3.875  1.00 165.50 ? 11  DA  B "C2'" 1 
ATOM   92  C  "C1'" . DA  A 1 5  ? 1.945   -23.684 -3.772  1.00 157.48 ? 11  DA  B "C1'" 1 
ATOM   93  N  N9    . DA  A 1 5  ? 2.987   -22.960 -4.478  1.00 145.94 ? 11  DA  B N9    1 
ATOM   94  C  C8    . DA  A 1 5  ? 2.971   -22.579 -5.787  1.00 152.50 ? 11  DA  B C8    1 
ATOM   95  N  N7    . DA  A 1 5  ? 4.035   -21.909 -6.166  1.00 151.10 ? 11  DA  B N7    1 
ATOM   96  C  C5    . DA  A 1 5  ? 4.807   -21.838 -5.020  1.00 146.01 ? 11  DA  B C5    1 
ATOM   97  C  C6    . DA  A 1 5  ? 6.072   -21.251 -4.757  1.00 137.80 ? 11  DA  B C6    1 
ATOM   98  N  N6    . DA  A 1 5  ? 6.791   -20.608 -5.687  1.00 126.64 ? 11  DA  B N6    1 
ATOM   99  N  N1    . DA  A 1 5  ? 6.564   -21.360 -3.497  1.00 140.87 ? 11  DA  B N1    1 
ATOM   100 C  C2    . DA  A 1 5  ? 5.826   -22.015 -2.568  1.00 148.55 ? 11  DA  B C2    1 
ATOM   101 N  N3    . DA  A 1 5  ? 4.624   -22.613 -2.699  1.00 149.56 ? 11  DA  B N3    1 
ATOM   102 C  C4    . DA  A 1 5  ? 4.167   -22.482 -3.961  1.00 148.90 ? 11  DA  B C4    1 
ATOM   103 P  P     . DG  A 1 6  ? -0.538  -23.530 -1.114  1.00 175.67 ? 12  DG  B P     1 
ATOM   104 O  OP1   . DG  A 1 6  ? -0.839  -24.222 0.164   1.00 172.02 ? 12  DG  B OP1   1 
ATOM   105 O  OP2   . DG  A 1 6  ? -1.469  -22.533 -1.689  1.00 179.89 ? 12  DG  B OP2   1 
ATOM   106 O  "O5'" . DG  A 1 6  ? 0.879   -22.822 -0.973  1.00 162.17 ? 12  DG  B "O5'" 1 
ATOM   107 C  "C5'" . DG  A 1 6  ? 1.801   -23.254 -0.012  1.00 162.93 ? 12  DG  B "C5'" 1 
ATOM   108 C  "C4'" . DG  A 1 6  ? 2.505   -22.056 0.571   1.00 161.00 ? 12  DG  B "C4'" 1 
ATOM   109 O  "O4'" . DG  A 1 6  ? 3.317   -21.433 -0.462  1.00 158.16 ? 12  DG  B "O4'" 1 
ATOM   110 C  "C3'" . DG  A 1 6  ? 1.567   -20.950 1.050   1.00 161.46 ? 12  DG  B "C3'" 1 
ATOM   111 O  "O3'" . DG  A 1 6  ? 2.165   -20.253 2.128   1.00 169.04 ? 12  DG  B "O3'" 1 
ATOM   112 C  "C2'" . DG  A 1 6  ? 1.487   -20.051 -0.172  1.00 151.87 ? 12  DG  B "C2'" 1 
ATOM   113 C  "C1'" . DG  A 1 6  ? 2.943   -20.072 -0.555  1.00 149.61 ? 12  DG  B "C1'" 1 
ATOM   114 N  N9    . DG  A 1 6  ? 3.233   -19.544 -1.888  1.00 148.65 ? 12  DG  B N9    1 
ATOM   115 C  C8    . DG  A 1 6  ? 2.368   -19.434 -2.964  1.00 142.82 ? 12  DG  B C8    1 
ATOM   116 N  N7    . DG  A 1 6  ? 2.918   -18.891 -4.024  1.00 133.48 ? 12  DG  B N7    1 
ATOM   117 C  C5    . DG  A 1 6  ? 4.231   -18.614 -3.619  1.00 139.11 ? 12  DG  B C5    1 
ATOM   118 C  C6    . DG  A 1 6  ? 5.310   -18.024 -4.332  1.00 132.99 ? 12  DG  B C6    1 
ATOM   119 O  O6    . DG  A 1 6  ? 5.326   -17.616 -5.509  1.00 126.71 ? 12  DG  B O6    1 
ATOM   120 N  N1    . DG  A 1 6  ? 6.468   -17.929 -3.533  1.00 132.49 ? 12  DG  B N1    1 
ATOM   121 C  C2    . DG  A 1 6  ? 6.567   -18.354 -2.218  1.00 130.58 ? 12  DG  B C2    1 
ATOM   122 N  N2    . DG  A 1 6  ? 7.757   -18.179 -1.616  1.00 127.45 ? 12  DG  B N2    1 
ATOM   123 N  N3    . DG  A 1 6  ? 5.567   -18.907 -1.544  1.00 131.90 ? 12  DG  B N3    1 
ATOM   124 C  C4    . DG  A 1 6  ? 4.432   -19.002 -2.304  1.00 143.20 ? 12  DG  B C4    1 
ATOM   125 P  P     . DA  A 1 7  ? 1.339   -19.103 2.893   1.00 182.37 ? 13  DA  B P     1 
ATOM   126 O  OP1   . DA  A 1 7  ? 0.102   -19.748 3.405   1.00 187.02 ? 13  DA  B OP1   1 
ATOM   127 O  OP2   . DA  A 1 7  ? 1.234   -17.902 2.032   1.00 174.50 ? 13  DA  B OP2   1 
ATOM   128 O  "O5'" . DA  A 1 7  ? 2.277   -18.705 4.123   1.00 165.15 ? 13  DA  B "O5'" 1 
ATOM   129 C  "C5'" . DA  A 1 7  ? 2.742   -17.379 4.246   1.00 155.69 ? 13  DA  B "C5'" 1 
ATOM   130 C  "C4'" . DA  A 1 7  ? 4.053   -17.204 3.514   1.00 150.20 ? 13  DA  B "C4'" 1 
ATOM   131 O  "O4'" . DA  A 1 7  ? 3.861   -17.396 2.109   1.00 145.30 ? 13  DA  B "O4'" 1 
ATOM   132 C  "C3'" . DA  A 1 7  ? 4.627   -15.815 3.614   1.00 155.50 ? 13  DA  B "C3'" 1 
ATOM   133 O  "O3'" . DA  A 1 7  ? 5.437   -15.727 4.753   1.00 170.38 ? 13  DA  B "O3'" 1 
ATOM   134 C  "C2'" . DA  A 1 7  ? 5.450   -15.659 2.336   1.00 145.10 ? 13  DA  B "C2'" 1 
ATOM   135 C  "C1'" . DA  A 1 7  ? 4.924   -16.759 1.434   1.00 143.94 ? 13  DA  B "C1'" 1 
ATOM   136 N  N9    . DA  A 1 7  ? 4.488   -16.302 0.108   1.00 137.59 ? 13  DA  B N9    1 
ATOM   137 C  C8    . DA  A 1 7  ? 3.261   -16.493 -0.483  1.00 134.08 ? 13  DA  B C8    1 
ATOM   138 N  N7    . DA  A 1 7  ? 3.171   -16.009 -1.703  1.00 120.28 ? 13  DA  B N7    1 
ATOM   139 C  C5    . DA  A 1 7  ? 4.428   -15.472 -1.938  1.00 127.49 ? 13  DA  B C5    1 
ATOM   140 C  C6    . DA  A 1 7  ? 4.983   -14.808 -3.058  1.00 123.90 ? 13  DA  B C6    1 
ATOM   141 N  N6    . DA  A 1 7  ? 4.290   -14.579 -4.183  1.00 120.90 ? 13  DA  B N6    1 
ATOM   142 N  N1    . DA  A 1 7  ? 6.280   -14.387 -2.970  1.00 115.99 ? 13  DA  B N1    1 
ATOM   143 C  C2    . DA  A 1 7  ? 6.961   -14.628 -1.830  1.00 125.25 ? 13  DA  B C2    1 
ATOM   144 N  N3    . DA  A 1 7  ? 6.546   -15.247 -0.712  1.00 129.50 ? 13  DA  B N3    1 
ATOM   145 C  C4    . DA  A 1 7  ? 5.257   -15.645 -0.833  1.00 131.81 ? 13  DA  B C4    1 
ATOM   146 P  P     . DC  A 1 8  ? 5.420   -14.381 5.627   1.00 188.43 ? 14  DC  B P     1 
ATOM   147 O  OP1   . DC  A 1 8  ? 6.381   -14.553 6.742   1.00 181.54 ? 14  DC  B OP1   1 
ATOM   148 O  OP2   . DC  A 1 8  ? 4.003   -14.028 5.881   1.00 178.84 ? 14  DC  B OP2   1 
ATOM   149 O  "O5'" . DC  A 1 8  ? 6.028   -13.298 4.641   1.00 162.30 ? 14  DC  B "O5'" 1 
ATOM   150 C  "C5'" . DC  A 1 8  ? 7.290   -13.527 4.082   1.00 156.56 ? 14  DC  B "C5'" 1 
ATOM   151 C  "C4'" . DC  A 1 8  ? 7.485   -12.601 2.930   1.00 154.96 ? 14  DC  B "C4'" 1 
ATOM   152 O  "O4'" . DC  A 1 8  ? 6.655   -12.986 1.838   1.00 143.97 ? 14  DC  B "O4'" 1 
ATOM   153 C  "C3'" . DC  A 1 8  ? 7.044   -11.190 3.220   1.00 152.77 ? 14  DC  B "C3'" 1 
ATOM   154 O  "O3'" . DC  A 1 8  ? 8.132   -10.495 3.795   1.00 162.04 ? 14  DC  B "O3'" 1 
ATOM   155 C  "C2'" . DC  A 1 8  ? 6.638   -10.648 1.829   1.00 139.71 ? 14  DC  B "C2'" 1 
ATOM   156 C  "C1'" . DC  A 1 8  ? 6.664   -11.903 0.953   1.00 135.20 ? 14  DC  B "C1'" 1 
ATOM   157 N  N1    . DC  A 1 8  ? 5.525   -12.035 0.032   1.00 121.72 ? 14  DC  B N1    1 
ATOM   158 C  C2    . DC  A 1 8  ? 5.671   -11.648 -1.309  1.00 113.64 ? 14  DC  B C2    1 
ATOM   159 O  O2    . DC  A 1 8  ? 6.745   -11.188 -1.678  1.00 117.96 ? 14  DC  B O2    1 
ATOM   160 N  N3    . DC  A 1 8  ? 4.633   -11.785 -2.161  1.00 109.13 ? 14  DC  B N3    1 
ATOM   161 C  C4    . DC  A 1 8  ? 3.471   -12.295 -1.723  1.00 119.36 ? 14  DC  B C4    1 
ATOM   162 N  N4    . DC  A 1 8  ? 2.455   -12.418 -2.607  1.00 110.12 ? 14  DC  B N4    1 
ATOM   163 C  C5    . DC  A 1 8  ? 3.304   -12.709 -0.351  1.00 128.07 ? 14  DC  B C5    1 
ATOM   164 C  C6    . DC  A 1 8  ? 4.351   -12.562 0.480   1.00 128.56 ? 14  DC  B C6    1 
ATOM   165 P  P     . DC  A 1 9  ? 8.147   -8.892  3.847   1.00 183.33 ? 15  DC  B P     1 
ATOM   166 O  OP1   . DC  A 1 9  ? 9.117   -8.513  4.916   1.00 173.24 ? 15  DC  B OP1   1 
ATOM   167 O  OP2   . DC  A 1 9  ? 6.736   -8.430  3.927   1.00 166.46 ? 15  DC  B OP2   1 
ATOM   168 O  "O5'" . DC  A 1 9  ? 8.752   -8.496  2.412   1.00 161.41 ? 15  DC  B "O5'" 1 
ATOM   169 C  "C5'" . DC  A 1 9  ? 8.821   -7.148  1.983   1.00 148.81 ? 15  DC  B "C5'" 1 
ATOM   170 C  "C4'" . DC  A 1 9  ? 8.973   -7.111  0.479   1.00 143.07 ? 15  DC  B "C4'" 1 
ATOM   171 O  "O4'" . DC  A 1 9  ? 7.963   -7.963  -0.110  1.00 129.09 ? 15  DC  B "O4'" 1 
ATOM   172 C  "C3'" . DC  A 1 9  ? 8.788   -5.731  -0.151  1.00 146.28 ? 15  DC  B "C3'" 1 
ATOM   173 O  "O3'" . DC  A 1 9  ? 9.792   -5.460  -1.099  1.00 156.82 ? 15  DC  B "O3'" 1 
ATOM   174 C  "C2'" . DC  A 1 9  ? 7.440   -5.823  -0.830  1.00 144.43 ? 15  DC  B "C2'" 1 
ATOM   175 C  "C1'" . DC  A 1 9  ? 7.380   -7.291  -1.195  1.00 133.03 ? 15  DC  B "C1'" 1 
ATOM   176 N  N1    . DC  A 1 9  ? 5.992   -7.751  -1.338  1.00 126.95 ? 15  DC  B N1    1 
ATOM   177 C  C2    . DC  A 1 9  ? 5.320   -7.595  -2.579  1.00 111.16 ? 15  DC  B C2    1 
ATOM   178 O  O2    . DC  A 1 9  ? 5.935   -7.110  -3.543  1.00 103.67 ? 15  DC  B O2    1 
ATOM   179 N  N3    . DC  A 1 9  ? 4.020   -8.001  -2.677  1.00 104.97 ? 15  DC  B N3    1 
ATOM   180 C  C4    . DC  A 1 9  ? 3.395   -8.525  -1.592  1.00 114.62 ? 15  DC  B C4    1 
ATOM   181 N  N4    . DC  A 1 9  ? 2.115   -8.923  -1.721  1.00 108.32 ? 15  DC  B N4    1 
ATOM   182 C  C5    . DC  A 1 9  ? 4.064   -8.668  -0.326  1.00 121.11 ? 15  DC  B C5    1 
ATOM   183 C  C6    . DC  A 1 9  ? 5.341   -8.265  -0.244  1.00 127.59 ? 15  DC  B C6    1 
ATOM   184 P  P     . DA  A 1 10 ? 10.047  -3.929  -1.522  1.00 181.12 ? 16  DA  B P     1 
ATOM   185 O  OP1   . DA  A 1 10 ? 11.400  -3.842  -2.136  1.00 187.81 ? 16  DA  B OP1   1 
ATOM   186 O  OP2   . DA  A 1 10 ? 9.663   -3.132  -0.320  1.00 157.42 ? 16  DA  B OP2   1 
ATOM   187 O  "O5'" . DA  A 1 10 ? 8.967   -3.626  -2.670  1.00 155.74 ? 16  DA  B "O5'" 1 
ATOM   188 C  "C5'" . DA  A 1 10 ? 8.949   -4.406  -3.853  1.00 155.87 ? 16  DA  B "C5'" 1 
ATOM   189 C  "C4'" . DA  A 1 10 ? 8.584   -3.551  -5.056  1.00 159.45 ? 16  DA  B "C4'" 1 
ATOM   190 O  "O4'" . DA  A 1 10 ? 7.223   -3.821  -5.500  1.00 159.02 ? 16  DA  B "O4'" 1 
ATOM   191 C  "C3'" . DA  A 1 10 ? 8.670   -2.052  -4.854  1.00 156.14 ? 16  DA  B "C3'" 1 
ATOM   192 O  "O3'" . DA  A 1 10 ? 9.157   -1.468  -6.087  1.00 173.84 ? 16  DA  B "O3'" 1 
ATOM   193 C  "C2'" . DA  A 1 10 ? 7.218   -1.650  -4.493  1.00 150.62 ? 16  DA  B "C2'" 1 
ATOM   194 C  "C1'" . DA  A 1 10 ? 6.350   -2.763  -5.128  1.00 145.85 ? 16  DA  B "C1'" 1 
ATOM   195 N  N9    . DA  A 1 10 ? 5.286   -3.323  -4.242  1.00 134.45 ? 16  DA  B N9    1 
ATOM   196 C  C8    . DA  A 1 10 ? 5.368   -3.530  -2.878  1.00 131.63 ? 16  DA  B C8    1 
ATOM   197 N  N7    . DA  A 1 10 ? 4.280   -4.059  -2.339  1.00 120.56 ? 16  DA  B N7    1 
ATOM   198 C  C5    . DA  A 1 10 ? 3.409   -4.222  -3.420  1.00 118.51 ? 16  DA  B C5    1 
ATOM   199 C  C6    . DA  A 1 10 ? 2.081   -4.738  -3.510  1.00 108.01 ? 16  DA  B C6    1 
ATOM   200 N  N6    . DA  A 1 10 ? 1.395   -5.208  -2.432  1.00 93.90  ? 16  DA  B N6    1 
ATOM   201 N  N1    . DA  A 1 10 ? 1.492   -4.754  -4.751  1.00 94.09  ? 16  DA  B N1    1 
ATOM   202 C  C2    . DA  A 1 10 ? 2.193   -4.288  -5.808  1.00 102.09 ? 16  DA  B C2    1 
ATOM   203 N  N3    . DA  A 1 10 ? 3.446   -3.788  -5.848  1.00 111.20 ? 16  DA  B N3    1 
ATOM   204 C  C4    . DA  A 1 10 ? 4.007   -3.780  -4.610  1.00 119.64 ? 16  DA  B C4    1 
ATOM   205 P  P     . DG  A 1 11 ? 8.907   0.073   -6.480  1.00 196.08 ? 17  DG  B P     1 
ATOM   206 O  OP1   . DG  A 1 11 ? 9.978   0.432   -7.451  1.00 182.25 ? 17  DG  B OP1   1 
ATOM   207 O  OP2   . DG  A 1 11 ? 8.679   0.852   -5.226  1.00 164.08 ? 17  DG  B OP2   1 
ATOM   208 O  "O5'" . DG  A 1 11 ? 7.542   0.029   -7.320  1.00 181.34 ? 17  DG  B "O5'" 1 
ATOM   209 C  "C5'" . DG  A 1 11 ? 7.508   0.416   -8.715  1.00 161.21 ? 17  DG  B "C5'" 1 
ATOM   210 C  "C4'" . DG  A 1 11 ? 6.198   1.136   -9.041  1.00 150.68 ? 17  DG  B "C4'" 1 
ATOM   211 O  "O4'" . DG  A 1 11 ? 5.103   0.496   -8.310  1.00 150.07 ? 17  DG  B "O4'" 1 
ATOM   212 C  "C3'" . DG  A 1 11 ? 6.151   2.597   -8.595  1.00 152.63 ? 17  DG  B "C3'" 1 
ATOM   213 O  "O3'" . DG  A 1 11 ? 5.163   3.337   -9.340  1.00 149.99 ? 17  DG  B "O3'" 1 
ATOM   214 C  "C2'" . DG  A 1 11 ? 5.711   2.432   -7.161  1.00 147.83 ? 17  DG  B "C2'" 1 
ATOM   215 C  "C1'" . DG  A 1 11 ? 4.594   1.425   -7.369  1.00 141.02 ? 17  DG  B "C1'" 1 
ATOM   216 N  N9    . DG  A 1 11 ? 4.194   0.764   -6.134  1.00 131.47 ? 17  DG  B N9    1 
ATOM   217 C  C8    . DG  A 1 11 ? 4.891   0.767   -4.955  1.00 126.55 ? 17  DG  B C8    1 
ATOM   218 N  N7    . DG  A 1 11 ? 4.279   0.144   -3.994  1.00 125.71 ? 17  DG  B N7    1 
ATOM   219 C  C5    . DG  A 1 11 ? 3.086   -0.286  -4.565  1.00 116.13 ? 17  DG  B C5    1 
ATOM   220 C  C6    . DG  A 1 11 ? 2.024   -1.019  -4.001  1.00 108.49 ? 17  DG  B C6    1 
ATOM   221 O  O6    . DG  A 1 11 ? 1.915   -1.444  -2.847  1.00 112.29 ? 17  DG  B O6    1 
ATOM   222 N  N1    . DG  A 1 11 ? 1.020   -1.250  -4.915  1.00 103.42 ? 17  DG  B N1    1 
ATOM   223 C  C2    . DG  A 1 11 ? 1.036   -0.826  -6.213  1.00 106.72 ? 17  DG  B C2    1 
ATOM   224 N  N2    . DG  A 1 11 ? -0.030  -1.147  -6.936  1.00 116.39 ? 17  DG  B N2    1 
ATOM   225 N  N3    . DG  A 1 11 ? 2.023   -0.139  -6.765  1.00 106.60 ? 17  DG  B N3    1 
ATOM   226 C  C4    . DG  A 1 11 ? 3.014   0.096   -5.881  1.00 120.24 ? 17  DG  B C4    1 
ATOM   227 P  P     . DA  A 1 12 ? 4.752   4.824   -8.866  1.00 141.26 ? 18  DA  B P     1 
ATOM   228 O  OP1   . DA  A 1 12 ? 5.991   5.623   -8.950  1.00 148.98 ? 18  DA  B OP1   1 
ATOM   229 O  OP2   . DA  A 1 12 ? 4.043   4.804   -7.560  1.00 124.65 ? 18  DA  B OP2   1 
ATOM   230 O  "O5'" . DA  A 1 12 ? 3.728   5.320   -9.995  1.00 138.39 ? 18  DA  B "O5'" 1 
ATOM   231 C  "C5'" . DA  A 1 12 ? 2.871   4.392   -10.657 1.00 137.65 ? 18  DA  B "C5'" 1 
ATOM   232 C  "C4'" . DA  A 1 12 ? 1.454   4.354   -10.049 1.00 140.82 ? 18  DA  B "C4'" 1 
ATOM   233 O  "O4'" . DA  A 1 12 ? 1.406   3.517   -8.882  1.00 135.18 ? 18  DA  B "O4'" 1 
ATOM   234 C  "C3'" . DA  A 1 12 ? 0.846   5.682   -9.626  1.00 133.59 ? 18  DA  B "C3'" 1 
ATOM   235 O  "O3'" . DA  A 1 12 ? -0.084  6.060   -10.598 1.00 142.14 ? 18  DA  B "O3'" 1 
ATOM   236 C  "C2'" . DA  A 1 12 ? 0.166   5.393   -8.258  1.00 119.77 ? 18  DA  B "C2'" 1 
ATOM   237 C  "C1'" . DA  A 1 12 ? 0.295   3.877   -8.108  1.00 121.20 ? 18  DA  B "C1'" 1 
ATOM   238 N  N9    . DA  A 1 12 ? 0.587   3.419   -6.752  1.00 124.36 ? 18  DA  B N9    1 
ATOM   239 C  C8    . DA  A 1 12 ? 1.769   3.581   -6.081  1.00 123.02 ? 18  DA  B C8    1 
ATOM   240 N  N7    . DA  A 1 12 ? 1.789   3.039   -4.886  1.00 120.14 ? 18  DA  B N7    1 
ATOM   241 C  C5    . DA  A 1 12 ? 0.540   2.451   -4.759  1.00 120.38 ? 18  DA  B C5    1 
ATOM   242 C  C6    . DA  A 1 12 ? -0.062  1.712   -3.712  1.00 114.67 ? 18  DA  B C6    1 
ATOM   243 N  N6    . DA  A 1 12 ? 0.558   1.435   -2.550  1.00 110.29 ? 18  DA  B N6    1 
ATOM   244 N  N1    . DA  A 1 12 ? -1.329  1.271   -3.905  1.00 113.81 ? 18  DA  B N1    1 
ATOM   245 C  C2    . DA  A 1 12 ? -1.944  1.557   -5.070  1.00 116.34 ? 18  DA  B C2    1 
ATOM   246 N  N3    . DA  A 1 12 ? -1.479  2.245   -6.132  1.00 122.30 ? 18  DA  B N3    1 
ATOM   247 C  C4    . DA  A 1 12 ? -0.222  2.667   -5.909  1.00 124.20 ? 18  DA  B C4    1 
ATOM   248 P  P     . DC  A 1 13 ? -0.793  7.486   -10.506 1.00 158.49 ? 19  DC  B P     1 
ATOM   249 O  OP1   . DC  A 1 13 ? -1.303  7.820   -11.860 1.00 152.49 ? 19  DC  B OP1   1 
ATOM   250 O  OP2   . DC  A 1 13 ? 0.176   8.385   -9.842  1.00 164.91 ? 19  DC  B OP2   1 
ATOM   251 O  "O5'" . DC  A 1 13 ? -1.995  7.233   -9.485  1.00 125.21 ? 19  DC  B "O5'" 1 
ATOM   252 C  "C5'" . DC  A 1 13 ? -2.883  6.173   -9.715  1.00 135.57 ? 19  DC  B "C5'" 1 
ATOM   253 C  "C4'" . DC  A 1 13 ? -3.721  5.886   -8.487  1.00 139.97 ? 19  DC  B "C4'" 1 
ATOM   254 O  "O4'" . DC  A 1 13 ? -2.927  5.261   -7.465  1.00 134.71 ? 19  DC  B "O4'" 1 
ATOM   255 C  "C3'" . DC  A 1 13 ? -4.309  7.115   -7.804  1.00 145.73 ? 19  DC  B "C3'" 1 
ATOM   256 O  "O3'" . DC  A 1 13 ? -5.638  7.307   -8.202  1.00 149.42 ? 19  DC  B "O3'" 1 
ATOM   257 C  "C2'" . DC  A 1 13 ? -4.219  6.804   -6.298  1.00 136.18 ? 19  DC  B "C2'" 1 
ATOM   258 C  "C1'" . DC  A 1 13 ? -3.652  5.395   -6.275  1.00 129.64 ? 19  DC  B "C1'" 1 
ATOM   259 N  N1    . DC  A 1 13 ? -2.778  5.150   -5.147  1.00 120.42 ? 19  DC  B N1    1 
ATOM   260 C  C2    . DC  A 1 13 ? -3.275  4.451   -4.050  1.00 126.59 ? 19  DC  B C2    1 
ATOM   261 O  O2    . DC  A 1 13 ? -4.434  4.046   -4.080  1.00 130.91 ? 19  DC  B O2    1 
ATOM   262 N  N3    . DC  A 1 13 ? -2.481  4.227   -2.992  1.00 123.05 ? 19  DC  B N3    1 
ATOM   263 C  C4    . DC  A 1 13 ? -1.236  4.678   -3.004  1.00 128.94 ? 19  DC  B C4    1 
ATOM   264 N  N4    . DC  A 1 13 ? -0.480  4.425   -1.927  1.00 135.64 ? 19  DC  B N4    1 
ATOM   265 C  C5    . DC  A 1 13 ? -0.704  5.410   -4.119  1.00 122.85 ? 19  DC  B C5    1 
ATOM   266 C  C6    . DC  A 1 13 ? -1.511  5.623   -5.157  1.00 119.06 ? 19  DC  B C6    1 
ATOM   267 P  P     . DG  A 1 14 ? -6.273  8.769   -8.069  1.00 163.38 ? 20  DG  B P     1 
ATOM   268 O  OP1   . DG  A 1 14 ? -6.960  9.110   -9.332  1.00 172.13 ? 20  DG  B OP1   1 
ATOM   269 O  OP2   . DG  A 1 14 ? -5.193  9.645   -7.575  1.00 167.84 ? 20  DG  B OP2   1 
ATOM   270 O  "O5'" . DG  A 1 14 ? -7.314  8.600   -6.890  1.00 146.77 ? 20  DG  B "O5'" 1 
ATOM   271 C  "C5'" . DG  A 1 14 ? -7.994  7.397   -6.751  1.00 142.05 ? 20  DG  B "C5'" 1 
ATOM   272 C  "C4'" . DG  A 1 14 ? -8.205  7.091   -5.288  1.00 146.28 ? 20  DG  B "C4'" 1 
ATOM   273 O  "O4'" . DG  A 1 14 ? -6.938  6.923   -4.644  1.00 135.87 ? 20  DG  B "O4'" 1 
ATOM   274 C  "C3'" . DG  A 1 14 ? -8.910  8.194   -4.497  1.00 144.97 ? 20  DG  B "C3'" 1 
ATOM   275 O  "O3'" . DG  A 1 14 ? -10.261 7.814   -4.255  1.00 151.97 ? 20  DG  B "O3'" 1 
ATOM   276 C  "C2'" . DG  A 1 14 ? -8.096  8.309   -3.197  1.00 135.28 ? 20  DG  B "C2'" 1 
ATOM   277 C  "C1'" . DG  A 1 14 ? -7.145  7.129   -3.284  1.00 136.17 ? 20  DG  B "C1'" 1 
ATOM   278 N  N9    . DG  A 1 14 ? -5.860  7.376   -2.657  1.00 139.54 ? 20  DG  B N9    1 
ATOM   279 C  C8    . DG  A 1 14 ? -4.851  8.201   -3.106  1.00 138.78 ? 20  DG  B C8    1 
ATOM   280 N  N7    . DG  A 1 14 ? -3.804  8.218   -2.314  1.00 139.73 ? 20  DG  B N7    1 
ATOM   281 C  C5    . DG  A 1 14 ? -4.144  7.342   -1.279  1.00 138.05 ? 20  DG  B C5    1 
ATOM   282 C  C6    . DG  A 1 14 ? -3.412  6.946   -0.125  1.00 133.00 ? 20  DG  B C6    1 
ATOM   283 O  O6    . DG  A 1 14 ? -2.284  7.295   0.230   1.00 127.28 ? 20  DG  B O6    1 
ATOM   284 N  N1    . DG  A 1 14 ? -4.126  6.042   0.657   1.00 135.10 ? 20  DG  B N1    1 
ATOM   285 C  C2    . DG  A 1 14 ? -5.391  5.580   0.370   1.00 134.42 ? 20  DG  B C2    1 
ATOM   286 N  N2    . DG  A 1 14 ? -5.924  4.712   1.249   1.00 129.90 ? 20  DG  B N2    1 
ATOM   287 N  N3    . DG  A 1 14 ? -6.089  5.941   -0.704  1.00 135.73 ? 20  DG  B N3    1 
ATOM   288 C  C4    . DG  A 1 14 ? -5.405  6.821   -1.480  1.00 138.60 ? 20  DG  B C4    1 
ATOM   289 P  P     . DG  A 1 15 ? -11.163 8.618   -3.200  1.00 131.15 ? 21  DG  B P     1 
ATOM   290 O  OP1   . DG  A 1 15 ? -12.577 8.257   -3.413  1.00 141.07 ? 21  DG  B OP1   1 
ATOM   291 O  OP2   . DG  A 1 15 ? -10.713 10.021  -3.206  1.00 144.82 ? 21  DG  B OP2   1 
ATOM   292 O  "O5'" . DG  A 1 15 ? -10.753 8.005   -1.814  1.00 133.31 ? 21  DG  B "O5'" 1 
ATOM   293 C  "C5'" . DG  A 1 15 ? -11.624 8.108   -0.733  1.00 144.77 ? 21  DG  B "C5'" 1 
ATOM   294 C  "C4'" . DG  A 1 15 ? -11.047 7.372   0.453   1.00 149.68 ? 21  DG  B "C4'" 1 
ATOM   295 O  "O4'" . DG  A 1 15 ? -9.644  7.138   0.231   1.00 146.98 ? 21  DG  B "O4'" 1 
ATOM   296 C  "C3'" . DG  A 1 15 ? -11.164 8.113   1.754   1.00 143.85 ? 21  DG  B "C3'" 1 
ATOM   297 O  "O3'" . DG  A 1 15 ? -12.252 7.598   2.423   1.00 148.67 ? 21  DG  B "O3'" 1 
ATOM   298 C  "C2'" . DG  A 1 15 ? -9.867  7.798   2.498   1.00 137.00 ? 21  DG  B "C2'" 1 
ATOM   299 C  "C1'" . DG  A 1 15 ? -8.907  7.352   1.409   1.00 139.48 ? 21  DG  B "C1'" 1 
ATOM   300 N  N9    . DG  A 1 15 ? -7.810  8.270   1.081   1.00 136.14 ? 21  DG  B N9    1 
ATOM   301 C  C8    . DG  A 1 15 ? -7.722  9.072   -0.026  1.00 137.60 ? 21  DG  B C8    1 
ATOM   302 N  N7    . DG  A 1 15 ? -6.600  9.726   -0.110  1.00 137.68 ? 21  DG  B N7    1 
ATOM   303 C  C5    . DG  A 1 15 ? -5.881  9.314   0.997   1.00 133.14 ? 21  DG  B C5    1 
ATOM   304 C  C6    . DG  A 1 15 ? -4.590  9.689   1.435   1.00 133.06 ? 21  DG  B C6    1 
ATOM   305 O  O6    . DG  A 1 15 ? -3.794  10.498  0.908   1.00 135.08 ? 21  DG  B O6    1 
ATOM   306 N  N1    . DG  A 1 15 ? -4.247  9.033   2.611   1.00 128.77 ? 21  DG  B N1    1 
ATOM   307 C  C2    . DG  A 1 15 ? -5.047  8.135   3.265   1.00 127.20 ? 21  DG  B C2    1 
ATOM   308 N  N2    . DG  A 1 15 ? -4.549  7.599   4.372   1.00 131.61 ? 21  DG  B N2    1 
ATOM   309 N  N3    . DG  A 1 15 ? -6.250  7.782   2.868   1.00 130.89 ? 21  DG  B N3    1 
ATOM   310 C  C4    . DG  A 1 15 ? -6.602  8.402   1.730   1.00 133.93 ? 21  DG  B C4    1 
ATOM   311 P  P     . DC  A 1 16 ? -13.035 8.504   3.470   1.00 157.58 ? 22  DC  B P     1 
ATOM   312 O  OP1   . DC  A 1 16 ? -14.417 8.659   2.976   1.00 167.73 ? 22  DC  B OP1   1 
ATOM   313 O  OP2   . DC  A 1 16 ? -12.195 9.701   3.730   1.00 161.17 ? 22  DC  B OP2   1 
ATOM   314 O  "O5'" . DC  A 1 16 ? -13.034 7.620   4.795   1.00 151.27 ? 22  DC  B "O5'" 1 
ATOM   315 C  "C5'" . DC  A 1 16 ? -12.743 8.237   6.020   1.00 158.47 ? 22  DC  B "C5'" 1 
ATOM   316 C  "C4'" . DC  A 1 16 ? -11.335 7.918   6.501   1.00 154.19 ? 22  DC  B "C4'" 1 
ATOM   317 O  "O4'" . DC  A 1 16 ? -10.335 8.387   5.575   1.00 148.96 ? 22  DC  B "O4'" 1 
ATOM   318 C  "C3'" . DC  A 1 16 ? -10.976 8.595   7.804   1.00 156.70 ? 22  DC  B "C3'" 1 
ATOM   319 O  "O3'" . DC  A 1 16 ? -11.239 7.730   8.848   1.00 172.51 ? 22  DC  B "O3'" 1 
ATOM   320 C  "C2'" . DC  A 1 16 ? -9.476  8.895   7.693   1.00 153.56 ? 22  DC  B "C2'" 1 
ATOM   321 C  "C1'" . DC  A 1 16 ? -9.118  8.445   6.283   1.00 146.83 ? 22  DC  B "C1'" 1 
ATOM   322 N  N1    . DC  A 1 16 ? -8.130  9.358   5.560   1.00 145.97 ? 22  DC  B N1    1 
ATOM   323 C  C2    . DC  A 1 16 ? -6.846  9.619   6.116   1.00 142.91 ? 22  DC  B C2    1 
ATOM   324 O  O2    . DC  A 1 16 ? -6.525  9.116   7.217   1.00 135.07 ? 22  DC  B O2    1 
ATOM   325 N  N3    . DC  A 1 16 ? -5.988  10.428  5.424   1.00 138.38 ? 22  DC  B N3    1 
ATOM   326 C  C4    . DC  A 1 16 ? -6.350  10.955  4.247   1.00 132.72 ? 22  DC  B C4    1 
ATOM   327 N  N4    . DC  A 1 16 ? -5.470  11.737  3.614   1.00 124.66 ? 22  DC  B N4    1 
ATOM   328 C  C5    . DC  A 1 16 ? -7.632  10.701  3.674   1.00 139.61 ? 22  DC  B C5    1 
ATOM   329 C  C6    . DC  A 1 16 ? -8.475  9.912   4.357   1.00 142.74 ? 22  DC  B C6    1 
ATOM   330 P  P     . DA  A 1 17 ? -12.330 8.141   9.940   1.00 195.25 ? 23  DA  B P     1 
ATOM   331 O  OP1   . DA  A 1 17 ? -12.806 6.912   10.627  1.00 197.35 ? 23  DA  B OP1   1 
ATOM   332 O  OP2   . DA  A 1 17 ? -13.269 9.027   9.211   1.00 192.05 ? 23  DA  B OP2   1 
ATOM   333 O  "O5'" . DA  A 1 17 ? -11.489 9.009   10.983  1.00 183.88 ? 23  DA  B "O5'" 1 
ATOM   334 C  "C5'" . DA  A 1 17 ? -10.274 8.490   11.495  1.00 170.54 ? 23  DA  B "C5'" 1 
ATOM   335 C  "C4'" . DA  A 1 17 ? -9.314  9.612   11.818  1.00 162.15 ? 23  DA  B "C4'" 1 
ATOM   336 O  "O4'" . DA  A 1 17 ? -8.717  10.129  10.599  1.00 159.24 ? 23  DA  B "O4'" 1 
ATOM   337 C  "C3'" . DA  A 1 17 ? -9.947  10.807  12.523  1.00 160.37 ? 23  DA  B "C3'" 1 
ATOM   338 O  "O3'" . DA  A 1 17 ? -9.239  11.060  13.709  1.00 166.27 ? 23  DA  B "O3'" 1 
ATOM   339 C  "C2'" . DA  A 1 17 ? -9.803  11.960  11.512  1.00 153.25 ? 23  DA  B "C2'" 1 
ATOM   340 C  "C1'" . DA  A 1 17 ? -8.583  11.521  10.716  1.00 150.38 ? 23  DA  B "C1'" 1 
ATOM   341 N  N9    . DA  A 1 17 ? -8.494  12.104  9.370   1.00 143.31 ? 23  DA  B N9    1 
ATOM   342 C  C8    . DA  A 1 17 ? -9.457  12.102  8.396   1.00 144.35 ? 23  DA  B C8    1 
ATOM   343 N  N7    . DA  A 1 17 ? -9.088  12.695  7.276   1.00 135.92 ? 23  DA  B N7    1 
ATOM   344 C  C5    . DA  A 1 17 ? -7.788  13.122  7.536   1.00 134.11 ? 23  DA  B C5    1 
ATOM   345 C  C6    . DA  A 1 17 ? -6.818  13.832  6.754   1.00 129.62 ? 23  DA  B C6    1 
ATOM   346 N  N6    . DA  A 1 17 ? -7.023  14.243  5.506   1.00 130.26 ? 23  DA  B N6    1 
ATOM   347 N  N1    . DA  A 1 17 ? -5.628  14.096  7.320   1.00 124.72 ? 23  DA  B N1    1 
ATOM   348 C  C2    . DA  A 1 17 ? -5.416  13.680  8.583   1.00 139.31 ? 23  DA  B C2    1 
ATOM   349 N  N3    . DA  A 1 17 ? -6.237  13.013  9.415   1.00 140.18 ? 23  DA  B N3    1 
ATOM   350 C  C4    . DA  A 1 17 ? -7.413  12.763  8.826   1.00 136.77 ? 23  DA  B C4    1 
ATOM   351 P  P     . DC  A 1 18 ? -9.679  12.269  14.662  1.00 169.68 ? 24  DC  B P     1 
ATOM   352 O  OP1   . DC  A 1 18 ? -9.192  11.935  16.020  1.00 167.10 ? 24  DC  B OP1   1 
ATOM   353 O  OP2   . DC  A 1 18 ? -11.127 12.491  14.421  1.00 159.50 ? 24  DC  B OP2   1 
ATOM   354 O  "O5'" . DC  A 1 18 ? -8.804  13.508  14.137  1.00 146.95 ? 24  DC  B "O5'" 1 
ATOM   355 C  "C5'" . DC  A 1 18 ? -7.398  13.437  14.241  1.00 145.64 ? 24  DC  B "C5'" 1 
ATOM   356 C  "C4'" . DC  A 1 18 ? -6.718  14.505  13.408  1.00 139.97 ? 24  DC  B "C4'" 1 
ATOM   357 O  "O4'" . DC  A 1 18 ? -7.179  14.457  12.049  1.00 133.38 ? 24  DC  B "O4'" 1 
ATOM   358 C  "C3'" . DC  A 1 18 ? -6.956  15.950  13.854  1.00 140.43 ? 24  DC  B "C3'" 1 
ATOM   359 O  "O3'" . DC  A 1 18 ? -5.776  16.488  14.365  1.00 147.81 ? 24  DC  B "O3'" 1 
ATOM   360 C  "C2'" . DC  A 1 18 ? -7.353  16.673  12.576  1.00 136.26 ? 24  DC  B "C2'" 1 
ATOM   361 C  "C1'" . DC  A 1 18 ? -6.876  15.704  11.522  1.00 130.14 ? 24  DC  B "C1'" 1 
ATOM   362 N  N1    . DC  A 1 18 ? -7.543  15.893  10.233  1.00 133.00 ? 24  DC  B N1    1 
ATOM   363 C  C2    . DC  A 1 18 ? -6.856  16.563  9.209   1.00 134.92 ? 24  DC  B C2    1 
ATOM   364 O  O2    . DC  A 1 18 ? -5.684  16.930  9.412   1.00 134.40 ? 24  DC  B O2    1 
ATOM   365 N  N3    . DC  A 1 18 ? -7.481  16.775  8.024   1.00 124.53 ? 24  DC  B N3    1 
ATOM   366 C  C4    . DC  A 1 18 ? -8.731  16.366  7.859   1.00 124.72 ? 24  DC  B C4    1 
ATOM   367 N  N4    . DC  A 1 18 ? -9.300  16.594  6.682   1.00 131.41 ? 24  DC  B N4    1 
ATOM   368 C  C5    . DC  A 1 18 ? -9.454  15.698  8.895   1.00 124.59 ? 24  DC  B C5    1 
ATOM   369 C  C6    . DC  A 1 18 ? -8.829  15.492  10.059  1.00 127.75 ? 24  DC  B C6    1 
ATOM   370 P  P     . DT  A 1 19 ? -5.811  17.290  15.758  1.00 171.28 ? 25  DT  B P     1 
ATOM   371 O  OP1   . DT  A 1 19 ? -4.423  17.338  16.279  1.00 163.39 ? 25  DT  B OP1   1 
ATOM   372 O  OP2   . DT  A 1 19 ? -6.905  16.737  16.591  1.00 160.60 ? 25  DT  B OP2   1 
ATOM   373 O  "O5'" . DT  A 1 19 ? -6.253  18.766  15.359  1.00 156.07 ? 25  DT  B "O5'" 1 
ATOM   374 C  "C5'" . DT  A 1 19 ? -5.508  19.840  15.845  1.00 151.38 ? 25  DT  B "C5'" 1 
ATOM   375 C  "C4'" . DT  A 1 19 ? -4.374  20.127  14.904  1.00 152.89 ? 25  DT  B "C4'" 1 
ATOM   376 O  "O4'" . DT  A 1 19 ? -4.750  19.668  13.574  1.00 136.25 ? 25  DT  B "O4'" 1 
ATOM   377 C  "C3'" . DT  A 1 19 ? -4.050  21.610  14.781  1.00 163.37 ? 25  DT  B "C3'" 1 
ATOM   378 O  "O3'" . DT  A 1 19 ? -2.650  21.827  14.830  1.00 171.30 ? 25  DT  B "O3'" 1 
ATOM   379 C  "C2'" . DT  A 1 19 ? -4.653  21.997  13.429  1.00 156.72 ? 25  DT  B "C2'" 1 
ATOM   380 C  "C1'" . DT  A 1 19 ? -4.530  20.701  12.653  1.00 142.68 ? 25  DT  B "C1'" 1 
ATOM   381 N  N1    . DT  A 1 19 ? -5.499  20.576  11.526  1.00 137.50 ? 25  DT  B N1    1 
ATOM   382 C  C2    . DT  A 1 19 ? -5.095  20.978  10.281  1.00 139.93 ? 25  DT  B C2    1 
ATOM   383 O  O2    . DT  A 1 19 ? -3.982  21.423  10.066  1.00 150.04 ? 25  DT  B O2    1 
ATOM   384 N  N3    . DT  A 1 19 ? -6.036  20.842  9.286   1.00 131.89 ? 25  DT  B N3    1 
ATOM   385 C  C4    . DT  A 1 19 ? -7.313  20.351  9.409   1.00 124.25 ? 25  DT  B C4    1 
ATOM   386 O  O4    . DT  A 1 19 ? -8.072  20.266  8.447   1.00 113.38 ? 25  DT  B O4    1 
ATOM   387 C  C5    . DT  A 1 19 ? -7.689  19.946  10.753  1.00 127.04 ? 25  DT  B C5    1 
ATOM   388 C  C7    . DT  A 1 19 ? -9.060  19.406  11.012  1.00 124.50 ? 25  DT  B C7    1 
ATOM   389 C  C6    . DT  A 1 19 ? -6.772  20.077  11.742  1.00 130.56 ? 25  DT  B C6    1 
ATOM   390 P  P     . DC  A 1 20 ? -2.099  23.318  15.053  1.00 181.91 ? 26  DC  B P     1 
ATOM   391 O  OP1   . DC  A 1 20 ? -0.625  23.300  15.186  1.00 192.54 ? 26  DC  B OP1   1 
ATOM   392 O  OP2   . DC  A 1 20 ? -2.882  23.881  16.172  1.00 193.55 ? 26  DC  B OP2   1 
ATOM   393 O  "O5'" . DC  A 1 20 ? -2.517  24.079  13.705  1.00 166.82 ? 26  DC  B "O5'" 1 
ATOM   394 C  "C5'" . DC  A 1 20 ? -1.799  23.857  12.492  1.00 163.58 ? 26  DC  B "C5'" 1 
ATOM   395 C  "C4'" . DC  A 1 20 ? -2.323  24.769  11.402  1.00 163.16 ? 26  DC  B "C4'" 1 
ATOM   396 O  "O4'" . DC  A 1 20 ? -3.569  24.229  10.872  1.00 160.72 ? 26  DC  B "O4'" 1 
ATOM   397 C  "C3'" . DC  A 1 20 ? -2.656  26.201  11.866  1.00 169.97 ? 26  DC  B "C3'" 1 
ATOM   398 O  "O3'" . DC  A 1 20 ? -2.215  27.171  10.879  1.00 175.38 ? 26  DC  B "O3'" 1 
ATOM   399 C  "C2'" . DC  A 1 20 ? -4.180  26.164  11.973  1.00 163.06 ? 26  DC  B "C2'" 1 
ATOM   400 C  "C1'" . DC  A 1 20 ? -4.497  25.289  10.781  1.00 161.36 ? 26  DC  B "C1'" 1 
ATOM   401 N  N1    . DC  A 1 20 ? -5.917  24.765  10.759  1.00 159.45 ? 26  DC  B N1    1 
ATOM   402 C  C2    . DC  A 1 20 ? -6.535  24.436  9.523   1.00 152.21 ? 26  DC  B C2    1 
ATOM   403 O  O2    . DC  A 1 20 ? -5.887  24.552  8.457   1.00 148.96 ? 26  DC  B O2    1 
ATOM   404 N  N3    . DC  A 1 20 ? -7.823  23.986  9.533   1.00 142.82 ? 26  DC  B N3    1 
ATOM   405 C  C4    . DC  A 1 20 ? -8.489  23.875  10.694  1.00 138.89 ? 26  DC  B C4    1 
ATOM   406 N  N4    . DC  A 1 20 ? -9.751  23.426  10.647  1.00 136.63 ? 26  DC  B N4    1 
ATOM   407 C  C5    . DC  A 1 20 ? -7.886  24.215  11.950  1.00 136.45 ? 26  DC  B C5    1 
ATOM   408 C  C6    . DC  A 1 20 ? -6.619  24.658  11.936  1.00 145.10 ? 26  DC  B C6    1 
ATOM   409 P  P     . DA  A 1 21 ? -2.311  28.758  11.170  1.00 167.84 ? 27  DA  B P     1 
ATOM   410 O  OP1   . DA  A 1 21 ? -0.918  29.257  11.196  1.00 173.45 ? 27  DA  B OP1   1 
ATOM   411 O  OP2   . DA  A 1 21 ? -3.171  28.967  12.362  1.00 154.50 ? 27  DA  B OP2   1 
ATOM   412 O  "O5'" . DA  A 1 21 ? -3.060  29.362  9.870   1.00 158.88 ? 27  DA  B "O5'" 1 
ATOM   413 C  "C5'" . DA  A 1 21 ? -2.309  29.895  8.746   1.00 158.78 ? 27  DA  B "C5'" 1 
ATOM   414 C  "C4'" . DA  A 1 21 ? -2.890  29.410  7.415   1.00 166.19 ? 27  DA  B "C4'" 1 
ATOM   415 O  "O4'" . DA  A 1 21 ? -3.990  28.503  7.668   1.00 165.61 ? 27  DA  B "O4'" 1 
ATOM   416 C  "C3'" . DA  A 1 21 ? -3.504  30.480  6.522   1.00 163.91 ? 27  DA  B "C3'" 1 
ATOM   417 O  "O3'" . DA  A 1 21 ? -3.613  29.978  5.179   1.00 165.94 ? 27  DA  B "O3'" 1 
ATOM   418 C  "C2'" . DA  A 1 21 ? -4.877  30.616  7.150   1.00 154.32 ? 27  DA  B "C2'" 1 
ATOM   419 C  "C1'" . DA  A 1 21 ? -5.211  29.143  7.333   1.00 154.53 ? 27  DA  B "C1'" 1 
ATOM   420 N  N9    . DA  A 1 21 ? -6.165  28.868  8.393   1.00 154.48 ? 27  DA  B N9    1 
ATOM   421 C  C8    . DA  A 1 21 ? -5.993  29.069  9.743   1.00 152.79 ? 27  DA  B C8    1 
ATOM   422 N  N7    . DA  A 1 21 ? -7.025  28.705  10.473  1.00 144.86 ? 27  DA  B N7    1 
ATOM   423 C  C5    . DA  A 1 21 ? -7.934  28.221  9.536   1.00 150.50 ? 27  DA  B C5    1 
ATOM   424 C  C6    . DA  A 1 21 ? -9.235  27.675  9.661   1.00 150.21 ? 27  DA  B C6    1 
ATOM   425 N  N6    . DA  A 1 21 ? -9.872  27.534  10.845  1.00 142.91 ? 27  DA  B N6    1 
ATOM   426 N  N1    . DA  A 1 21 ? -9.867  27.295  8.506   1.00 147.84 ? 27  DA  B N1    1 
ATOM   427 C  C2    . DA  A 1 21 ? -9.224  27.446  7.330   1.00 143.36 ? 27  DA  B C2    1 
ATOM   428 N  N3    . DA  A 1 21 ? -8.005  27.945  7.094   1.00 142.58 ? 27  DA  B N3    1 
ATOM   429 C  C4    . DA  A 1 21 ? -7.410  28.313  8.247   1.00 149.78 ? 27  DA  B C4    1 
ATOM   430 O  "O5'" . DT  B 2 1  ? -19.138 25.306  15.706  1.00 155.62 ? 28  DT  C "O5'" 1 
ATOM   431 C  "C5'" . DT  B 2 1  ? -19.146 26.705  15.471  1.00 157.04 ? 28  DT  C "C5'" 1 
ATOM   432 C  "C4'" . DT  B 2 1  ? -20.112 27.087  14.351  1.00 158.34 ? 28  DT  C "C4'" 1 
ATOM   433 O  "O4'" . DT  B 2 1  ? -20.060 28.516  14.178  1.00 159.28 ? 28  DT  C "O4'" 1 
ATOM   434 C  "C3'" . DT  B 2 1  ? -19.796 26.489  12.977  1.00 159.37 ? 28  DT  C "C3'" 1 
ATOM   435 O  "O3'" . DT  B 2 1  ? -20.651 25.416  12.708  1.00 168.39 ? 28  DT  C "O3'" 1 
ATOM   436 C  "C2'" . DT  B 2 1  ? -20.048 27.620  11.994  1.00 146.78 ? 28  DT  C "C2'" 1 
ATOM   437 C  "C1'" . DT  B 2 1  ? -19.761 28.841  12.835  1.00 156.77 ? 28  DT  C "C1'" 1 
ATOM   438 N  N1    . DT  B 2 1  ? -18.349 29.365  12.757  1.00 154.84 ? 28  DT  C N1    1 
ATOM   439 C  C2    . DT  B 2 1  ? -17.899 29.925  11.579  1.00 151.04 ? 28  DT  C C2    1 
ATOM   440 O  O2    . DT  B 2 1  ? -18.576 29.976  10.565  1.00 150.09 ? 28  DT  C O2    1 
ATOM   441 N  N3    . DT  B 2 1  ? -16.613 30.416  11.628  1.00 149.03 ? 28  DT  C N3    1 
ATOM   442 C  C4    . DT  B 2 1  ? -15.755 30.412  12.718  1.00 151.77 ? 28  DT  C C4    1 
ATOM   443 O  O4    . DT  B 2 1  ? -14.615 30.876  12.659  1.00 146.60 ? 28  DT  C O4    1 
ATOM   444 C  C5    . DT  B 2 1  ? -16.300 29.823  13.928  1.00 154.42 ? 28  DT  C C5    1 
ATOM   445 C  C7    . DT  B 2 1  ? -15.474 29.758  15.176  1.00 152.11 ? 28  DT  C C7    1 
ATOM   446 C  C6    . DT  B 2 1  ? -17.555 29.347  13.890  1.00 154.99 ? 28  DT  C C6    1 
ATOM   447 P  P     . DC  B 2 2  ? -20.060 24.153  11.926  1.00 172.54 ? 29  DC  C P     1 
ATOM   448 O  OP1   . DC  B 2 2  ? -21.123 23.128  11.801  1.00 173.61 ? 29  DC  C OP1   1 
ATOM   449 O  OP2   . DC  B 2 2  ? -18.763 23.869  12.585  1.00 167.89 ? 29  DC  C OP2   1 
ATOM   450 O  "O5'" . DC  B 2 2  ? -19.744 24.721  10.475  1.00 159.42 ? 29  DC  C "O5'" 1 
ATOM   451 C  "C5'" . DC  B 2 2  ? -20.809 25.060  9.636   1.00 158.68 ? 29  DC  C "C5'" 1 
ATOM   452 C  "C4'" . DC  B 2 2  ? -20.308 25.758  8.400   1.00 156.73 ? 29  DC  C "C4'" 1 
ATOM   453 O  "O4'" . DC  B 2 2  ? -19.386 26.812  8.771   1.00 151.56 ? 29  DC  C "O4'" 1 
ATOM   454 C  "C3'" . DC  B 2 2  ? -19.562 24.867  7.434   1.00 153.91 ? 29  DC  C "C3'" 1 
ATOM   455 O  "O3'" . DC  B 2 2  ? -19.888 25.256  6.142   1.00 162.17 ? 29  DC  C "O3'" 1 
ATOM   456 C  "C2'" . DC  B 2 2  ? -18.095 25.146  7.759   1.00 150.37 ? 29  DC  C "C2'" 1 
ATOM   457 C  "C1'" . DC  B 2 2  ? -18.135 26.606  8.157   1.00 145.66 ? 29  DC  C "C1'" 1 
ATOM   458 N  N1    . DC  B 2 2  ? -17.100 26.971  9.143   1.00 139.58 ? 29  DC  C N1    1 
ATOM   459 C  C2    . DC  B 2 2  ? -16.035 27.812  8.768   1.00 138.75 ? 29  DC  C C2    1 
ATOM   460 O  O2    . DC  B 2 2  ? -15.966 28.228  7.596   1.00 135.12 ? 29  DC  C O2    1 
ATOM   461 N  N3    . DC  B 2 2  ? -15.107 28.147  9.701   1.00 137.77 ? 29  DC  C N3    1 
ATOM   462 C  C4    . DC  B 2 2  ? -15.218 27.680  10.954  1.00 140.53 ? 29  DC  C C4    1 
ATOM   463 N  N4    . DC  B 2 2  ? -14.275 28.032  11.838  1.00 137.69 ? 29  DC  C N4    1 
ATOM   464 C  C5    . DC  B 2 2  ? -16.299 26.832  11.352  1.00 138.97 ? 29  DC  C C5    1 
ATOM   465 C  C6    . DC  B 2 2  ? -17.205 26.509  10.425  1.00 138.74 ? 29  DC  C C6    1 
ATOM   466 P  P     . DT  B 2 3  ? -19.698 24.236  4.921   1.00 180.93 ? 30  DT  C P     1 
ATOM   467 O  OP1   . DT  B 2 3  ? -21.025 23.924  4.334   1.00 170.62 ? 30  DT  C OP1   1 
ATOM   468 O  OP2   . DT  B 2 3  ? -18.847 23.131  5.421   1.00 173.76 ? 30  DT  C OP2   1 
ATOM   469 O  "O5'" . DT  B 2 3  ? -18.853 25.101  3.868   1.00 176.21 ? 30  DT  C "O5'" 1 
ATOM   470 C  "C5'" . DT  B 2 3  ? -17.814 25.969  4.339   1.00 174.63 ? 30  DT  C "C5'" 1 
ATOM   471 C  "C4'" . DT  B 2 3  ? -16.629 25.944  3.395   1.00 163.93 ? 30  DT  C "C4'" 1 
ATOM   472 O  "O4'" . DT  B 2 3  ? -15.443 26.414  4.088   1.00 159.17 ? 30  DT  C "O4'" 1 
ATOM   473 C  "C3'" . DT  B 2 3  ? -16.246 24.571  2.922   1.00 151.12 ? 30  DT  C "C3'" 1 
ATOM   474 O  "O3'" . DT  B 2 3  ? -15.446 24.703  1.790   1.00 156.43 ? 30  DT  C "O3'" 1 
ATOM   475 C  "C2'" . DT  B 2 3  ? -15.426 24.088  4.096   1.00 147.31 ? 30  DT  C "C2'" 1 
ATOM   476 C  "C1'" . DT  B 2 3  ? -14.577 25.323  4.306   1.00 144.36 ? 30  DT  C "C1'" 1 
ATOM   477 N  N1    . DT  B 2 3  ? -14.004 25.439  5.657   1.00 132.73 ? 30  DT  C N1    1 
ATOM   478 C  C2    . DT  B 2 3  ? -12.879 26.209  5.829   1.00 129.98 ? 30  DT  C C2    1 
ATOM   479 O  O2    . DT  B 2 3  ? -12.340 26.813  4.919   1.00 131.03 ? 30  DT  C O2    1 
ATOM   480 N  N3    . DT  B 2 3  ? -12.406 26.259  7.113   1.00 128.06 ? 30  DT  C N3    1 
ATOM   481 C  C4    . DT  B 2 3  ? -12.936 25.630  8.225   1.00 133.13 ? 30  DT  C C4    1 
ATOM   482 O  O4    . DT  B 2 3  ? -12.436 25.739  9.348   1.00 129.72 ? 30  DT  C O4    1 
ATOM   483 C  C5    . DT  B 2 3  ? -14.124 24.832  7.972   1.00 134.55 ? 30  DT  C C5    1 
ATOM   484 C  C7    . DT  B 2 3  ? -14.790 24.098  9.099   1.00 125.71 ? 30  DT  C C7    1 
ATOM   485 C  C6    . DT  B 2 3  ? -14.594 24.777  6.710   1.00 133.17 ? 30  DT  C C6    1 
ATOM   486 P  P     . DG  B 2 4  ? -15.414 23.510  0.723   1.00 183.37 ? 31  DG  C P     1 
ATOM   487 O  OP1   . DG  B 2 4  ? -16.790 23.433  0.167   1.00 183.58 ? 31  DG  C OP1   1 
ATOM   488 O  OP2   . DG  B 2 4  ? -14.784 22.346  1.391   1.00 185.36 ? 31  DG  C OP2   1 
ATOM   489 O  "O5'" . DG  B 2 4  ? -14.402 24.000  -0.412  1.00 167.34 ? 31  DG  C "O5'" 1 
ATOM   490 C  "C5'" . DG  B 2 4  ? -13.688 25.193  -0.238  1.00 166.35 ? 31  DG  C "C5'" 1 
ATOM   491 C  "C4'" . DG  B 2 4  ? -12.218 24.916  0.017   1.00 160.26 ? 31  DG  C "C4'" 1 
ATOM   492 O  "O4'" . DG  B 2 4  ? -11.957 24.844  1.443   1.00 151.12 ? 31  DG  C "O4'" 1 
ATOM   493 C  "C3'" . DG  B 2 4  ? -11.675 23.611  -0.556  1.00 155.24 ? 31  DG  C "C3'" 1 
ATOM   494 O  "O3'" . DG  B 2 4  ? -10.343 23.850  -0.964  1.00 163.07 ? 31  DG  C "O3'" 1 
ATOM   495 C  "C2'" . DG  B 2 4  ? -11.707 22.697  0.666   1.00 148.40 ? 31  DG  C "C2'" 1 
ATOM   496 C  "C1'" . DG  B 2 4  ? -11.208 23.687  1.690   1.00 141.38 ? 31  DG  C "C1'" 1 
ATOM   497 N  N9    . DG  B 2 4  ? -11.376 23.305  3.082   1.00 135.21 ? 31  DG  C N9    1 
ATOM   498 C  C8    . DG  B 2 4  ? -12.351 22.506  3.630   1.00 134.32 ? 31  DG  C C8    1 
ATOM   499 N  N7    . DG  B 2 4  ? -12.236 22.362  4.930   1.00 127.63 ? 31  DG  C N7    1 
ATOM   500 C  C5    . DG  B 2 4  ? -11.113 23.119  5.256   1.00 128.51 ? 31  DG  C C5    1 
ATOM   501 C  C6    . DG  B 2 4  ? -10.490 23.347  6.508   1.00 122.50 ? 31  DG  C C6    1 
ATOM   502 O  O6    . DG  B 2 4  ? -10.814 22.913  7.609   1.00 123.50 ? 31  DG  C O6    1 
ATOM   503 N  N1    . DG  B 2 4  ? -9.378  24.177  6.394   1.00 121.57 ? 31  DG  C N1    1 
ATOM   504 C  C2    . DG  B 2 4  ? -8.916  24.718  5.211   1.00 127.68 ? 31  DG  C C2    1 
ATOM   505 N  N2    . DG  B 2 4  ? -7.822  25.492  5.292   1.00 130.03 ? 31  DG  C N2    1 
ATOM   506 N  N3    . DG  B 2 4  ? -9.487  24.515  4.027   1.00 124.14 ? 31  DG  C N3    1 
ATOM   507 C  C4    . DG  B 2 4  ? -10.578 23.705  4.127   1.00 132.58 ? 31  DG  C C4    1 
ATOM   508 P  P     . DA  B 2 5  ? -9.615  22.906  -2.041  1.00 179.80 ? 32  DA  C P     1 
ATOM   509 O  OP1   . DA  B 2 5  ? -9.840  23.550  -3.361  1.00 184.05 ? 32  DA  C OP1   1 
ATOM   510 O  OP2   . DA  B 2 5  ? -9.995  21.500  -1.776  1.00 183.74 ? 32  DA  C OP2   1 
ATOM   511 O  "O5'" . DA  B 2 5  ? -8.068  23.028  -1.669  1.00 161.29 ? 32  DA  C "O5'" 1 
ATOM   512 C  "C5'" . DA  B 2 5  ? -7.511  24.313  -1.420  1.00 168.93 ? 32  DA  C "C5'" 1 
ATOM   513 C  "C4'" . DA  B 2 5  ? -6.304  24.237  -0.495  1.00 164.70 ? 32  DA  C "C4'" 1 
ATOM   514 O  "O4'" . DA  B 2 5  ? -6.712  23.919  0.864   1.00 160.46 ? 32  DA  C "O4'" 1 
ATOM   515 C  "C3'" . DA  B 2 5  ? -5.278  23.183  -0.845  1.00 162.03 ? 32  DA  C "C3'" 1 
ATOM   516 O  "O3'" . DA  B 2 5  ? -4.043  23.608  -0.365  1.00 160.69 ? 32  DA  C "O3'" 1 
ATOM   517 C  "C2'" . DA  B 2 5  ? -5.779  21.977  -0.055  1.00 154.40 ? 32  DA  C "C2'" 1 
ATOM   518 C  "C1'" . DA  B 2 5  ? -6.199  22.648  1.239   1.00 141.48 ? 32  DA  C "C1'" 1 
ATOM   519 N  N9    . DA  B 2 5  ? -7.248  21.942  1.955   1.00 133.97 ? 32  DA  C N9    1 
ATOM   520 C  C8    . DA  B 2 5  ? -8.402  21.420  1.432   1.00 137.66 ? 32  DA  C C8    1 
ATOM   521 N  N7    . DA  B 2 5  ? -9.184  20.866  2.329   1.00 133.70 ? 32  DA  C N7    1 
ATOM   522 C  C5    . DA  B 2 5  ? -8.499  21.047  3.519   1.00 123.67 ? 32  DA  C C5    1 
ATOM   523 C  C6    . DA  B 2 5  ? -8.797  20.690  4.844   1.00 124.23 ? 32  DA  C C6    1 
ATOM   524 N  N6    . DA  B 2 5  ? -9.910  20.045  5.188   1.00 128.83 ? 32  DA  C N6    1 
ATOM   525 N  N1    . DA  B 2 5  ? -7.901  21.020  5.806   1.00 117.63 ? 32  DA  C N1    1 
ATOM   526 C  C2    . DA  B 2 5  ? -6.787  21.667  5.447   1.00 123.29 ? 32  DA  C C2    1 
ATOM   527 N  N3    . DA  B 2 5  ? -6.397  22.060  4.226   1.00 124.04 ? 32  DA  C N3    1 
ATOM   528 C  C4    . DA  B 2 5  ? -7.306  21.712  3.303   1.00 125.32 ? 32  DA  C C4    1 
ATOM   529 P  P     . DG  B 2 6  ? -2.715  22.814  -0.752  1.00 159.13 ? 33  DG  C P     1 
ATOM   530 O  OP1   . DG  B 2 6  ? -2.082  23.665  -1.785  1.00 159.44 ? 33  DG  C OP1   1 
ATOM   531 O  OP2   . DG  B 2 6  ? -3.016  21.381  -1.009  1.00 146.60 ? 33  DG  C OP2   1 
ATOM   532 O  "O5'" . DG  B 2 6  ? -1.898  22.842  0.603   1.00 146.32 ? 33  DG  C "O5'" 1 
ATOM   533 C  "C5'" . DG  B 2 6  ? -2.589  22.665  1.823   1.00 145.24 ? 33  DG  C "C5'" 1 
ATOM   534 C  "C4'" . DG  B 2 6  ? -1.612  22.216  2.867   1.00 144.04 ? 33  DG  C "C4'" 1 
ATOM   535 O  "O4'" . DG  B 2 6  ? -2.291  21.457  3.885   1.00 131.49 ? 33  DG  C "O4'" 1 
ATOM   536 C  "C3'" . DG  B 2 6  ? -0.577  21.271  2.347   1.00 137.36 ? 33  DG  C "C3'" 1 
ATOM   537 O  "O3'" . DG  B 2 6  ? 0.469   21.200  3.282   1.00 142.25 ? 33  DG  C "O3'" 1 
ATOM   538 C  "C2'" . DG  B 2 6  ? -1.377  19.984  2.302   1.00 133.42 ? 33  DG  C "C2'" 1 
ATOM   539 C  "C1'" . DG  B 2 6  ? -2.176  20.092  3.599   1.00 122.58 ? 33  DG  C "C1'" 1 
ATOM   540 N  N9    . DG  B 2 6  ? -3.513  19.557  3.492   1.00 122.50 ? 33  DG  C N9    1 
ATOM   541 C  C8    . DG  B 2 6  ? -4.293  19.515  2.362   1.00 125.89 ? 33  DG  C C8    1 
ATOM   542 N  N7    . DG  B 2 6  ? -5.463  18.968  2.554   1.00 120.45 ? 33  DG  C N7    1 
ATOM   543 C  C5    . DG  B 2 6  ? -5.459  18.634  3.896   1.00 123.99 ? 33  DG  C C5    1 
ATOM   544 C  C6    . DG  B 2 6  ? -6.461  18.011  4.673   1.00 130.30 ? 33  DG  C C6    1 
ATOM   545 O  O6    . DG  B 2 6  ? -7.593  17.623  4.301   1.00 125.49 ? 33  DG  C O6    1 
ATOM   546 N  N1    . DG  B 2 6  ? -6.040  17.847  6.009   1.00 125.17 ? 33  DG  C N1    1 
ATOM   547 C  C2    . DG  B 2 6  ? -4.809  18.243  6.505   1.00 116.73 ? 33  DG  C C2    1 
ATOM   548 N  N2    . DG  B 2 6  ? -4.587  18.009  7.800   1.00 124.23 ? 33  DG  C N2    1 
ATOM   549 N  N3    . DG  B 2 6  ? -3.866  18.830  5.778   1.00 113.21 ? 33  DG  C N3    1 
ATOM   550 C  C4    . DG  B 2 6  ? -4.257  18.991  4.491   1.00 121.18 ? 33  DG  C C4    1 
ATOM   551 P  P     . DT  B 2 7  ? 1.843   20.486  2.882   1.00 151.49 ? 34  DT  C P     1 
ATOM   552 O  OP1   . DT  B 2 7  ? 2.862   20.808  3.932   1.00 126.17 ? 34  DT  C OP1   1 
ATOM   553 O  OP2   . DT  B 2 7  ? 2.069   20.752  1.431   1.00 138.75 ? 34  DT  C OP2   1 
ATOM   554 O  "O5'" . DT  B 2 7  ? 1.442   18.950  2.926   1.00 141.27 ? 34  DT  C "O5'" 1 
ATOM   555 C  "C5'" . DT  B 2 7  ? 2.297   18.034  3.513   1.00 148.13 ? 34  DT  C "C5'" 1 
ATOM   556 C  "C4'" . DT  B 2 7  ? 2.143   18.024  5.016   1.00 128.57 ? 34  DT  C "C4'" 1 
ATOM   557 O  "O4'" . DT  B 2 7  ? 0.741   18.021  5.358   1.00 117.13 ? 34  DT  C "O4'" 1 
ATOM   558 C  "C3'" . DT  B 2 7  ? 2.733   16.786  5.653   1.00 130.77 ? 34  DT  C "C3'" 1 
ATOM   559 O  "O3'" . DT  B 2 7  ? 3.326   17.087  6.825   1.00 135.45 ? 34  DT  C "O3'" 1 
ATOM   560 C  "C2'" . DT  B 2 7  ? 1.553   15.867  5.866   1.00 124.18 ? 34  DT  C "C2'" 1 
ATOM   561 C  "C1'" . DT  B 2 7  ? 0.415   16.843  6.069   1.00 119.22 ? 34  DT  C "C1'" 1 
ATOM   562 N  N1    . DT  B 2 7  ? -0.867  16.338  5.558   1.00 115.85 ? 34  DT  C N1    1 
ATOM   563 C  C2    . DT  B 2 7  ? -1.742  15.732  6.433   1.00 121.27 ? 34  DT  C C2    1 
ATOM   564 O  O2    . DT  B 2 7  ? -1.508  15.595  7.620   1.00 129.98 ? 34  DT  C O2    1 
ATOM   565 N  N3    . DT  B 2 7  ? -2.908  15.297  5.874   1.00 117.79 ? 34  DT  C N3    1 
ATOM   566 C  C4    . DT  B 2 7  ? -3.271  15.392  4.548   1.00 121.63 ? 34  DT  C C4    1 
ATOM   567 O  O4    . DT  B 2 7  ? -4.347  14.965  4.139   1.00 124.44 ? 34  DT  C O4    1 
ATOM   568 C  C5    . DT  B 2 7  ? -2.294  16.035  3.678   1.00 112.29 ? 34  DT  C C5    1 
ATOM   569 C  C7    . DT  B 2 7  ? -2.565  16.200  2.221   1.00 114.38 ? 34  DT  C C7    1 
ATOM   570 C  C6    . DT  B 2 7  ? -1.158  16.467  4.222   1.00 113.14 ? 34  DT  C C6    1 
ATOM   571 P  P     . DG  B 2 8  ? 4.698   16.353  7.113   1.00 129.54 ? 35  DG  C P     1 
ATOM   572 O  OP1   . DG  B 2 8  ? 5.532   17.074  8.115   1.00 144.50 ? 35  DG  C OP1   1 
ATOM   573 O  OP2   . DG  B 2 8  ? 5.080   16.141  5.693   1.00 119.59 ? 35  DG  C OP2   1 
ATOM   574 O  "O5'" . DG  B 2 8  ? 4.272   14.919  7.666   1.00 141.90 ? 35  DG  C "O5'" 1 
ATOM   575 C  "C5'" . DG  B 2 8  ? 3.445   14.781  8.802   1.00 130.85 ? 35  DG  C "C5'" 1 
ATOM   576 C  "C4'" . DG  B 2 8  ? 3.064   13.328  8.939   1.00 127.33 ? 35  DG  C "C4'" 1 
ATOM   577 O  "O4'" . DG  B 2 8  ? 1.683   13.149  8.551   1.00 136.09 ? 35  DG  C "O4'" 1 
ATOM   578 C  "C3'" . DG  B 2 8  ? 3.833   12.455  8.002   1.00 123.63 ? 35  DG  C "C3'" 1 
ATOM   579 O  "O3'" . DG  B 2 8  ? 5.025   12.037  8.625   1.00 113.20 ? 35  DG  C "O3'" 1 
ATOM   580 C  "C2'" . DG  B 2 8  ? 2.884   11.295  7.741   1.00 127.50 ? 35  DG  C "C2'" 1 
ATOM   581 C  "C1'" . DG  B 2 8  ? 1.511   11.923  7.882   1.00 132.44 ? 35  DG  C "C1'" 1 
ATOM   582 N  N9    . DG  B 2 8  ? 0.840   12.162  6.609   1.00 119.80 ? 35  DG  C N9    1 
ATOM   583 C  C8    . DG  B 2 8  ? 1.384   12.702  5.481   1.00 120.27 ? 35  DG  C C8    1 
ATOM   584 N  N7    . DG  B 2 8  ? 0.537   12.801  4.493   1.00 122.01 ? 35  DG  C N7    1 
ATOM   585 C  C5    . DG  B 2 8  ? -0.647  12.285  4.998   1.00 119.82 ? 35  DG  C C5    1 
ATOM   586 C  C6    . DG  B 2 8  ? -1.917  12.128  4.379   1.00 115.00 ? 35  DG  C C6    1 
ATOM   587 O  O6    . DG  B 2 8  ? -2.253  12.429  3.223   1.00 107.79 ? 35  DG  C O6    1 
ATOM   588 N  N1    . DG  B 2 8  ? -2.842  11.556  5.252   1.00 116.18 ? 35  DG  C N1    1 
ATOM   589 C  C2    . DG  B 2 8  ? -2.571  11.189  6.559   1.00 118.59 ? 35  DG  C C2    1 
ATOM   590 N  N2    . DG  B 2 8  ? -3.580  10.651  7.258   1.00 114.96 ? 35  DG  C N2    1 
ATOM   591 N  N3    . DG  B 2 8  ? -1.390  11.335  7.138   1.00 120.57 ? 35  DG  C N3    1 
ATOM   592 C  C4    . DG  B 2 8  ? -0.478  11.887  6.301   1.00 119.76 ? 35  DG  C C4    1 
ATOM   593 P  P     . DG  C 3 1  ? -1.380  -11.545 -12.839 1.00 127.29 ? 36  DG  D P     1 
ATOM   594 O  OP1   . DG  C 3 1  ? -1.278  -11.791 -11.374 1.00 113.73 ? 36  DG  D OP1   1 
ATOM   595 O  OP2   . DG  C 3 1  ? -2.674  -11.734 -13.532 1.00 123.22 ? 36  DG  D OP2   1 
ATOM   596 O  "O5'" . DG  C 3 1  ? -0.755  -10.107 -13.291 1.00 122.25 ? 36  DG  D "O5'" 1 
ATOM   597 C  "C5'" . DG  C 3 1  ? -1.099  -8.881  -12.607 1.00 108.90 ? 36  DG  D "C5'" 1 
ATOM   598 C  "C4'" . DG  C 3 1  ? 0.126   -8.127  -12.057 1.00 110.26 ? 36  DG  D "C4'" 1 
ATOM   599 O  "O4'" . DG  C 3 1  ? -0.137  -7.726  -10.693 1.00 103.43 ? 36  DG  D "O4'" 1 
ATOM   600 C  "C3'" . DG  C 3 1  ? 1.425   -8.912  -11.938 1.00 110.28 ? 36  DG  D "C3'" 1 
ATOM   601 O  "O3'" . DG  C 3 1  ? 2.130   -8.891  -13.152 1.00 112.15 ? 36  DG  D "O3'" 1 
ATOM   602 C  "C2'" . DG  C 3 1  ? 2.196   -8.161  -10.840 1.00 96.61  ? 36  DG  D "C2'" 1 
ATOM   603 C  "C1'" . DG  C 3 1  ? 1.088   -7.511  -10.020 1.00 90.19  ? 36  DG  D "C1'" 1 
ATOM   604 N  N9    . DG  C 3 1  ? 0.942   -8.019  -8.669  1.00 85.81  ? 36  DG  D N9    1 
ATOM   605 C  C8    . DG  C 3 1  ? -0.125  -8.729  -8.173  1.00 94.35  ? 36  DG  D C8    1 
ATOM   606 N  N7    . DG  C 3 1  ? -0.018  -9.009  -6.898  1.00 88.48  ? 36  DG  D N7    1 
ATOM   607 C  C5    . DG  C 3 1  ? 1.193   -8.434  -6.529  1.00 85.01  ? 36  DG  D C5    1 
ATOM   608 C  C6    . DG  C 3 1  ? 1.846   -8.403  -5.275  1.00 84.88  ? 36  DG  D C6    1 
ATOM   609 O  O6    . DG  C 3 1  ? 1.475   -8.907  -4.213  1.00 92.82  ? 36  DG  D O6    1 
ATOM   610 N  N1    . DG  C 3 1  ? 3.034   -7.718  -5.320  1.00 79.51  ? 36  DG  D N1    1 
ATOM   611 C  C2    . DG  C 3 1  ? 3.548   -7.136  -6.442  1.00 94.32  ? 36  DG  D C2    1 
ATOM   612 N  N2    . DG  C 3 1  ? 4.724   -6.504  -6.299  1.00 104.18 ? 36  DG  D N2    1 
ATOM   613 N  N3    . DG  C 3 1  ? 2.953   -7.156  -7.634  1.00 94.85  ? 36  DG  D N3    1 
ATOM   614 C  C4    . DG  C 3 1  ? 1.785   -7.819  -7.602  1.00 88.90  ? 36  DG  D C4    1 
ATOM   615 P  P     . DG  C 3 2  ? 3.130   -10.102 -13.486 1.00 113.75 ? 37  DG  D P     1 
ATOM   616 O  OP1   . DG  C 3 2  ? 3.513   -9.995  -14.913 1.00 120.08 ? 37  DG  D OP1   1 
ATOM   617 O  OP2   . DG  C 3 2  ? 2.528   -11.354 -13.002 1.00 117.51 ? 37  DG  D OP2   1 
ATOM   618 O  "O5'" . DG  C 3 2  ? 4.354   -9.870  -12.500 1.00 103.37 ? 37  DG  D "O5'" 1 
ATOM   619 C  "C5'" . DG  C 3 2  ? 5.356   -8.919  -12.788 1.00 104.37 ? 37  DG  D "C5'" 1 
ATOM   620 C  "C4'" . DG  C 3 2  ? 6.037   -8.626  -11.497 1.00 111.00 ? 37  DG  D "C4'" 1 
ATOM   621 O  "O4'" . DG  C 3 2  ? 5.062   -8.842  -10.475 1.00 101.75 ? 37  DG  D "O4'" 1 
ATOM   622 C  "C3'" . DG  C 3 2  ? 7.140   -9.614  -11.126 1.00 127.27 ? 37  DG  D "C3'" 1 
ATOM   623 O  "O3'" . DG  C 3 2  ? 8.433   -9.159  -11.623 1.00 149.44 ? 37  DG  D "O3'" 1 
ATOM   624 C  "C2'" . DG  C 3 2  ? 7.083   -9.667  -9.578  1.00 111.09 ? 37  DG  D "C2'" 1 
ATOM   625 C  "C1'" . DG  C 3 2  ? 5.731   -9.036  -9.256  1.00 100.90 ? 37  DG  D "C1'" 1 
ATOM   626 N  N9    . DG  C 3 2  ? 4.866   -9.822  -8.401  1.00 89.36  ? 37  DG  D N9    1 
ATOM   627 C  C8    . DG  C 3 2  ? 3.688   -10.413 -8.777  1.00 91.51  ? 37  DG  D C8    1 
ATOM   628 N  N7    . DG  C 3 2  ? 3.084   -11.028 -7.802  1.00 87.38  ? 37  DG  D N7    1 
ATOM   629 C  C5    . DG  C 3 2  ? 3.910   -10.833 -6.711  1.00 90.09  ? 37  DG  D C5    1 
ATOM   630 C  C6    . DG  C 3 2  ? 3.760   -11.281 -5.371  1.00 95.97  ? 37  DG  D C6    1 
ATOM   631 O  O6    . DG  C 3 2  ? 2.826   -11.958 -4.887  1.00 95.31  ? 37  DG  D O6    1 
ATOM   632 N  N1    . DG  C 3 2  ? 4.830   -10.863 -4.572  1.00 94.07  ? 37  DG  D N1    1 
ATOM   633 C  C2    . DG  C 3 2  ? 5.900   -10.110 -5.023  1.00 97.68  ? 37  DG  D C2    1 
ATOM   634 N  N2    . DG  C 3 2  ? 6.827   -9.803  -4.107  1.00 107.39 ? 37  DG  D N2    1 
ATOM   635 N  N3    . DG  C 3 2  ? 6.049   -9.684  -6.287  1.00 88.60  ? 37  DG  D N3    1 
ATOM   636 C  C4    . DG  C 3 2  ? 5.018   -10.083 -7.064  1.00 87.51  ? 37  DG  D C4    1 
ATOM   637 P  P     . DT  C 3 3  ? 9.562   -10.216 -12.098 1.00 143.65 ? 38  DT  D P     1 
ATOM   638 O  OP1   . DT  C 3 3  ? 10.265  -9.631  -13.276 1.00 127.74 ? 38  DT  D OP1   1 
ATOM   639 O  OP2   . DT  C 3 3  ? 8.857   -11.520 -12.271 1.00 129.47 ? 38  DT  D OP2   1 
ATOM   640 O  "O5'" . DT  C 3 3  ? 10.589  -10.267 -10.851 1.00 112.73 ? 38  DT  D "O5'" 1 
ATOM   641 C  "C5'" . DT  C 3 3  ? 10.240  -10.940 -9.686  1.00 105.65 ? 38  DT  D "C5'" 1 
ATOM   642 C  "C4'" . DT  C 3 3  ? 11.055  -10.451 -8.518  1.00 111.93 ? 38  DT  D "C4'" 1 
ATOM   643 O  "O4'" . DT  C 3 3  ? 10.208  -10.392 -7.361  1.00 118.57 ? 38  DT  D "O4'" 1 
ATOM   644 C  "C3'" . DT  C 3 3  ? 12.147  -11.392 -8.089  1.00 132.56 ? 38  DT  D "C3'" 1 
ATOM   645 O  "O3'" . DT  C 3 3  ? 13.044  -10.733 -7.194  1.00 151.88 ? 38  DT  D "O3'" 1 
ATOM   646 C  "C2'" . DT  C 3 3  ? 11.342  -12.457 -7.361  1.00 131.28 ? 38  DT  D "C2'" 1 
ATOM   647 C  "C1'" . DT  C 3 3  ? 10.314  -11.609 -6.628  1.00 117.98 ? 38  DT  D "C1'" 1 
ATOM   648 N  N1    . DT  C 3 3  ? 8.937   -12.244 -6.549  1.00 115.75 ? 38  DT  D N1    1 
ATOM   649 C  C2    . DT  C 3 3  ? 8.388   -12.566 -5.312  1.00 116.39 ? 38  DT  D C2    1 
ATOM   650 O  O2    . DT  C 3 3  ? 8.962   -12.381 -4.243  1.00 119.52 ? 38  DT  D O2    1 
ATOM   651 N  N3    . DT  C 3 3  ? 7.127   -13.114 -5.375  1.00 108.05 ? 38  DT  D N3    1 
ATOM   652 C  C4    . DT  C 3 3  ? 6.388   -13.372 -6.522  1.00 100.84 ? 38  DT  D C4    1 
ATOM   653 O  O4    . DT  C 3 3  ? 5.271   -13.867 -6.486  1.00 104.75 ? 38  DT  D O4    1 
ATOM   654 C  C5    . DT  C 3 3  ? 7.024   -13.021 -7.762  1.00 94.98  ? 38  DT  D C5    1 
ATOM   655 C  C7    . DT  C 3 3  ? 6.324   -13.252 -9.052  1.00 92.30  ? 38  DT  D C7    1 
ATOM   656 C  C6    . DT  C 3 3  ? 8.242   -12.487 -7.720  1.00 108.95 ? 38  DT  D C6    1 
ATOM   657 P  P     . DC  C 3 4  ? 14.494  -11.375 -6.891  1.00 169.32 ? 39  DC  D P     1 
ATOM   658 O  OP1   . DC  C 3 4  ? 15.492  -10.260 -6.863  1.00 154.21 ? 39  DC  D OP1   1 
ATOM   659 O  OP2   . DC  C 3 4  ? 14.664  -12.527 -7.826  1.00 148.12 ? 39  DC  D OP2   1 
ATOM   660 O  "O5'" . DC  C 3 4  ? 14.338  -12.000 -5.424  1.00 140.89 ? 39  DC  D "O5'" 1 
ATOM   661 C  "C5'" . DC  C 3 4  ? 14.101  -13.385 -5.276  1.00 142.01 ? 39  DC  D "C5'" 1 
ATOM   662 C  "C4'" . DC  C 3 4  ? 13.612  -13.695 -3.882  1.00 150.65 ? 39  DC  D "C4'" 1 
ATOM   663 O  "O4'" . DC  C 3 4  ? 12.165  -13.809 -3.895  1.00 140.52 ? 39  DC  D "O4'" 1 
ATOM   664 C  "C3'" . DC  C 3 4  ? 14.124  -15.009 -3.307  1.00 168.15 ? 39  DC  D "C3'" 1 
ATOM   665 O  "O3'" . DC  C 3 4  ? 14.286  -14.889 -1.896  1.00 181.25 ? 39  DC  D "O3'" 1 
ATOM   666 C  "C2'" . DC  C 3 4  ? 13.006  -15.981 -3.663  1.00 161.79 ? 39  DC  D "C2'" 1 
ATOM   667 C  "C1'" . DC  C 3 4  ? 11.781  -15.100 -3.466  1.00 144.64 ? 39  DC  D "C1'" 1 
ATOM   668 N  N1    . DC  C 3 4  ? 10.621  -15.520 -4.276  1.00 130.46 ? 39  DC  D N1    1 
ATOM   669 C  C2    . DC  C 3 4  ? 9.491   -16.088 -3.655  1.00 128.94 ? 39  DC  D C2    1 
ATOM   670 O  O2    . DC  C 3 4  ? 9.484   -16.238 -2.417  1.00 130.75 ? 39  DC  D O2    1 
ATOM   671 N  N3    . DC  C 3 4  ? 8.438   -16.458 -4.430  1.00 120.74 ? 39  DC  D N3    1 
ATOM   672 C  C4    . DC  C 3 4  ? 8.492   -16.279 -5.759  1.00 117.12 ? 39  DC  D C4    1 
ATOM   673 N  N4    . DC  C 3 4  ? 7.436   -16.653 -6.488  1.00 115.53 ? 39  DC  D N4    1 
ATOM   674 C  C5    . DC  C 3 4  ? 9.631   -15.703 -6.399  1.00 117.21 ? 39  DC  D C5    1 
ATOM   675 C  C6    . DC  C 3 4  ? 10.660  -15.346 -5.628  1.00 122.69 ? 39  DC  D C6    1 
ATOM   676 P  P     . DT  C 3 5  ? 15.538  -15.579 -1.158  1.00 201.73 ? 40  DT  D P     1 
ATOM   677 O  OP1   . DT  C 3 5  ? 15.203  -15.528 0.287   1.00 196.33 ? 40  DT  D OP1   1 
ATOM   678 O  OP2   . DT  C 3 5  ? 16.801  -14.973 -1.652  1.00 198.68 ? 40  DT  D OP2   1 
ATOM   679 O  "O5'" . DT  C 3 5  ? 15.533  -17.086 -1.706  1.00 197.48 ? 40  DT  D "O5'" 1 
ATOM   680 C  "C5'" . DT  C 3 5  ? 16.103  -18.125 -0.930  1.00 201.26 ? 40  DT  D "C5'" 1 
ATOM   681 C  "C4'" . DT  C 3 5  ? 15.108  -18.609 0.101   1.00 194.44 ? 40  DT  D "C4'" 1 
ATOM   682 O  "O4'" . DT  C 3 5  ? 13.762  -18.472 -0.441  1.00 184.03 ? 40  DT  D "O4'" 1 
ATOM   683 C  "C3'" . DT  C 3 5  ? 15.256  -20.079 0.490   1.00 197.97 ? 40  DT  D "C3'" 1 
ATOM   684 O  "O3'" . DT  C 3 5  ? 14.859  -20.287 1.873   1.00 206.02 ? 40  DT  D "O3'" 1 
ATOM   685 C  "C2'" . DT  C 3 5  ? 14.305  -20.748 -0.485  1.00 188.27 ? 40  DT  D "C2'" 1 
ATOM   686 C  "C1'" . DT  C 3 5  ? 13.163  -19.745 -0.528  1.00 182.54 ? 40  DT  D "C1'" 1 
ATOM   687 N  N1    . DT  C 3 5  ? 12.330  -19.830 -1.779  1.00 172.93 ? 40  DT  D N1    1 
ATOM   688 C  C2    . DT  C 3 5  ? 11.037  -20.296 -1.674  1.00 169.75 ? 40  DT  D C2    1 
ATOM   689 O  O2    . DT  C 3 5  ? 10.532  -20.629 -0.610  1.00 173.06 ? 40  DT  D O2    1 
ATOM   690 N  N3    . DT  C 3 5  ? 10.345  -20.349 -2.865  1.00 161.90 ? 40  DT  D N3    1 
ATOM   691 C  C4    . DT  C 3 5  ? 10.808  -19.993 -4.129  1.00 154.23 ? 40  DT  D C4    1 
ATOM   692 O  O4    . DT  C 3 5  ? 10.102  -20.076 -5.139  1.00 146.98 ? 40  DT  D O4    1 
ATOM   693 C  C5    . DT  C 3 5  ? 12.179  -19.518 -4.171  1.00 155.30 ? 40  DT  D C5    1 
ATOM   694 C  C7    . DT  C 3 5  ? 12.788  -19.105 -5.480  1.00 138.20 ? 40  DT  D C7    1 
ATOM   695 C  C6    . DT  C 3 5  ? 12.870  -19.464 -3.007  1.00 163.48 ? 40  DT  D C6    1 
ATOM   696 P  P     . DG  C 3 6  ? 14.854  -21.762 2.529   1.00 196.48 ? 41  DG  D P     1 
ATOM   697 O  OP1   . DG  C 3 6  ? 15.021  -21.632 3.997   1.00 193.45 ? 41  DG  D OP1   1 
ATOM   698 O  OP2   . DG  C 3 6  ? 15.776  -22.625 1.762   1.00 198.28 ? 41  DG  D OP2   1 
ATOM   699 O  "O5'" . DG  C 3 6  ? 13.383  -22.289 2.232   1.00 187.90 ? 41  DG  D "O5'" 1 
ATOM   700 C  "C5'" . DG  C 3 6  ? 12.368  -22.165 3.212   1.00 188.48 ? 41  DG  D "C5'" 1 
ATOM   701 C  "C4'" . DG  C 3 6  ? 11.407  -23.332 3.111   1.00 187.55 ? 41  DG  D "C4'" 1 
ATOM   702 O  "O4'" . DG  C 3 6  ? 10.901  -23.420 1.751   1.00 184.44 ? 41  DG  D "O4'" 1 
ATOM   703 C  "C3'" . DG  C 3 6  ? 12.014  -24.697 3.417   1.00 190.02 ? 41  DG  D "C3'" 1 
ATOM   704 O  "O3'" . DG  C 3 6  ? 11.032  -25.539 4.026   1.00 200.11 ? 41  DG  D "O3'" 1 
ATOM   705 C  "C2'" . DG  C 3 6  ? 12.440  -25.210 2.037   1.00 181.63 ? 41  DG  D "C2'" 1 
ATOM   706 C  "C1'" . DG  C 3 6  ? 11.411  -24.576 1.101   1.00 177.78 ? 41  DG  D "C1'" 1 
ATOM   707 N  N9    . DG  C 3 6  ? 11.975  -24.178 -0.190  1.00 167.68 ? 41  DG  D N9    1 
ATOM   708 C  C8    . DG  C 3 6  ? 13.251  -23.736 -0.433  1.00 164.60 ? 41  DG  D C8    1 
ATOM   709 N  N7    . DG  C 3 6  ? 13.475  -23.452 -1.686  1.00 164.30 ? 41  DG  D N7    1 
ATOM   710 C  C5    . DG  C 3 6  ? 12.269  -23.733 -2.319  1.00 165.81 ? 41  DG  D C5    1 
ATOM   711 C  C6    . DG  C 3 6  ? 11.900  -23.624 -3.689  1.00 159.28 ? 41  DG  D C6    1 
ATOM   712 O  O6    . DG  C 3 6  ? 12.592  -23.240 -4.650  1.00 155.55 ? 41  DG  D O6    1 
ATOM   713 N  N1    . DG  C 3 6  ? 10.578  -24.016 -3.894  1.00 152.59 ? 41  DG  D N1    1 
ATOM   714 C  C2    . DG  C 3 6  ? 9.727   -24.456 -2.909  1.00 154.34 ? 41  DG  D C2    1 
ATOM   715 N  N2    . DG  C 3 6  ? 8.495   -24.794 -3.299  1.00 156.50 ? 41  DG  D N2    1 
ATOM   716 N  N3    . DG  C 3 6  ? 10.060  -24.562 -1.630  1.00 157.88 ? 41  DG  D N3    1 
ATOM   717 C  C4    . DG  C 3 6  ? 11.339  -24.186 -1.409  1.00 164.13 ? 41  DG  D C4    1 
ATOM   718 P  P     . DC  C 3 7  ? 11.349  -27.083 4.352   1.00 196.33 ? 42  DC  D P     1 
ATOM   719 O  OP1   . DC  C 3 7  ? 10.712  -27.408 5.652   1.00 196.20 ? 42  DC  D OP1   1 
ATOM   720 O  OP2   . DC  C 3 7  ? 12.798  -27.316 4.151   1.00 199.75 ? 42  DC  D OP2   1 
ATOM   721 O  "O5'" . DC  C 3 7  ? 10.539  -27.874 3.227   1.00 183.81 ? 42  DC  D "O5'" 1 
ATOM   722 C  "C5'" . DC  C 3 7  ? 9.118   -27.759 3.168   1.00 182.10 ? 42  DC  D "C5'" 1 
ATOM   723 C  "C4'" . DC  C 3 7  ? 8.590   -28.270 1.839   1.00 181.08 ? 42  DC  D "C4'" 1 
ATOM   724 O  "O4'" . DC  C 3 7  ? 9.289   -27.603 0.753   1.00 176.10 ? 42  DC  D "O4'" 1 
ATOM   725 C  "C3'" . DC  C 3 7  ? 8.770   -29.779 1.608   1.00 181.73 ? 42  DC  D "C3'" 1 
ATOM   726 O  "O3'" . DC  C 3 7  ? 7.572   -30.344 1.073   1.00 178.68 ? 42  DC  D "O3'" 1 
ATOM   727 C  "C2'" . DC  C 3 7  ? 9.923   -29.852 0.605   1.00 176.71 ? 42  DC  D "C2'" 1 
ATOM   728 C  "C1'" . DC  C 3 7  ? 9.717   -28.566 -0.184  1.00 173.10 ? 42  DC  D "C1'" 1 
ATOM   729 N  N1    . DC  C 3 7  ? 10.957  -28.072 -0.880  1.00 166.56 ? 42  DC  D N1    1 
ATOM   730 C  C2    . DC  C 3 7  ? 10.946  -27.927 -2.266  1.00 162.21 ? 42  DC  D C2    1 
ATOM   731 O  O2    . DC  C 3 7  ? 9.908   -28.209 -2.886  1.00 166.65 ? 42  DC  D O2    1 
ATOM   732 N  N3    . DC  C 3 7  ? 12.062  -27.481 -2.893  1.00 155.33 ? 42  DC  D N3    1 
ATOM   733 C  C4    . DC  C 3 7  ? 13.149  -27.198 -2.187  1.00 151.71 ? 42  DC  D C4    1 
ATOM   734 N  N4    . DC  C 3 7  ? 14.216  -26.772 -2.845  1.00 154.49 ? 42  DC  D N4    1 
ATOM   735 C  C5    . DC  C 3 7  ? 13.186  -27.337 -0.771  1.00 159.52 ? 42  DC  D C5    1 
ATOM   736 C  C6    . DC  C 3 7  ? 12.079  -27.773 -0.163  1.00 166.90 ? 42  DC  D C6    1 
ATOM   737 P  P     . DC  D 4 1  ? 4.665   6.216   5.711   1.00 149.83 ? 1   DC  A P     1 
ATOM   738 O  OP1   . DC  D 4 1  ? 6.096   5.818   5.788   1.00 138.88 ? 1   DC  A OP1   1 
ATOM   739 O  OP2   . DC  D 4 1  ? 4.208   7.224   4.724   1.00 131.13 ? 1   DC  A OP2   1 
ATOM   740 O  "O5'" . DC  D 4 1  ? 4.202   6.794   7.123   1.00 135.35 ? 1   DC  A "O5'" 1 
ATOM   741 C  "C5'" . DC  D 4 1  ? 3.429   7.974   7.166   1.00 128.77 ? 1   DC  A "C5'" 1 
ATOM   742 C  "C4'" . DC  D 4 1  ? 2.072   7.723   7.801   1.00 137.39 ? 1   DC  A "C4'" 1 
ATOM   743 O  "O4'" . DC  D 4 1  ? 1.153   8.754   7.399   1.00 136.74 ? 1   DC  A "O4'" 1 
ATOM   744 C  "C3'" . DC  D 4 1  ? 1.421   6.422   7.414   1.00 135.42 ? 1   DC  A "C3'" 1 
ATOM   745 O  "O3'" . DC  D 4 1  ? 1.808   5.468   8.344   1.00 140.15 ? 1   DC  A "O3'" 1 
ATOM   746 C  "C2'" . DC  D 4 1  ? -0.070  6.736   7.511   1.00 128.28 ? 1   DC  A "C2'" 1 
ATOM   747 C  "C1'" . DC  D 4 1  ? -0.111  8.211   7.136   1.00 126.84 ? 1   DC  A "C1'" 1 
ATOM   748 N  N1    . DC  D 4 1  ? -0.412  8.521   5.720   1.00 120.03 ? 1   DC  A N1    1 
ATOM   749 C  C2    . DC  D 4 1  ? -1.684  8.300   5.226   1.00 126.76 ? 1   DC  A C2    1 
ATOM   750 O  O2    . DC  D 4 1  ? -2.514  7.787   5.967   1.00 143.05 ? 1   DC  A O2    1 
ATOM   751 N  N3    . DC  D 4 1  ? -1.971  8.633   3.945   1.00 120.44 ? 1   DC  A N3    1 
ATOM   752 C  C4    . DC  D 4 1  ? -1.041  9.185   3.184   1.00 128.42 ? 1   DC  A C4    1 
ATOM   753 N  N4    . DC  D 4 1  ? -1.363  9.499   1.919   1.00 133.88 ? 1   DC  A N4    1 
ATOM   754 C  C5    . DC  D 4 1  ? 0.269   9.444   3.681   1.00 130.29 ? 1   DC  A C5    1 
ATOM   755 C  C6    . DC  D 4 1  ? 0.531   9.108   4.948   1.00 122.90 ? 1   DC  A C6    1 
ATOM   756 P  P     . DC  D 4 2  ? 2.013   3.965   7.883   1.00 134.48 ? 2   DC  A P     1 
ATOM   757 O  OP1   . DC  D 4 2  ? 2.809   3.298   8.938   1.00 160.09 ? 2   DC  A OP1   1 
ATOM   758 O  OP2   . DC  D 4 2  ? 2.464   3.956   6.473   1.00 130.78 ? 2   DC  A OP2   1 
ATOM   759 O  "O5'" . DC  D 4 2  ? 0.536   3.419   7.867   1.00 132.82 ? 2   DC  A "O5'" 1 
ATOM   760 C  "C5'" . DC  D 4 2  ? -0.286  3.475   9.011   1.00 133.76 ? 2   DC  A "C5'" 1 
ATOM   761 C  "C4'" . DC  D 4 2  ? -1.663  2.974   8.641   1.00 137.31 ? 2   DC  A "C4'" 1 
ATOM   762 O  "O4'" . DC  D 4 2  ? -2.185  3.824   7.586   1.00 136.16 ? 2   DC  A "O4'" 1 
ATOM   763 C  "C3'" . DC  D 4 2  ? -1.667  1.564   8.027   1.00 142.54 ? 2   DC  A "C3'" 1 
ATOM   764 O  "O3'" . DC  D 4 2  ? -2.961  0.994   8.075   1.00 146.19 ? 2   DC  A "O3'" 1 
ATOM   765 C  "C2'" . DC  D 4 2  ? -1.346  1.882   6.600   1.00 141.53 ? 2   DC  A "C2'" 1 
ATOM   766 C  "C1'" . DC  D 4 2  ? -2.315  3.031   6.418   1.00 139.52 ? 2   DC  A "C1'" 1 
ATOM   767 N  N1    . DC  D 4 2  ? -2.037  3.803   5.218   1.00 131.59 ? 2   DC  A N1    1 
ATOM   768 C  C2    . DC  D 4 2  ? -3.058  3.984   4.314   1.00 122.75 ? 2   DC  A C2    1 
ATOM   769 O  O2    . DC  D 4 2  ? -4.172  3.541   4.596   1.00 121.57 ? 2   DC  A O2    1 
ATOM   770 N  N3    . DC  D 4 2  ? -2.809  4.647   3.169   1.00 124.81 ? 2   DC  A N3    1 
ATOM   771 C  C4    . DC  D 4 2  ? -1.582  5.101   2.919   1.00 128.44 ? 2   DC  A C4    1 
ATOM   772 N  N4    . DC  D 4 2  ? -1.383  5.757   1.773   1.00 125.21 ? 2   DC  A N4    1 
ATOM   773 C  C5    . DC  D 4 2  ? -0.505  4.900   3.833   1.00 130.14 ? 2   DC  A C5    1 
ATOM   774 C  C6    . DC  D 4 2  ? -0.773  4.235   4.955   1.00 134.13 ? 2   DC  A C6    1 
ATOM   775 P  P     . DG  D 4 3  ? -3.265  -0.394  7.304   1.00 142.75 ? 3   DG  A P     1 
ATOM   776 O  OP1   . DG  D 4 3  ? -2.737  -1.426  8.217   1.00 148.93 ? 3   DG  A OP1   1 
ATOM   777 O  OP2   . DG  D 4 3  ? -2.829  -0.399  5.879   1.00 126.87 ? 3   DG  A OP2   1 
ATOM   778 O  "O5'" . DG  D 4 3  ? -4.864  -0.491  7.346   1.00 138.73 ? 3   DG  A "O5'" 1 
ATOM   779 C  "C5'" . DG  D 4 3  ? -5.540  -1.486  6.588   1.00 138.55 ? 3   DG  A "C5'" 1 
ATOM   780 C  "C4'" . DG  D 4 3  ? -6.046  -0.926  5.267   1.00 137.18 ? 3   DG  A "C4'" 1 
ATOM   781 O  "O4'" . DG  D 4 3  ? -5.143  0.074   4.772   1.00 128.59 ? 3   DG  A "O4'" 1 
ATOM   782 C  "C3'" . DG  D 4 3  ? -6.156  -1.955  4.138   1.00 142.60 ? 3   DG  A "C3'" 1 
ATOM   783 O  "O3'" . DG  D 4 3  ? -7.515  -2.367  3.968   1.00 154.96 ? 3   DG  A "O3'" 1 
ATOM   784 C  "C2'" . DG  D 4 3  ? -5.617  -1.230  2.890   1.00 131.37 ? 3   DG  A "C2'" 1 
ATOM   785 C  "C1'" . DG  D 4 3  ? -5.346  0.173   3.392   1.00 124.89 ? 3   DG  A "C1'" 1 
ATOM   786 N  N9    . DG  D 4 3  ? -4.188  0.801   2.797   1.00 122.97 ? 3   DG  A N9    1 
ATOM   787 C  C8    . DG  D 4 3  ? -2.940  0.929   3.350   1.00 128.78 ? 3   DG  A C8    1 
ATOM   788 N  N7    . DG  D 4 3  ? -2.105  1.578   2.588   1.00 131.92 ? 3   DG  A N7    1 
ATOM   789 C  C5    . DG  D 4 3  ? -2.852  1.910   1.468   1.00 123.82 ? 3   DG  A C5    1 
ATOM   790 C  C6    . DG  D 4 3  ? -2.480  2.618   0.301   1.00 122.73 ? 3   DG  A C6    1 
ATOM   791 O  O6    . DG  D 4 3  ? -1.384  3.110   0.018   1.00 122.78 ? 3   DG  A O6    1 
ATOM   792 N  N1    . DG  D 4 3  ? -3.532  2.727   -0.586  1.00 123.75 ? 3   DG  A N1    1 
ATOM   793 C  C2    . DG  D 4 3  ? -4.788  2.210   -0.376  1.00 126.65 ? 3   DG  A C2    1 
ATOM   794 N  N2    . DG  D 4 3  ? -5.681  2.407   -1.356  1.00 130.76 ? 3   DG  A N2    1 
ATOM   795 N  N3    . DG  D 4 3  ? -5.151  1.542   0.717   1.00 120.97 ? 3   DG  A N3    1 
ATOM   796 C  C4    . DG  D 4 3  ? -4.137  1.439   1.589   1.00 119.87 ? 3   DG  A C4    1 
ATOM   797 P  P     . DT  D 4 4  ? -7.853  -3.766  3.245   1.00 155.72 ? 4   DT  A P     1 
ATOM   798 O  OP1   . DT  D 4 4  ? -9.200  -4.211  3.681   1.00 159.24 ? 4   DT  A OP1   1 
ATOM   799 O  OP2   . DT  D 4 4  ? -6.688  -4.653  3.470   1.00 159.01 ? 4   DT  A OP2   1 
ATOM   800 O  "O5'" . DT  D 4 4  ? -7.966  -3.367  1.698   1.00 136.77 ? 4   DT  A "O5'" 1 
ATOM   801 C  "C5'" . DT  D 4 4  ? -8.987  -2.465  1.282   1.00 138.23 ? 4   DT  A "C5'" 1 
ATOM   802 C  "C4'" . DT  D 4 4  ? -8.822  -2.094  -0.171  1.00 129.79 ? 4   DT  A "C4'" 1 
ATOM   803 O  "O4'" . DT  D 4 4  ? -7.583  -1.350  -0.352  1.00 129.09 ? 4   DT  A "O4'" 1 
ATOM   804 C  "C3'" . DT  D 4 4  ? -8.734  -3.279  -1.135  1.00 121.17 ? 4   DT  A "C3'" 1 
ATOM   805 O  "O3'" . DT  D 4 4  ? -9.452  -2.964  -2.316  1.00 122.91 ? 4   DT  A "O3'" 1 
ATOM   806 C  "C2'" . DT  D 4 4  ? -7.234  -3.347  -1.405  1.00 132.05 ? 4   DT  A "C2'" 1 
ATOM   807 C  "C1'" . DT  D 4 4  ? -6.946  -1.873  -1.482  1.00 119.16 ? 4   DT  A "C1'" 1 
ATOM   808 N  N1    . DT  D 4 4  ? -5.507  -1.480  -1.486  1.00 109.81 ? 4   DT  A N1    1 
ATOM   809 C  C2    . DT  D 4 4  ? -4.988  -0.945  -2.640  1.00 119.82 ? 4   DT  A C2    1 
ATOM   810 O  O2    . DT  D 4 4  ? -5.642  -0.826  -3.670  1.00 121.41 ? 4   DT  A O2    1 
ATOM   811 N  N3    . DT  D 4 4  ? -3.662  -0.570  -2.566  1.00 123.85 ? 4   DT  A N3    1 
ATOM   812 C  C4    . DT  D 4 4  ? -2.829  -0.663  -1.469  1.00 119.91 ? 4   DT  A C4    1 
ATOM   813 O  O4    . DT  D 4 4  ? -1.653  -0.300  -1.504  1.00 115.20 ? 4   DT  A O4    1 
ATOM   814 C  C5    . DT  D 4 4  ? -3.443  -1.227  -0.282  1.00 120.95 ? 4   DT  A C5    1 
ATOM   815 C  C7    . DT  D 4 4  ? -2.632  -1.390  0.969   1.00 127.75 ? 4   DT  A C7    1 
ATOM   816 C  C6    . DT  D 4 4  ? -4.742  -1.601  -0.345  1.00 115.60 ? 4   DT  A C6    1 
ATOM   817 P  P     . DC  D 4 5  ? -9.680  -4.066  -3.470  1.00 150.42 ? 5   DC  A P     1 
ATOM   818 O  OP1   . DC  D 4 5  ? -11.133 -4.281  -3.622  1.00 160.21 ? 5   DC  A OP1   1 
ATOM   819 O  OP2   . DC  D 4 5  ? -8.846  -5.250  -3.140  1.00 147.35 ? 5   DC  A OP2   1 
ATOM   820 O  "O5'" . DC  D 4 5  ? -9.093  -3.374  -4.805  1.00 126.23 ? 5   DC  A "O5'" 1 
ATOM   821 C  "C5'" . DC  D 4 5  ? -7.704  -3.184  -4.879  1.00 123.48 ? 5   DC  A "C5'" 1 
ATOM   822 C  "C4'" . DC  D 4 5  ? -7.232  -2.817  -6.257  1.00 122.04 ? 5   DC  A "C4'" 1 
ATOM   823 O  "O4'" . DC  D 4 5  ? -5.906  -2.235  -6.150  1.00 124.32 ? 5   DC  A "O4'" 1 
ATOM   824 C  "C3'" . DC  D 4 5  ? -7.046  -3.968  -7.209  1.00 114.45 ? 5   DC  A "C3'" 1 
ATOM   825 O  "O3'" . DC  D 4 5  ? -7.006  -3.460  -8.511  1.00 105.63 ? 5   DC  A "O3'" 1 
ATOM   826 C  "C2'" . DC  D 4 5  ? -5.674  -4.497  -6.785  1.00 111.66 ? 5   DC  A "C2'" 1 
ATOM   827 C  "C1'" . DC  D 4 5  ? -4.917  -3.205  -6.463  1.00 113.98 ? 5   DC  A "C1'" 1 
ATOM   828 N  N1    . DC  D 4 5  ? -3.987  -3.289  -5.270  1.00 107.46 ? 5   DC  A N1    1 
ATOM   829 C  C2    . DC  D 4 5  ? -2.663  -2.791  -5.345  1.00 100.72 ? 5   DC  A C2    1 
ATOM   830 O  O2    . DC  D 4 5  ? -2.251  -2.327  -6.400  1.00 102.58 ? 5   DC  A O2    1 
ATOM   831 N  N3    . DC  D 4 5  ? -1.871  -2.848  -4.255  1.00 95.93  ? 5   DC  A N3    1 
ATOM   832 C  C4    . DC  D 4 5  ? -2.352  -3.367  -3.114  1.00 108.60 ? 5   DC  A C4    1 
ATOM   833 N  N4    . DC  D 4 5  ? -1.544  -3.412  -2.039  1.00 115.97 ? 5   DC  A N4    1 
ATOM   834 C  C5    . DC  D 4 5  ? -3.685  -3.859  -3.015  1.00 111.81 ? 5   DC  A C5    1 
ATOM   835 C  C6    . DC  D 4 5  ? -4.458  -3.797  -4.101  1.00 107.83 ? 5   DC  A C6    1 
ATOM   836 P  P     . DT  D 4 6  ? -7.544  -4.341  -9.716  1.00 122.47 ? 6   DT  A P     1 
ATOM   837 O  OP1   . DT  D 4 6  ? -8.088  -3.527  -10.809 1.00 105.97 ? 6   DT  A OP1   1 
ATOM   838 O  OP2   . DT  D 4 6  ? -8.416  -5.309  -9.026  1.00 124.91 ? 6   DT  A OP2   1 
ATOM   839 O  "O5'" . DT  D 4 6  ? -6.212  -4.971  -10.326 1.00 111.95 ? 6   DT  A "O5'" 1 
ATOM   840 C  "C5'" . DT  D 4 6  ? -5.330  -4.146  -11.073 1.00 109.93 ? 6   DT  A "C5'" 1 
ATOM   841 C  "C4'" . DT  D 4 6  ? -3.883  -4.616  -10.970 1.00 110.40 ? 6   DT  A "C4'" 1 
ATOM   842 O  "O4'" . DT  D 4 6  ? -3.407  -4.595  -9.593  1.00 110.92 ? 6   DT  A "O4'" 1 
ATOM   843 C  "C3'" . DT  D 4 6  ? -3.612  -6.036  -11.461 1.00 103.66 ? 6   DT  A "C3'" 1 
ATOM   844 O  "O3'" . DT  D 4 6  ? -2.615  -6.011  -12.420 1.00 105.30 ? 6   DT  A "O3'" 1 
ATOM   845 C  "C2'" . DT  D 4 6  ? -3.111  -6.754  -10.206 1.00 105.16 ? 6   DT  A "C2'" 1 
ATOM   846 C  "C1'" . DT  D 4 6  ? -2.441  -5.614  -9.505  1.00 104.64 ? 6   DT  A "C1'" 1 
ATOM   847 N  N1    . DT  D 4 6  ? -2.144  -5.883  -8.099  1.00 96.23  ? 6   DT  A N1    1 
ATOM   848 C  C2    . DT  D 4 6  ? -0.904  -5.533  -7.577  1.00 96.46  ? 6   DT  A C2    1 
ATOM   849 O  O2    . DT  D 4 6  ? -0.009  -5.007  -8.239  1.00 91.51  ? 6   DT  A O2    1 
ATOM   850 N  N3    . DT  D 4 6  ? -0.759  -5.817  -6.245  1.00 92.25  ? 6   DT  A N3    1 
ATOM   851 C  C4    . DT  D 4 6  ? -1.707  -6.413  -5.419  1.00 98.88  ? 6   DT  A C4    1 
ATOM   852 O  O4    . DT  D 4 6  ? -1.511  -6.641  -4.222  1.00 103.45 ? 6   DT  A O4    1 
ATOM   853 C  C5    . DT  D 4 6  ? -2.953  -6.745  -6.047  1.00 96.32  ? 6   DT  A C5    1 
ATOM   854 C  C7    . DT  D 4 6  ? -4.037  -7.374  -5.241  1.00 105.47 ? 6   DT  A C7    1 
ATOM   855 C  C6    . DT  D 4 6  ? -3.105  -6.473  -7.335  1.00 92.77  ? 6   DT  A C6    1 
HETATM 856 AS AS    . CAC E 5 .  ? -9.756  2.890   0.359   1.00 267.08 ? 101 CAC B AS    1 
HETATM 857 AS AS    . CAC F 5 .  ? -0.435  -13.510 -7.515  1.00 233.81 ? 101 CAC D AS    1 
# 
loop_
_pdbx_poly_seq_scheme.asym_id 
_pdbx_poly_seq_scheme.entity_id 
_pdbx_poly_seq_scheme.seq_id 
_pdbx_poly_seq_scheme.mon_id 
_pdbx_poly_seq_scheme.ndb_seq_num 
_pdbx_poly_seq_scheme.pdb_seq_num 
_pdbx_poly_seq_scheme.auth_seq_num 
_pdbx_poly_seq_scheme.pdb_mon_id 
_pdbx_poly_seq_scheme.auth_mon_id 
_pdbx_poly_seq_scheme.pdb_strand_id 
_pdbx_poly_seq_scheme.pdb_ins_code 
_pdbx_poly_seq_scheme.hetero 
A 1 1  DG 1  7  7  DG DG B . n 
A 1 2  DA 2  8  8  DA DA B . n 
A 1 3  DG 3  9  9  DG DG B . n 
A 1 4  DC 4  10 10 DC DC B . n 
A 1 5  DA 5  11 11 DA DA B . n 
A 1 6  DG 6  12 12 DG DG B . n 
A 1 7  DA 7  13 13 DA DA B . n 
A 1 8  DC 8  14 14 DC DC B . n 
A 1 9  DC 9  15 15 DC DC B . n 
A 1 10 DA 10 16 16 DA DA B . n 
A 1 11 DG 11 17 17 DG DG B . n 
A 1 12 DA 12 18 18 DA DA B . n 
A 1 13 DC 13 19 19 DC DC B . n 
A 1 14 DG 14 20 20 DG DG B . n 
A 1 15 DG 15 21 21 DG DG B . n 
A 1 16 DC 16 22 22 DC DC B . n 
A 1 17 DA 17 23 23 DA DA B . n 
A 1 18 DC 18 24 24 DC DC B . n 
A 1 19 DT 19 25 25 DT DT B . n 
A 1 20 DC 20 26 26 DC DC B . n 
A 1 21 DA 21 27 27 DA DA B . n 
B 2 1  DT 1  28 28 DT DT C . n 
B 2 2  DC 2  29 29 DC DC C . n 
B 2 3  DT 3  30 30 DT DT C . n 
B 2 4  DG 4  31 31 DG DG C . n 
B 2 5  DA 5  32 32 DA DA C . n 
B 2 6  DG 6  33 33 DG DG C . n 
B 2 7  DT 7  34 34 DT DT C . n 
B 2 8  DG 8  35 35 DG DG C . n 
C 3 1  DG 1  36 36 DG DG D . n 
C 3 2  DG 2  37 37 DG DG D . n 
C 3 3  DT 3  38 38 DT DT D . n 
C 3 4  DC 4  39 39 DC DC D . n 
C 3 5  DT 5  40 40 DT DT D . n 
C 3 6  DG 6  41 41 DG DG D . n 
C 3 7  DC 7  42 42 DC DC D . n 
D 4 1  DC 1  1  1  DC DC A . n 
D 4 2  DC 2  2  2  DC DC A . n 
D 4 3  DG 3  3  3  DG DG A . n 
D 4 4  DT 4  4  4  DT DT A . n 
D 4 5  DC 5  5  5  DC DC A . n 
D 4 6  DT 6  6  6  DT DT A . n 
# 
loop_
_pdbx_nonpoly_scheme.asym_id 
_pdbx_nonpoly_scheme.entity_id 
_pdbx_nonpoly_scheme.mon_id 
_pdbx_nonpoly_scheme.ndb_seq_num 
_pdbx_nonpoly_scheme.pdb_seq_num 
_pdbx_nonpoly_scheme.auth_seq_num 
_pdbx_nonpoly_scheme.pdb_mon_id 
_pdbx_nonpoly_scheme.auth_mon_id 
_pdbx_nonpoly_scheme.pdb_strand_id 
_pdbx_nonpoly_scheme.pdb_ins_code 
E 5 CAC 1 101 1 CAC AS B . 
F 5 CAC 1 101 2 CAC AS D . 
# 
_pdbx_struct_assembly.id                   1 
_pdbx_struct_assembly.details              author_defined_assembly 
_pdbx_struct_assembly.method_details       ? 
_pdbx_struct_assembly.oligomeric_details   tetrameric 
_pdbx_struct_assembly.oligomeric_count     4 
# 
_pdbx_struct_assembly_gen.assembly_id       1 
_pdbx_struct_assembly_gen.oper_expression   1 
_pdbx_struct_assembly_gen.asym_id_list      A,B,C,D,E,F 
# 
_pdbx_struct_oper_list.id                   1 
_pdbx_struct_oper_list.type                 'identity operation' 
_pdbx_struct_oper_list.name                 1_555 
_pdbx_struct_oper_list.symmetry_operation   x,y,z 
_pdbx_struct_oper_list.matrix[1][1]         1.0000000000 
_pdbx_struct_oper_list.matrix[1][2]         0.0000000000 
_pdbx_struct_oper_list.matrix[1][3]         0.0000000000 
_pdbx_struct_oper_list.vector[1]            0.0000000000 
_pdbx_struct_oper_list.matrix[2][1]         0.0000000000 
_pdbx_struct_oper_list.matrix[2][2]         1.0000000000 
_pdbx_struct_oper_list.matrix[2][3]         0.0000000000 
_pdbx_struct_oper_list.vector[2]            0.0000000000 
_pdbx_struct_oper_list.matrix[3][1]         0.0000000000 
_pdbx_struct_oper_list.matrix[3][2]         0.0000000000 
_pdbx_struct_oper_list.matrix[3][3]         1.0000000000 
_pdbx_struct_oper_list.vector[3]            0.0000000000 
# 
loop_
_pdbx_audit_revision_history.ordinal 
_pdbx_audit_revision_history.data_content_type 
_pdbx_audit_revision_history.major_revision 
_pdbx_audit_revision_history.minor_revision 
_pdbx_audit_revision_history.revision_date 
1 'Structure model' 1 0 2021-07-14 
2 'Structure model' 1 1 2022-07-06 
3 'Structure model' 1 2 2023-10-18 
# 
_pdbx_audit_revision_details.ordinal             1 
_pdbx_audit_revision_details.revision_ordinal    1 
_pdbx_audit_revision_details.data_content_type   'Structure model' 
_pdbx_audit_revision_details.provider            repository 
_pdbx_audit_revision_details.type                'Initial release' 
_pdbx_audit_revision_details.description         ? 
_pdbx_audit_revision_details.details             ? 
# 
loop_
_pdbx_audit_revision_group.ordinal 
_pdbx_audit_revision_group.revision_ordinal 
_pdbx_audit_revision_group.data_content_type 
_pdbx_audit_revision_group.group 
1 2 'Structure model' 'Database references'    
2 3 'Structure model' 'Data collection'        
3 3 'Structure model' 'Refinement description' 
# 
loop_
_pdbx_audit_revision_category.ordinal 
_pdbx_audit_revision_category.revision_ordinal 
_pdbx_audit_revision_category.data_content_type 
_pdbx_audit_revision_category.category 
1 2 'Structure model' citation                      
2 2 'Structure model' citation_author               
3 2 'Structure model' database_2                    
4 3 'Structure model' chem_comp_atom                
5 3 'Structure model' chem_comp_bond                
6 3 'Structure model' pdbx_initial_refinement_model 
# 
loop_
_pdbx_audit_revision_item.ordinal 
_pdbx_audit_revision_item.revision_ordinal 
_pdbx_audit_revision_item.data_content_type 
_pdbx_audit_revision_item.item 
1  2 'Structure model' '_citation.country'                   
2  2 'Structure model' '_citation.journal_abbrev'            
3  2 'Structure model' '_citation.journal_id_CSD'            
4  2 'Structure model' '_citation.journal_id_ISSN'           
5  2 'Structure model' '_citation.journal_volume'            
6  2 'Structure model' '_citation.page_first'                
7  2 'Structure model' '_citation.page_last'                 
8  2 'Structure model' '_citation.pdbx_database_id_DOI'      
9  2 'Structure model' '_citation.pdbx_database_id_PubMed'   
10 2 'Structure model' '_citation.title'                     
11 2 'Structure model' '_citation.year'                      
12 2 'Structure model' '_database_2.pdbx_DOI'                
13 2 'Structure model' '_database_2.pdbx_database_accession' 
# 
loop_
_software.citation_id 
_software.classification 
_software.compiler_name 
_software.compiler_version 
_software.contact_author 
_software.contact_author_email 
_software.date 
_software.description 
_software.dependencies 
_software.hardware 
_software.language 
_software.location 
_software.mods 
_software.name 
_software.os 
_software.os_version 
_software.type 
_software.version 
_software.pdbx_ordinal 
? 'data reduction'  ? ? ? ? ? ? ? ? ? ? ? HKL-2000    ? ? ? .           1 
? 'data scaling'    ? ? ? ? ? ? ? ? ? ? ? HKL-2000    ? ? ? .           2 
? refinement        ? ? ? ? ? ? ? ? ? ? ? PHENIX      ? ? ? 1.11.1_2575 3 
? 'data extraction' ? ? ? ? ? ? ? ? ? ? ? PDB_EXTRACT ? ? ? 3.25        4 
? phasing           ? ? ? ? ? ? ? ? ? ? ? PHASER      ? ? ? .           5 
# 
_pdbx_entry_details.entry_id                 7JS0 
_pdbx_entry_details.has_ligand_of_interest   N 
_pdbx_entry_details.compound_details         ? 
_pdbx_entry_details.source_details           ? 
_pdbx_entry_details.nonpolymer_details       ? 
_pdbx_entry_details.sequence_details         ? 
# 
loop_
_pdbx_validate_rmsd_bond.id 
_pdbx_validate_rmsd_bond.PDB_model_num 
_pdbx_validate_rmsd_bond.auth_atom_id_1 
_pdbx_validate_rmsd_bond.auth_asym_id_1 
_pdbx_validate_rmsd_bond.auth_comp_id_1 
_pdbx_validate_rmsd_bond.auth_seq_id_1 
_pdbx_validate_rmsd_bond.PDB_ins_code_1 
_pdbx_validate_rmsd_bond.label_alt_id_1 
_pdbx_validate_rmsd_bond.auth_atom_id_2 
_pdbx_validate_rmsd_bond.auth_asym_id_2 
_pdbx_validate_rmsd_bond.auth_comp_id_2 
_pdbx_validate_rmsd_bond.auth_seq_id_2 
_pdbx_validate_rmsd_bond.PDB_ins_code_2 
_pdbx_validate_rmsd_bond.label_alt_id_2 
_pdbx_validate_rmsd_bond.bond_value 
_pdbx_validate_rmsd_bond.bond_target_value 
_pdbx_validate_rmsd_bond.bond_deviation 
_pdbx_validate_rmsd_bond.bond_standard_deviation 
_pdbx_validate_rmsd_bond.linker_flag 
1 1 "O3'" B DA 8  ? ? "C3'" B DA 8  ? ? 1.376 1.419 -0.043 0.006 N 
2 1 "O3'" B DG 21 ? ? "C3'" B DG 21 ? ? 1.377 1.419 -0.042 0.006 N 
3 1 "O3'" B DC 22 ? ? "C3'" B DC 22 ? ? 1.382 1.419 -0.037 0.006 N 
4 1 "O3'" C DT 34 ? ? "C3'" C DT 34 ? ? 1.348 1.419 -0.071 0.006 N 
# 
loop_
_pdbx_validate_rmsd_angle.id 
_pdbx_validate_rmsd_angle.PDB_model_num 
_pdbx_validate_rmsd_angle.auth_atom_id_1 
_pdbx_validate_rmsd_angle.auth_asym_id_1 
_pdbx_validate_rmsd_angle.auth_comp_id_1 
_pdbx_validate_rmsd_angle.auth_seq_id_1 
_pdbx_validate_rmsd_angle.PDB_ins_code_1 
_pdbx_validate_rmsd_angle.label_alt_id_1 
_pdbx_validate_rmsd_angle.auth_atom_id_2 
_pdbx_validate_rmsd_angle.auth_asym_id_2 
_pdbx_validate_rmsd_angle.auth_comp_id_2 
_pdbx_validate_rmsd_angle.auth_seq_id_2 
_pdbx_validate_rmsd_angle.PDB_ins_code_2 
_pdbx_validate_rmsd_angle.label_alt_id_2 
_pdbx_validate_rmsd_angle.auth_atom_id_3 
_pdbx_validate_rmsd_angle.auth_asym_id_3 
_pdbx_validate_rmsd_angle.auth_comp_id_3 
_pdbx_validate_rmsd_angle.auth_seq_id_3 
_pdbx_validate_rmsd_angle.PDB_ins_code_3 
_pdbx_validate_rmsd_angle.label_alt_id_3 
_pdbx_validate_rmsd_angle.angle_value 
_pdbx_validate_rmsd_angle.angle_target_value 
_pdbx_validate_rmsd_angle.angle_deviation 
_pdbx_validate_rmsd_angle.angle_standard_deviation 
_pdbx_validate_rmsd_angle.linker_flag 
1 1 "O4'" B DC 10 ? ? "C1'" B DC 10 ? ? N1 B DC 10 ? ? 111.53 108.30 3.23 0.30 N 
2 1 "O4'" B DG 12 ? ? "C1'" B DG 12 ? ? N9 B DG 12 ? ? 110.80 108.30 2.50 0.30 N 
3 1 "O4'" B DA 13 ? ? "C1'" B DA 13 ? ? N9 B DA 13 ? ? 110.40 108.30 2.10 0.30 N 
4 1 "O4'" B DG 17 ? ? "C1'" B DG 17 ? ? N9 B DG 17 ? ? 111.39 108.30 3.09 0.30 N 
5 1 "O4'" B DC 22 ? ? "C1'" B DC 22 ? ? N1 B DC 22 ? ? 110.20 108.30 1.90 0.30 N 
6 1 "O4'" B DC 24 ? ? "C1'" B DC 24 ? ? N1 B DC 24 ? ? 110.62 108.30 2.32 0.30 N 
7 1 "O4'" B DC 26 ? ? "C1'" B DC 26 ? ? N1 B DC 26 ? ? 110.91 108.30 2.61 0.30 N 
8 1 "O4'" A DC 2  ? ? "C1'" A DC 2  ? ? N1 A DC 2  ? ? 111.45 108.30 3.15 0.30 N 
# 
loop_
_pdbx_unobs_or_zero_occ_atoms.id 
_pdbx_unobs_or_zero_occ_atoms.PDB_model_num 
_pdbx_unobs_or_zero_occ_atoms.polymer_flag 
_pdbx_unobs_or_zero_occ_atoms.occupancy_flag 
_pdbx_unobs_or_zero_occ_atoms.auth_asym_id 
_pdbx_unobs_or_zero_occ_atoms.auth_comp_id 
_pdbx_unobs_or_zero_occ_atoms.auth_seq_id 
_pdbx_unobs_or_zero_occ_atoms.PDB_ins_code 
_pdbx_unobs_or_zero_occ_atoms.auth_atom_id 
_pdbx_unobs_or_zero_occ_atoms.label_alt_id 
_pdbx_unobs_or_zero_occ_atoms.label_asym_id 
_pdbx_unobs_or_zero_occ_atoms.label_comp_id 
_pdbx_unobs_or_zero_occ_atoms.label_seq_id 
_pdbx_unobs_or_zero_occ_atoms.label_atom_id 
1 1 N 1 B CAC 101 ? O1 ? E CAC 1 O1 
2 1 N 1 B CAC 101 ? O2 ? E CAC 1 O2 
3 1 N 1 B CAC 101 ? C1 ? E CAC 1 C1 
4 1 N 1 B CAC 101 ? C2 ? E CAC 1 C2 
5 1 N 1 D CAC 101 ? O1 ? F CAC 1 O1 
6 1 N 1 D CAC 101 ? O2 ? F CAC 1 O2 
7 1 N 1 D CAC 101 ? C1 ? F CAC 1 C1 
8 1 N 1 D CAC 101 ? C2 ? F CAC 1 C2 
# 
loop_
_chem_comp_atom.comp_id 
_chem_comp_atom.atom_id 
_chem_comp_atom.type_symbol 
_chem_comp_atom.pdbx_aromatic_flag 
_chem_comp_atom.pdbx_stereo_config 
_chem_comp_atom.pdbx_ordinal 
CAC AS     AS N N 1   
CAC O1     O  N N 2   
CAC O2     O  N N 3   
CAC C1     C  N N 4   
CAC C2     C  N N 5   
CAC H11    H  N N 6   
CAC H12    H  N N 7   
CAC H13    H  N N 8   
CAC H21    H  N N 9   
CAC H22    H  N N 10  
CAC H23    H  N N 11  
DA  OP3    O  N N 12  
DA  P      P  N N 13  
DA  OP1    O  N N 14  
DA  OP2    O  N N 15  
DA  "O5'"  O  N N 16  
DA  "C5'"  C  N N 17  
DA  "C4'"  C  N R 18  
DA  "O4'"  O  N N 19  
DA  "C3'"  C  N S 20  
DA  "O3'"  O  N N 21  
DA  "C2'"  C  N N 22  
DA  "C1'"  C  N R 23  
DA  N9     N  Y N 24  
DA  C8     C  Y N 25  
DA  N7     N  Y N 26  
DA  C5     C  Y N 27  
DA  C6     C  Y N 28  
DA  N6     N  N N 29  
DA  N1     N  Y N 30  
DA  C2     C  Y N 31  
DA  N3     N  Y N 32  
DA  C4     C  Y N 33  
DA  HOP3   H  N N 34  
DA  HOP2   H  N N 35  
DA  "H5'"  H  N N 36  
DA  "H5''" H  N N 37  
DA  "H4'"  H  N N 38  
DA  "H3'"  H  N N 39  
DA  "HO3'" H  N N 40  
DA  "H2'"  H  N N 41  
DA  "H2''" H  N N 42  
DA  "H1'"  H  N N 43  
DA  H8     H  N N 44  
DA  H61    H  N N 45  
DA  H62    H  N N 46  
DA  H2     H  N N 47  
DC  OP3    O  N N 48  
DC  P      P  N N 49  
DC  OP1    O  N N 50  
DC  OP2    O  N N 51  
DC  "O5'"  O  N N 52  
DC  "C5'"  C  N N 53  
DC  "C4'"  C  N R 54  
DC  "O4'"  O  N N 55  
DC  "C3'"  C  N S 56  
DC  "O3'"  O  N N 57  
DC  "C2'"  C  N N 58  
DC  "C1'"  C  N R 59  
DC  N1     N  N N 60  
DC  C2     C  N N 61  
DC  O2     O  N N 62  
DC  N3     N  N N 63  
DC  C4     C  N N 64  
DC  N4     N  N N 65  
DC  C5     C  N N 66  
DC  C6     C  N N 67  
DC  HOP3   H  N N 68  
DC  HOP2   H  N N 69  
DC  "H5'"  H  N N 70  
DC  "H5''" H  N N 71  
DC  "H4'"  H  N N 72  
DC  "H3'"  H  N N 73  
DC  "HO3'" H  N N 74  
DC  "H2'"  H  N N 75  
DC  "H2''" H  N N 76  
DC  "H1'"  H  N N 77  
DC  H41    H  N N 78  
DC  H42    H  N N 79  
DC  H5     H  N N 80  
DC  H6     H  N N 81  
DG  OP3    O  N N 82  
DG  P      P  N N 83  
DG  OP1    O  N N 84  
DG  OP2    O  N N 85  
DG  "O5'"  O  N N 86  
DG  "C5'"  C  N N 87  
DG  "C4'"  C  N R 88  
DG  "O4'"  O  N N 89  
DG  "C3'"  C  N S 90  
DG  "O3'"  O  N N 91  
DG  "C2'"  C  N N 92  
DG  "C1'"  C  N R 93  
DG  N9     N  Y N 94  
DG  C8     C  Y N 95  
DG  N7     N  Y N 96  
DG  C5     C  Y N 97  
DG  C6     C  N N 98  
DG  O6     O  N N 99  
DG  N1     N  N N 100 
DG  C2     C  N N 101 
DG  N2     N  N N 102 
DG  N3     N  N N 103 
DG  C4     C  Y N 104 
DG  HOP3   H  N N 105 
DG  HOP2   H  N N 106 
DG  "H5'"  H  N N 107 
DG  "H5''" H  N N 108 
DG  "H4'"  H  N N 109 
DG  "H3'"  H  N N 110 
DG  "HO3'" H  N N 111 
DG  "H2'"  H  N N 112 
DG  "H2''" H  N N 113 
DG  "H1'"  H  N N 114 
DG  H8     H  N N 115 
DG  H1     H  N N 116 
DG  H21    H  N N 117 
DG  H22    H  N N 118 
DT  OP3    O  N N 119 
DT  P      P  N N 120 
DT  OP1    O  N N 121 
DT  OP2    O  N N 122 
DT  "O5'"  O  N N 123 
DT  "C5'"  C  N N 124 
DT  "C4'"  C  N R 125 
DT  "O4'"  O  N N 126 
DT  "C3'"  C  N S 127 
DT  "O3'"  O  N N 128 
DT  "C2'"  C  N N 129 
DT  "C1'"  C  N R 130 
DT  N1     N  N N 131 
DT  C2     C  N N 132 
DT  O2     O  N N 133 
DT  N3     N  N N 134 
DT  C4     C  N N 135 
DT  O4     O  N N 136 
DT  C5     C  N N 137 
DT  C7     C  N N 138 
DT  C6     C  N N 139 
DT  HOP3   H  N N 140 
DT  HOP2   H  N N 141 
DT  "H5'"  H  N N 142 
DT  "H5''" H  N N 143 
DT  "H4'"  H  N N 144 
DT  "H3'"  H  N N 145 
DT  "HO3'" H  N N 146 
DT  "H2'"  H  N N 147 
DT  "H2''" H  N N 148 
DT  "H1'"  H  N N 149 
DT  H3     H  N N 150 
DT  H71    H  N N 151 
DT  H72    H  N N 152 
DT  H73    H  N N 153 
DT  H6     H  N N 154 
# 
loop_
_chem_comp_bond.comp_id 
_chem_comp_bond.atom_id_1 
_chem_comp_bond.atom_id_2 
_chem_comp_bond.value_order 
_chem_comp_bond.pdbx_aromatic_flag 
_chem_comp_bond.pdbx_stereo_config 
_chem_comp_bond.pdbx_ordinal 
CAC AS    O1     doub N N 1   
CAC AS    O2     sing N N 2   
CAC AS    C1     sing N N 3   
CAC AS    C2     sing N N 4   
CAC C1    H11    sing N N 5   
CAC C1    H12    sing N N 6   
CAC C1    H13    sing N N 7   
CAC C2    H21    sing N N 8   
CAC C2    H22    sing N N 9   
CAC C2    H23    sing N N 10  
DA  OP3   P      sing N N 11  
DA  OP3   HOP3   sing N N 12  
DA  P     OP1    doub N N 13  
DA  P     OP2    sing N N 14  
DA  P     "O5'"  sing N N 15  
DA  OP2   HOP2   sing N N 16  
DA  "O5'" "C5'"  sing N N 17  
DA  "C5'" "C4'"  sing N N 18  
DA  "C5'" "H5'"  sing N N 19  
DA  "C5'" "H5''" sing N N 20  
DA  "C4'" "O4'"  sing N N 21  
DA  "C4'" "C3'"  sing N N 22  
DA  "C4'" "H4'"  sing N N 23  
DA  "O4'" "C1'"  sing N N 24  
DA  "C3'" "O3'"  sing N N 25  
DA  "C3'" "C2'"  sing N N 26  
DA  "C3'" "H3'"  sing N N 27  
DA  "O3'" "HO3'" sing N N 28  
DA  "C2'" "C1'"  sing N N 29  
DA  "C2'" "H2'"  sing N N 30  
DA  "C2'" "H2''" sing N N 31  
DA  "C1'" N9     sing N N 32  
DA  "C1'" "H1'"  sing N N 33  
DA  N9    C8     sing Y N 34  
DA  N9    C4     sing Y N 35  
DA  C8    N7     doub Y N 36  
DA  C8    H8     sing N N 37  
DA  N7    C5     sing Y N 38  
DA  C5    C6     sing Y N 39  
DA  C5    C4     doub Y N 40  
DA  C6    N6     sing N N 41  
DA  C6    N1     doub Y N 42  
DA  N6    H61    sing N N 43  
DA  N6    H62    sing N N 44  
DA  N1    C2     sing Y N 45  
DA  C2    N3     doub Y N 46  
DA  C2    H2     sing N N 47  
DA  N3    C4     sing Y N 48  
DC  OP3   P      sing N N 49  
DC  OP3   HOP3   sing N N 50  
DC  P     OP1    doub N N 51  
DC  P     OP2    sing N N 52  
DC  P     "O5'"  sing N N 53  
DC  OP2   HOP2   sing N N 54  
DC  "O5'" "C5'"  sing N N 55  
DC  "C5'" "C4'"  sing N N 56  
DC  "C5'" "H5'"  sing N N 57  
DC  "C5'" "H5''" sing N N 58  
DC  "C4'" "O4'"  sing N N 59  
DC  "C4'" "C3'"  sing N N 60  
DC  "C4'" "H4'"  sing N N 61  
DC  "O4'" "C1'"  sing N N 62  
DC  "C3'" "O3'"  sing N N 63  
DC  "C3'" "C2'"  sing N N 64  
DC  "C3'" "H3'"  sing N N 65  
DC  "O3'" "HO3'" sing N N 66  
DC  "C2'" "C1'"  sing N N 67  
DC  "C2'" "H2'"  sing N N 68  
DC  "C2'" "H2''" sing N N 69  
DC  "C1'" N1     sing N N 70  
DC  "C1'" "H1'"  sing N N 71  
DC  N1    C2     sing N N 72  
DC  N1    C6     sing N N 73  
DC  C2    O2     doub N N 74  
DC  C2    N3     sing N N 75  
DC  N3    C4     doub N N 76  
DC  C4    N4     sing N N 77  
DC  C4    C5     sing N N 78  
DC  N4    H41    sing N N 79  
DC  N4    H42    sing N N 80  
DC  C5    C6     doub N N 81  
DC  C5    H5     sing N N 82  
DC  C6    H6     sing N N 83  
DG  OP3   P      sing N N 84  
DG  OP3   HOP3   sing N N 85  
DG  P     OP1    doub N N 86  
DG  P     OP2    sing N N 87  
DG  P     "O5'"  sing N N 88  
DG  OP2   HOP2   sing N N 89  
DG  "O5'" "C5'"  sing N N 90  
DG  "C5'" "C4'"  sing N N 91  
DG  "C5'" "H5'"  sing N N 92  
DG  "C5'" "H5''" sing N N 93  
DG  "C4'" "O4'"  sing N N 94  
DG  "C4'" "C3'"  sing N N 95  
DG  "C4'" "H4'"  sing N N 96  
DG  "O4'" "C1'"  sing N N 97  
DG  "C3'" "O3'"  sing N N 98  
DG  "C3'" "C2'"  sing N N 99  
DG  "C3'" "H3'"  sing N N 100 
DG  "O3'" "HO3'" sing N N 101 
DG  "C2'" "C1'"  sing N N 102 
DG  "C2'" "H2'"  sing N N 103 
DG  "C2'" "H2''" sing N N 104 
DG  "C1'" N9     sing N N 105 
DG  "C1'" "H1'"  sing N N 106 
DG  N9    C8     sing Y N 107 
DG  N9    C4     sing Y N 108 
DG  C8    N7     doub Y N 109 
DG  C8    H8     sing N N 110 
DG  N7    C5     sing Y N 111 
DG  C5    C6     sing N N 112 
DG  C5    C4     doub Y N 113 
DG  C6    O6     doub N N 114 
DG  C6    N1     sing N N 115 
DG  N1    C2     sing N N 116 
DG  N1    H1     sing N N 117 
DG  C2    N2     sing N N 118 
DG  C2    N3     doub N N 119 
DG  N2    H21    sing N N 120 
DG  N2    H22    sing N N 121 
DG  N3    C4     sing N N 122 
DT  OP3   P      sing N N 123 
DT  OP3   HOP3   sing N N 124 
DT  P     OP1    doub N N 125 
DT  P     OP2    sing N N 126 
DT  P     "O5'"  sing N N 127 
DT  OP2   HOP2   sing N N 128 
DT  "O5'" "C5'"  sing N N 129 
DT  "C5'" "C4'"  sing N N 130 
DT  "C5'" "H5'"  sing N N 131 
DT  "C5'" "H5''" sing N N 132 
DT  "C4'" "O4'"  sing N N 133 
DT  "C4'" "C3'"  sing N N 134 
DT  "C4'" "H4'"  sing N N 135 
DT  "O4'" "C1'"  sing N N 136 
DT  "C3'" "O3'"  sing N N 137 
DT  "C3'" "C2'"  sing N N 138 
DT  "C3'" "H3'"  sing N N 139 
DT  "O3'" "HO3'" sing N N 140 
DT  "C2'" "C1'"  sing N N 141 
DT  "C2'" "H2'"  sing N N 142 
DT  "C2'" "H2''" sing N N 143 
DT  "C1'" N1     sing N N 144 
DT  "C1'" "H1'"  sing N N 145 
DT  N1    C2     sing N N 146 
DT  N1    C6     sing N N 147 
DT  C2    O2     doub N N 148 
DT  C2    N3     sing N N 149 
DT  N3    C4     sing N N 150 
DT  N3    H3     sing N N 151 
DT  C4    O4     doub N N 152 
DT  C4    C5     sing N N 153 
DT  C5    C7     sing N N 154 
DT  C5    C6     doub N N 155 
DT  C7    H71    sing N N 156 
DT  C7    H72    sing N N 157 
DT  C7    H73    sing N N 158 
DT  C6    H6     sing N N 159 
# 
loop_
_ndb_struct_conf_na.entry_id 
_ndb_struct_conf_na.feature 
7JS0 'double helix'        
7JS0 'a-form double helix' 
7JS0 'b-form double helix' 
# 
loop_
_ndb_struct_na_base_pair.model_number 
_ndb_struct_na_base_pair.i_label_asym_id 
_ndb_struct_na_base_pair.i_label_comp_id 
_ndb_struct_na_base_pair.i_label_seq_id 
_ndb_struct_na_base_pair.i_symmetry 
_ndb_struct_na_base_pair.j_label_asym_id 
_ndb_struct_na_base_pair.j_label_comp_id 
_ndb_struct_na_base_pair.j_label_seq_id 
_ndb_struct_na_base_pair.j_symmetry 
_ndb_struct_na_base_pair.shear 
_ndb_struct_na_base_pair.stretch 
_ndb_struct_na_base_pair.stagger 
_ndb_struct_na_base_pair.buckle 
_ndb_struct_na_base_pair.propeller 
_ndb_struct_na_base_pair.opening 
_ndb_struct_na_base_pair.pair_number 
_ndb_struct_na_base_pair.pair_name 
_ndb_struct_na_base_pair.i_auth_asym_id 
_ndb_struct_na_base_pair.i_auth_seq_id 
_ndb_struct_na_base_pair.i_PDB_ins_code 
_ndb_struct_na_base_pair.j_auth_asym_id 
_ndb_struct_na_base_pair.j_auth_seq_id 
_ndb_struct_na_base_pair.j_PDB_ins_code 
_ndb_struct_na_base_pair.hbond_type_28 
_ndb_struct_na_base_pair.hbond_type_12 
1 A DG 3  1_555 C DC 7 1_555 0.200  0.597  0.846  3.680   -11.490 17.471  1  B_DG9:DC42_D  B 9  ? D 42 ? ?  1 
1 A DC 4  1_555 C DG 6 1_555 -1.057 -0.167 0.077  8.267   -11.242 -4.988  2  B_DC10:DG41_D B 10 ? D 41 ? 19 1 
1 A DA 5  1_555 C DT 5 1_555 0.494  0.907  0.354  -7.030  -8.024  -18.856 3  B_DA11:DT40_D B 11 ? D 40 ? ?  ? 
1 A DG 6  1_555 C DC 4 1_555 0.084  -0.424 -0.322 1.800   -13.375 -2.054  4  B_DG12:DC39_D B 12 ? D 39 ? 19 1 
1 A DA 7  1_555 C DT 3 1_555 -0.127 -0.217 -0.432 -11.543 -15.117 -10.391 5  B_DA13:DT38_D B 13 ? D 38 ? 20 1 
1 A DC 8  1_555 C DG 2 1_555 0.120  -0.492 -0.081 -0.441  -11.211 -6.382  6  B_DC14:DG37_D B 14 ? D 37 ? 19 1 
1 A DC 9  1_555 C DG 1 1_555 0.518  -0.361 0.190  -8.220  -7.225  -8.523  7  B_DC15:DG36_D B 15 ? D 36 ? 19 1 
1 A DA 10 1_555 D DT 6 1_555 0.445  0.100  0.522  1.822   -4.076  14.832  8  B_DA16:DT6_A  B 16 ? A 6  ? 20 1 
1 A DG 11 1_555 D DC 5 1_555 -0.510 0.530  0.260  7.648   -0.670  16.667  9  B_DG17:DC5_A  B 17 ? A 5  ? 22 1 
1 A DA 12 1_555 D DT 4 1_555 1.582  0.069  0.552  8.440   0.312   -11.298 10 B_DA18:DT4_A  B 18 ? A 4  ? 20 1 
1 A DC 13 1_555 D DG 3 1_555 0.218  -0.146 -0.015 -0.801  -2.059  -12.551 11 B_DC19:DG3_A  B 19 ? A 3  ? 19 1 
1 A DG 14 1_555 D DC 2 1_555 1.018  -0.024 0.385  0.017   -12.215 -24.077 12 B_DG20:DC2_A  B 20 ? A 2  ? ?  1 
1 A DG 15 1_555 D DC 1 1_555 0.749  -0.434 0.707  0.326   -16.936 -1.804  13 B_DG21:DC1_A  B 21 ? A 1  ? 19 1 
1 A DC 16 1_555 B DG 8 1_555 -1.372 0.192  0.270  -4.931  -11.739 -2.562  14 B_DC22:DG35_C B 22 ? C 35 ? 19 1 
1 A DA 17 1_555 B DT 7 1_555 0.702  0.293  0.422  -1.844  -10.084 -10.036 15 B_DA23:DT34_C B 23 ? C 34 ? 20 1 
1 A DC 18 1_555 B DG 6 1_555 0.025  -0.193 0.256  -4.077  -5.693  9.003   16 B_DC24:DG33_C B 24 ? C 33 ? 19 1 
1 A DT 19 1_555 B DA 5 1_555 -2.809 0.212  -0.273 -1.718  -8.432  -10.819 17 B_DT25:DA32_C B 25 ? C 32 ? ?  1 
1 A DC 20 1_555 B DG 4 1_555 0.651  0.249  -0.633 -0.087  -21.716 -4.419  18 B_DC26:DG31_C B 26 ? C 31 ? ?  1 
1 A DA 21 1_555 B DT 3 1_555 1.125  0.080  -0.266 -9.398  -17.652 6.839   19 B_DA27:DT30_C B 27 ? C 30 ? 20 1 
# 
loop_
_ndb_struct_na_base_pair_step.model_number 
_ndb_struct_na_base_pair_step.i_label_asym_id_1 
_ndb_struct_na_base_pair_step.i_label_comp_id_1 
_ndb_struct_na_base_pair_step.i_label_seq_id_1 
_ndb_struct_na_base_pair_step.i_symmetry_1 
_ndb_struct_na_base_pair_step.j_label_asym_id_1 
_ndb_struct_na_base_pair_step.j_label_comp_id_1 
_ndb_struct_na_base_pair_step.j_label_seq_id_1 
_ndb_struct_na_base_pair_step.j_symmetry_1 
_ndb_struct_na_base_pair_step.i_label_asym_id_2 
_ndb_struct_na_base_pair_step.i_label_comp_id_2 
_ndb_struct_na_base_pair_step.i_label_seq_id_2 
_ndb_struct_na_base_pair_step.i_symmetry_2 
_ndb_struct_na_base_pair_step.j_label_asym_id_2 
_ndb_struct_na_base_pair_step.j_label_comp_id_2 
_ndb_struct_na_base_pair_step.j_label_seq_id_2 
_ndb_struct_na_base_pair_step.j_symmetry_2 
_ndb_struct_na_base_pair_step.shift 
_ndb_struct_na_base_pair_step.slide 
_ndb_struct_na_base_pair_step.rise 
_ndb_struct_na_base_pair_step.tilt 
_ndb_struct_na_base_pair_step.roll 
_ndb_struct_na_base_pair_step.twist 
_ndb_struct_na_base_pair_step.x_displacement 
_ndb_struct_na_base_pair_step.y_displacement 
_ndb_struct_na_base_pair_step.helical_rise 
_ndb_struct_na_base_pair_step.inclination 
_ndb_struct_na_base_pair_step.tip 
_ndb_struct_na_base_pair_step.helical_twist 
_ndb_struct_na_base_pair_step.step_number 
_ndb_struct_na_base_pair_step.step_name 
_ndb_struct_na_base_pair_step.i_auth_asym_id_1 
_ndb_struct_na_base_pair_step.i_auth_seq_id_1 
_ndb_struct_na_base_pair_step.i_PDB_ins_code_1 
_ndb_struct_na_base_pair_step.j_auth_asym_id_1 
_ndb_struct_na_base_pair_step.j_auth_seq_id_1 
_ndb_struct_na_base_pair_step.j_PDB_ins_code_1 
_ndb_struct_na_base_pair_step.i_auth_asym_id_2 
_ndb_struct_na_base_pair_step.i_auth_seq_id_2 
_ndb_struct_na_base_pair_step.i_PDB_ins_code_2 
_ndb_struct_na_base_pair_step.j_auth_asym_id_2 
_ndb_struct_na_base_pair_step.j_auth_seq_id_2 
_ndb_struct_na_base_pair_step.j_PDB_ins_code_2 
1 A DG 3  1_555 C DC 7 1_555 A DC 4  1_555 C DG 6 1_555 -1.028 -0.039 3.333 7.911  1.405  24.781 -0.460 4.390  2.866 3.170  
-17.846 26.031 1  BB_DG9DC10:DG41DC42_DD  B 9  ? D 42 ? B 10 ? D 41 ? 
1 A DC 4  1_555 C DG 6 1_555 A DA 5  1_555 C DT 5 1_555 -0.934 1.148  3.939 -3.841 1.618  53.215 1.153  0.744  4.023 1.803  4.281 
53.366 2  BB_DC10DA11:DT40DG41_DD B 10 ? D 41 ? B 11 ? D 40 ? 
1 A DA 5  1_555 C DT 5 1_555 A DG 6  1_555 C DC 4 1_555 1.355  -0.360 3.448 2.449  -0.943 30.095 -0.486 -2.066 3.554 -1.812 -4.706 
30.207 3  BB_DA11DG12:DC39DT40_DD B 11 ? D 40 ? B 12 ? D 39 ? 
1 A DG 6  1_555 C DC 4 1_555 A DA 7  1_555 C DT 3 1_555 -0.199 -0.657 3.534 -0.747 0.408  33.151 -1.225 0.214  3.529 0.715  1.309 
33.162 4  BB_DG12DA13:DT38DC39_DD B 12 ? D 39 ? B 13 ? D 38 ? 
1 A DA 7  1_555 C DT 3 1_555 A DC 8  1_555 C DG 2 1_555 0.839  -0.982 2.884 -2.033 2.538  38.819 -1.739 -1.472 2.771 3.811  3.053 
38.949 5  BB_DA13DC14:DG37DT38_DD B 13 ? D 38 ? B 14 ? D 37 ? 
1 A DC 8  1_555 C DG 2 1_555 A DC 9  1_555 C DG 1 1_555 -0.249 -1.027 3.525 -1.132 -0.726 36.697 -1.523 0.228  3.550 -1.152 1.797 
36.721 6  BB_DC14DC15:DG36DG37_DD B 14 ? D 37 ? B 15 ? D 36 ? 
1 A DC 9  1_555 C DG 1 1_555 A DA 10 1_555 D DT 6 1_555 -0.362 -0.896 3.076 0.299  -3.412 30.473 -1.053 0.741  3.152 -6.466 -0.567 
30.661 7  BB_DC15DA16:DT6DG36_AD  B 15 ? D 36 ? B 16 ? A 6  ? 
1 A DA 10 1_555 D DT 6 1_555 A DG 11 1_555 D DC 5 1_555 -0.322 0.741  3.298 0.640  4.687  26.644 0.362  0.855  3.368 10.069 -1.374 
27.054 8  BB_DA16DG17:DC5DT6_AA   B 16 ? A 6  ? B 17 ? A 5  ? 
1 A DG 11 1_555 D DC 5 1_555 A DA 12 1_555 D DT 4 1_555 -1.187 -0.632 3.183 -1.157 5.278  44.014 -1.312 1.469  3.119 7.011  1.537 
44.328 9  BB_DG17DA18:DT4DC5_AA   B 17 ? A 5  ? B 18 ? A 4  ? 
1 A DA 12 1_555 D DT 4 1_555 A DC 13 1_555 D DG 3 1_555 0.571  -1.390 3.526 3.836  3.115  25.824 -3.949 -0.155 3.386 6.889  -8.485 
26.285 10 BB_DA18DC19:DG3DT4_AA   B 18 ? A 4  ? B 19 ? A 3  ? 
1 A DC 13 1_555 D DG 3 1_555 A DG 14 1_555 D DC 2 1_555 -0.031 -0.697 3.414 3.825  -1.901 37.002 -0.827 0.581  3.424 -2.983 -6.002 
37.239 11 BB_DC19DG20:DC2DG3_AA   B 19 ? A 3  ? B 20 ? A 2  ? 
1 A DG 14 1_555 D DC 2 1_555 A DG 15 1_555 D DC 1 1_555 1.124  -0.583 3.307 -3.854 1.209  37.940 -1.044 -2.203 3.163 1.854  5.907 
38.146 12 BB_DG20DG21:DC1DC2_AA   B 20 ? A 2  ? B 21 ? A 1  ? 
1 A DG 15 1_555 D DC 1 1_555 A DC 16 1_555 B DG 8 1_555 -0.967 -1.490 3.115 1.077  2.528  16.451 -6.678 3.992  2.786 8.755  -3.732 
16.677 13 BB_DG21DC22:DG35DC1_CA  B 21 ? A 1  ? B 22 ? C 35 ? 
1 A DC 16 1_555 B DG 8 1_555 A DA 17 1_555 B DT 7 1_555 -0.405 0.450  3.591 -2.529 8.285  44.694 -0.232 0.276  3.631 10.774 3.288 
45.484 14 BB_DC22DA23:DT34DG35_CC B 22 ? C 35 ? B 23 ? C 34 ? 
1 A DA 17 1_555 B DT 7 1_555 A DC 18 1_555 B DG 6 1_555 1.514  -0.901 3.394 0.783  -2.203 25.439 -1.376 -3.189 3.502 -4.989 -1.774 
25.544 15 BB_DA23DC24:DG33DT34_CC B 23 ? C 34 ? B 24 ? C 33 ? 
1 A DC 18 1_555 B DG 6 1_555 A DT 19 1_555 B DA 5 1_555 -0.933 -0.539 3.269 5.863  4.713  25.734 -2.327 3.462  2.849 10.305 
-12.819 26.793 16 BB_DC24DT25:DA32DG33_CC B 24 ? C 33 ? B 25 ? C 32 ? 
1 A DT 19 1_555 B DA 5 1_555 A DC 20 1_555 B DG 4 1_555 0.997  0.479  3.410 8.613  1.459  50.397 0.447  -0.517 3.536 1.698  
-10.028 51.100 17 BB_DT25DC26:DG31DA32_CC B 25 ? C 32 ? B 26 ? C 31 ? 
1 A DC 20 1_555 B DG 4 1_555 A DA 21 1_555 B DT 3 1_555 0.299  1.091  3.735 0.984  2.085  39.956 1.319  -0.307 3.791 3.048  -1.439 
40.020 18 BB_DC26DA27:DT30DG31_CC B 26 ? C 31 ? B 27 ? C 30 ? 
# 
loop_
_pdbx_audit_support.funding_organization 
_pdbx_audit_support.country 
_pdbx_audit_support.grant_number 
_pdbx_audit_support.ordinal 
'National Science Foundation (NSF, United States)'                                         'United States' 1360635     1 
'National Institutes of Health/National Institute of General Medical Sciences (NIH/NIGMS)' 'United States' R01GM104960 2 
'National Science Foundation (NSF, United States)'                                         'United States' NSF2004250  3 
# 
_pdbx_entity_nonpoly.entity_id   5 
_pdbx_entity_nonpoly.name        'CACODYLATE ION' 
_pdbx_entity_nonpoly.comp_id     CAC 
# 
_pdbx_initial_refinement_model.id               1 
_pdbx_initial_refinement_model.entity_id_list   ? 
_pdbx_initial_refinement_model.type             'experimental model' 
_pdbx_initial_refinement_model.source_name      PDB 
_pdbx_initial_refinement_model.accession_code   5VY6 
_pdbx_initial_refinement_model.details          ? 
# 
_pdbx_struct_assembly_auth_evidence.id                     1 
_pdbx_struct_assembly_auth_evidence.assembly_id            1 
_pdbx_struct_assembly_auth_evidence.experimental_support   none 
_pdbx_struct_assembly_auth_evidence.details                ? 
# 
